data_3UB2
# 
_entry.id   3UB2 
# 
_audit_conform.dict_name       mmcif_pdbx.dic 
_audit_conform.dict_version    5.397 
_audit_conform.dict_location   http://mmcif.pdb.org/dictionaries/ascii/mmcif_pdbx.dic 
# 
loop_
_database_2.database_id 
_database_2.database_code 
_database_2.pdbx_database_accession 
_database_2.pdbx_DOI 
PDB   3UB2         pdb_00003ub2 10.2210/pdb3ub2/pdb 
RCSB  RCSB068530   ?            ?                   
WWPDB D_1000068530 ?            ?                   
# 
loop_
_pdbx_audit_revision_history.ordinal 
_pdbx_audit_revision_history.data_content_type 
_pdbx_audit_revision_history.major_revision 
_pdbx_audit_revision_history.minor_revision 
_pdbx_audit_revision_history.revision_date 
1 'Structure model' 1 0 2012-05-16 
2 'Structure model' 1 1 2024-10-09 
# 
_pdbx_audit_revision_details.ordinal             1 
_pdbx_audit_revision_details.revision_ordinal    1 
_pdbx_audit_revision_details.data_content_type   'Structure model' 
_pdbx_audit_revision_details.provider            repository 
_pdbx_audit_revision_details.type                'Initial release' 
_pdbx_audit_revision_details.description         ? 
_pdbx_audit_revision_details.details             ? 
# 
loop_
_pdbx_audit_revision_group.ordinal 
_pdbx_audit_revision_group.revision_ordinal 
_pdbx_audit_revision_group.data_content_type 
_pdbx_audit_revision_group.group 
1 2 'Structure model' 'Data collection'      
2 2 'Structure model' 'Database references'  
3 2 'Structure model' 'Derived calculations' 
4 2 'Structure model' 'Structure summary'    
# 
loop_
_pdbx_audit_revision_category.ordinal 
_pdbx_audit_revision_category.revision_ordinal 
_pdbx_audit_revision_category.data_content_type 
_pdbx_audit_revision_category.category 
1 2 'Structure model' chem_comp_atom            
2 2 'Structure model' chem_comp_bond            
3 2 'Structure model' database_2                
4 2 'Structure model' pdbx_entry_details        
5 2 'Structure model' pdbx_modification_feature 
6 2 'Structure model' struct_ref_seq_dif        
7 2 'Structure model' struct_site               
# 
loop_
_pdbx_audit_revision_item.ordinal 
_pdbx_audit_revision_item.revision_ordinal 
_pdbx_audit_revision_item.data_content_type 
_pdbx_audit_revision_item.item 
1 2 'Structure model' '_database_2.pdbx_DOI'                
2 2 'Structure model' '_database_2.pdbx_database_accession' 
3 2 'Structure model' '_struct_ref_seq_dif.details'         
4 2 'Structure model' '_struct_site.pdbx_auth_asym_id'      
5 2 'Structure model' '_struct_site.pdbx_auth_comp_id'      
6 2 'Structure model' '_struct_site.pdbx_auth_seq_id'       
# 
_pdbx_database_status.status_code                     REL 
_pdbx_database_status.entry_id                        3UB2 
_pdbx_database_status.recvd_initial_deposition_date   2011-10-23 
_pdbx_database_status.deposit_site                    RCSB 
_pdbx_database_status.process_site                    PDBJ 
_pdbx_database_status.status_code_sf                  REL 
_pdbx_database_status.status_code_mr                  ? 
_pdbx_database_status.SG_entry                        ? 
_pdbx_database_status.status_code_cs                  ? 
_pdbx_database_status.methods_development_category    ? 
_pdbx_database_status.pdb_format_compatible           Y 
_pdbx_database_status.status_code_nmr_data            ? 
# 
loop_
_pdbx_database_related.db_name 
_pdbx_database_related.db_id 
_pdbx_database_related.details 
_pdbx_database_related.content_type 
PDB 3UB3 . unspecified 
PDB 3UB4 . unspecified 
# 
loop_
_audit_author.name 
_audit_author.pdbx_ordinal 
'Shen, Y.' 1 
'Lin, Z.'  2 
# 
_citation.id                        primary 
_citation.title                     'Structural Insights into TIR Domain Specificity of the Bridging Adaptor Mal in TLR4 Signaling' 
_citation.journal_abbrev            'Plos One' 
_citation.journal_volume            7 
_citation.page_first                e34202 
_citation.page_last                 e34202 
_citation.year                      2012 
_citation.journal_id_ASTM           ? 
_citation.country                   US 
_citation.journal_id_ISSN           1932-6203 
_citation.journal_id_CSD            ? 
_citation.book_publisher            ? 
_citation.pdbx_database_id_PubMed   22485159 
_citation.pdbx_database_id_DOI      10.1371/journal.pone.0034202 
# 
loop_
_citation_author.citation_id 
_citation_author.name 
_citation_author.ordinal 
_citation_author.identifier_ORCID 
primary 'Lin, Z.'  1 ? 
primary 'Lu, J.'   2 ? 
primary 'Zhou, W.' 3 ? 
primary 'Shen, Y.' 4 ? 
# 
loop_
_entity.id 
_entity.type 
_entity.src_method 
_entity.pdbx_description 
_entity.formula_weight 
_entity.pdbx_number_of_molecules 
_entity.pdbx_ec 
_entity.pdbx_mutation 
_entity.pdbx_fragment 
_entity.details 
1 polymer     man 'Toll/interleukin-1 receptor domain-containing adapter protein' 15970.159 1  ? ? 
'TIR domain, UNP residues 78-221' ? 
2 non-polymer syn 2,3-DIHYDROXY-1,4-DITHIOBUTANE                                  154.251   1  ? ? ? ? 
3 water       nat water                                                           18.015    11 ? ? ? ? 
# 
_entity_name_com.entity_id   1 
_entity_name_com.name        'Mal, TIR domain-containing adapter protein, Adaptor protein Wyatt, MyD88 adapter-like protein' 
# 
_entity_poly.entity_id                      1 
_entity_poly.type                           'polypeptide(L)' 
_entity_poly.nstd_linkage                   no 
_entity_poly.nstd_monomer                   no 
_entity_poly.pdbx_seq_one_letter_code       
;GPGSSRWSKDYDVCVCHSEEDLVAAQDLVSYLEGSTASLRCFLQLRDATPGGAIVSELCQALSSSHCRVLLITPGFLQDP
WCKYQMLQALTEAPGAEGCTIPLLSGLSRAAYPPELRFMYYVDGRGPDGGFRQVKEAVMRYLQTLS
;
_entity_poly.pdbx_seq_one_letter_code_can   
;GPGSSRWSKDYDVCVCHSEEDLVAAQDLVSYLEGSTASLRCFLQLRDATPGGAIVSELCQALSSSHCRVLLITPGFLQDP
WCKYQMLQALTEAPGAEGCTIPLLSGLSRAAYPPELRFMYYVDGRGPDGGFRQVKEAVMRYLQTLS
;
_entity_poly.pdbx_strand_id                 A 
_entity_poly.pdbx_target_identifier         ? 
# 
loop_
_pdbx_entity_nonpoly.entity_id 
_pdbx_entity_nonpoly.name 
_pdbx_entity_nonpoly.comp_id 
2 2,3-DIHYDROXY-1,4-DITHIOBUTANE DTT 
3 water                          HOH 
# 
loop_
_entity_poly_seq.entity_id 
_entity_poly_seq.num 
_entity_poly_seq.mon_id 
_entity_poly_seq.hetero 
1 1   GLY n 
1 2   PRO n 
1 3   GLY n 
1 4   SER n 
1 5   SER n 
1 6   ARG n 
1 7   TRP n 
1 8   SER n 
1 9   LYS n 
1 10  ASP n 
1 11  TYR n 
1 12  ASP n 
1 13  VAL n 
1 14  CYS n 
1 15  VAL n 
1 16  CYS n 
1 17  HIS n 
1 18  SER n 
1 19  GLU n 
1 20  GLU n 
1 21  ASP n 
1 22  LEU n 
1 23  VAL n 
1 24  ALA n 
1 25  ALA n 
1 26  GLN n 
1 27  ASP n 
1 28  LEU n 
1 29  VAL n 
1 30  SER n 
1 31  TYR n 
1 32  LEU n 
1 33  GLU n 
1 34  GLY n 
1 35  SER n 
1 36  THR n 
1 37  ALA n 
1 38  SER n 
1 39  LEU n 
1 40  ARG n 
1 41  CYS n 
1 42  PHE n 
1 43  LEU n 
1 44  GLN n 
1 45  LEU n 
1 46  ARG n 
1 47  ASP n 
1 48  ALA n 
1 49  THR n 
1 50  PRO n 
1 51  GLY n 
1 52  GLY n 
1 53  ALA n 
1 54  ILE n 
1 55  VAL n 
1 56  SER n 
1 57  GLU n 
1 58  LEU n 
1 59  CYS n 
1 60  GLN n 
1 61  ALA n 
1 62  LEU n 
1 63  SER n 
1 64  SER n 
1 65  SER n 
1 66  HIS n 
1 67  CYS n 
1 68  ARG n 
1 69  VAL n 
1 70  LEU n 
1 71  LEU n 
1 72  ILE n 
1 73  THR n 
1 74  PRO n 
1 75  GLY n 
1 76  PHE n 
1 77  LEU n 
1 78  GLN n 
1 79  ASP n 
1 80  PRO n 
1 81  TRP n 
1 82  CYS n 
1 83  LYS n 
1 84  TYR n 
1 85  GLN n 
1 86  MET n 
1 87  LEU n 
1 88  GLN n 
1 89  ALA n 
1 90  LEU n 
1 91  THR n 
1 92  GLU n 
1 93  ALA n 
1 94  PRO n 
1 95  GLY n 
1 96  ALA n 
1 97  GLU n 
1 98  GLY n 
1 99  CYS n 
1 100 THR n 
1 101 ILE n 
1 102 PRO n 
1 103 LEU n 
1 104 LEU n 
1 105 SER n 
1 106 GLY n 
1 107 LEU n 
1 108 SER n 
1 109 ARG n 
1 110 ALA n 
1 111 ALA n 
1 112 TYR n 
1 113 PRO n 
1 114 PRO n 
1 115 GLU n 
1 116 LEU n 
1 117 ARG n 
1 118 PHE n 
1 119 MET n 
1 120 TYR n 
1 121 TYR n 
1 122 VAL n 
1 123 ASP n 
1 124 GLY n 
1 125 ARG n 
1 126 GLY n 
1 127 PRO n 
1 128 ASP n 
1 129 GLY n 
1 130 GLY n 
1 131 PHE n 
1 132 ARG n 
1 133 GLN n 
1 134 VAL n 
1 135 LYS n 
1 136 GLU n 
1 137 ALA n 
1 138 VAL n 
1 139 MET n 
1 140 ARG n 
1 141 TYR n 
1 142 LEU n 
1 143 GLN n 
1 144 THR n 
1 145 LEU n 
1 146 SER n 
# 
_entity_src_gen.entity_id                          1 
_entity_src_gen.pdbx_src_id                        1 
_entity_src_gen.pdbx_alt_source_flag               sample 
_entity_src_gen.pdbx_seq_type                      ? 
_entity_src_gen.pdbx_beg_seq_num                   ? 
_entity_src_gen.pdbx_end_seq_num                   ? 
_entity_src_gen.gene_src_common_name               human 
_entity_src_gen.gene_src_genus                     ? 
_entity_src_gen.pdbx_gene_src_gene                 'TIRAP, MAL' 
_entity_src_gen.gene_src_species                   ? 
_entity_src_gen.gene_src_strain                    ? 
_entity_src_gen.gene_src_tissue                    ? 
_entity_src_gen.gene_src_tissue_fraction           ? 
_entity_src_gen.gene_src_details                   ? 
_entity_src_gen.pdbx_gene_src_fragment             ? 
_entity_src_gen.pdbx_gene_src_scientific_name      'Homo sapiens' 
_entity_src_gen.pdbx_gene_src_ncbi_taxonomy_id     9606 
_entity_src_gen.pdbx_gene_src_variant              ? 
_entity_src_gen.pdbx_gene_src_cell_line            ? 
_entity_src_gen.pdbx_gene_src_atcc                 ? 
_entity_src_gen.pdbx_gene_src_organ                ? 
_entity_src_gen.pdbx_gene_src_organelle            ? 
_entity_src_gen.pdbx_gene_src_cell                 ? 
_entity_src_gen.pdbx_gene_src_cellular_location    ? 
_entity_src_gen.host_org_common_name               ? 
_entity_src_gen.pdbx_host_org_scientific_name      'Escherichia coli' 
_entity_src_gen.pdbx_host_org_ncbi_taxonomy_id     562 
_entity_src_gen.host_org_genus                     ? 
_entity_src_gen.pdbx_host_org_gene                 ? 
_entity_src_gen.pdbx_host_org_organ                ? 
_entity_src_gen.host_org_species                   ? 
_entity_src_gen.pdbx_host_org_tissue               ? 
_entity_src_gen.pdbx_host_org_tissue_fraction      ? 
_entity_src_gen.pdbx_host_org_strain               ? 
_entity_src_gen.pdbx_host_org_variant              ? 
_entity_src_gen.pdbx_host_org_cell_line            ? 
_entity_src_gen.pdbx_host_org_atcc                 ? 
_entity_src_gen.pdbx_host_org_culture_collection   ? 
_entity_src_gen.pdbx_host_org_cell                 ? 
_entity_src_gen.pdbx_host_org_organelle            ? 
_entity_src_gen.pdbx_host_org_cellular_location    ? 
_entity_src_gen.pdbx_host_org_vector_type          plasmid 
_entity_src_gen.pdbx_host_org_vector               ? 
_entity_src_gen.host_org_details                   ? 
_entity_src_gen.expression_system_id               ? 
_entity_src_gen.plasmid_name                       ? 
_entity_src_gen.plasmid_details                    ? 
_entity_src_gen.pdbx_description                   ? 
# 
loop_
_chem_comp.id 
_chem_comp.type 
_chem_comp.mon_nstd_flag 
_chem_comp.name 
_chem_comp.pdbx_synonyms 
_chem_comp.formula 
_chem_comp.formula_weight 
ALA 'L-peptide linking' y ALANINE                        ?                  'C3 H7 N O2'     89.093  
ARG 'L-peptide linking' y ARGININE                       ?                  'C6 H15 N4 O2 1' 175.209 
ASP 'L-peptide linking' y 'ASPARTIC ACID'                ?                  'C4 H7 N O4'     133.103 
CYS 'L-peptide linking' y CYSTEINE                       ?                  'C3 H7 N O2 S'   121.158 
DTT non-polymer         . 2,3-DIHYDROXY-1,4-DITHIOBUTANE 1,4-DITHIOTHREITOL 'C4 H10 O2 S2'   154.251 
GLN 'L-peptide linking' y GLUTAMINE                      ?                  'C5 H10 N2 O3'   146.144 
GLU 'L-peptide linking' y 'GLUTAMIC ACID'                ?                  'C5 H9 N O4'     147.129 
GLY 'peptide linking'   y GLYCINE                        ?                  'C2 H5 N O2'     75.067  
HIS 'L-peptide linking' y HISTIDINE                      ?                  'C6 H10 N3 O2 1' 156.162 
HOH non-polymer         . WATER                          ?                  'H2 O'           18.015  
ILE 'L-peptide linking' y ISOLEUCINE                     ?                  'C6 H13 N O2'    131.173 
LEU 'L-peptide linking' y LEUCINE                        ?                  'C6 H13 N O2'    131.173 
LYS 'L-peptide linking' y LYSINE                         ?                  'C6 H15 N2 O2 1' 147.195 
MET 'L-peptide linking' y METHIONINE                     ?                  'C5 H11 N O2 S'  149.211 
PHE 'L-peptide linking' y PHENYLALANINE                  ?                  'C9 H11 N O2'    165.189 
PRO 'L-peptide linking' y PROLINE                        ?                  'C5 H9 N O2'     115.130 
SER 'L-peptide linking' y SERINE                         ?                  'C3 H7 N O3'     105.093 
THR 'L-peptide linking' y THREONINE                      ?                  'C4 H9 N O3'     119.119 
TRP 'L-peptide linking' y TRYPTOPHAN                     ?                  'C11 H12 N2 O2'  204.225 
TYR 'L-peptide linking' y TYROSINE                       ?                  'C9 H11 N O3'    181.189 
VAL 'L-peptide linking' y VALINE                         ?                  'C5 H11 N O2'    117.146 
# 
loop_
_pdbx_poly_seq_scheme.asym_id 
_pdbx_poly_seq_scheme.entity_id 
_pdbx_poly_seq_scheme.seq_id 
_pdbx_poly_seq_scheme.mon_id 
_pdbx_poly_seq_scheme.ndb_seq_num 
_pdbx_poly_seq_scheme.pdb_seq_num 
_pdbx_poly_seq_scheme.auth_seq_num 
_pdbx_poly_seq_scheme.pdb_mon_id 
_pdbx_poly_seq_scheme.auth_mon_id 
_pdbx_poly_seq_scheme.pdb_strand_id 
_pdbx_poly_seq_scheme.pdb_ins_code 
_pdbx_poly_seq_scheme.hetero 
A 1 1   GLY 1   76  ?   ?   ?   A . n 
A 1 2   PRO 2   77  ?   ?   ?   A . n 
A 1 3   GLY 3   78  ?   ?   ?   A . n 
A 1 4   SER 4   79  79  SER SER A . n 
A 1 5   SER 5   80  80  SER SER A . n 
A 1 6   ARG 6   81  81  ARG ARG A . n 
A 1 7   TRP 7   82  82  TRP TRP A . n 
A 1 8   SER 8   83  83  SER SER A . n 
A 1 9   LYS 9   84  84  LYS LYS A . n 
A 1 10  ASP 10  85  85  ASP ASP A . n 
A 1 11  TYR 11  86  86  TYR TYR A . n 
A 1 12  ASP 12  87  87  ASP ASP A . n 
A 1 13  VAL 13  88  88  VAL VAL A . n 
A 1 14  CYS 14  89  89  CYS CYS A . n 
A 1 15  VAL 15  90  90  VAL VAL A . n 
A 1 16  CYS 16  91  91  CYS CYS A . n 
A 1 17  HIS 17  92  92  HIS HIS A . n 
A 1 18  SER 18  93  93  SER SER A . n 
A 1 19  GLU 19  94  94  GLU GLU A . n 
A 1 20  GLU 20  95  95  GLU GLU A . n 
A 1 21  ASP 21  96  96  ASP ASP A . n 
A 1 22  LEU 22  97  97  LEU LEU A . n 
A 1 23  VAL 23  98  98  VAL VAL A . n 
A 1 24  ALA 24  99  99  ALA ALA A . n 
A 1 25  ALA 25  100 100 ALA ALA A . n 
A 1 26  GLN 26  101 101 GLN GLN A . n 
A 1 27  ASP 27  102 102 ASP ASP A . n 
A 1 28  LEU 28  103 103 LEU LEU A . n 
A 1 29  VAL 29  104 104 VAL VAL A . n 
A 1 30  SER 30  105 105 SER SER A . n 
A 1 31  TYR 31  106 106 TYR TYR A . n 
A 1 32  LEU 32  107 107 LEU LEU A . n 
A 1 33  GLU 33  108 108 GLU GLU A . n 
A 1 34  GLY 34  109 109 GLY GLY A . n 
A 1 35  SER 35  110 ?   ?   ?   A . n 
A 1 36  THR 36  111 ?   ?   ?   A . n 
A 1 37  ALA 37  112 ?   ?   ?   A . n 
A 1 38  SER 38  113 ?   ?   ?   A . n 
A 1 39  LEU 39  114 ?   ?   ?   A . n 
A 1 40  ARG 40  115 ?   ?   ?   A . n 
A 1 41  CYS 41  116 ?   ?   ?   A . n 
A 1 42  PHE 42  117 ?   ?   ?   A . n 
A 1 43  LEU 43  118 ?   ?   ?   A . n 
A 1 44  GLN 44  119 ?   ?   ?   A . n 
A 1 45  LEU 45  120 ?   ?   ?   A . n 
A 1 46  ARG 46  121 ?   ?   ?   A . n 
A 1 47  ASP 47  122 ?   ?   ?   A . n 
A 1 48  ALA 48  123 ?   ?   ?   A . n 
A 1 49  THR 49  124 ?   ?   ?   A . n 
A 1 50  PRO 50  125 ?   ?   ?   A . n 
A 1 51  GLY 51  126 ?   ?   ?   A . n 
A 1 52  GLY 52  127 ?   ?   ?   A . n 
A 1 53  ALA 53  128 128 ALA ALA A . n 
A 1 54  ILE 54  129 129 ILE ILE A . n 
A 1 55  VAL 55  130 130 VAL VAL A . n 
A 1 56  SER 56  131 131 SER SER A . n 
A 1 57  GLU 57  132 132 GLU GLU A . n 
A 1 58  LEU 58  133 133 LEU LEU A . n 
A 1 59  CYS 59  134 134 CYS CYS A . n 
A 1 60  GLN 60  135 135 GLN GLN A . n 
A 1 61  ALA 61  136 136 ALA ALA A . n 
A 1 62  LEU 62  137 137 LEU LEU A . n 
A 1 63  SER 63  138 138 SER SER A . n 
A 1 64  SER 64  139 139 SER SER A . n 
A 1 65  SER 65  140 140 SER SER A . n 
A 1 66  HIS 66  141 141 HIS HIS A . n 
A 1 67  CYS 67  142 142 CYS CYS A . n 
A 1 68  ARG 68  143 143 ARG ARG A . n 
A 1 69  VAL 69  144 144 VAL VAL A . n 
A 1 70  LEU 70  145 145 LEU LEU A . n 
A 1 71  LEU 71  146 146 LEU LEU A . n 
A 1 72  ILE 72  147 147 ILE ILE A . n 
A 1 73  THR 73  148 148 THR THR A . n 
A 1 74  PRO 74  149 149 PRO PRO A . n 
A 1 75  GLY 75  150 150 GLY GLY A . n 
A 1 76  PHE 76  151 151 PHE PHE A . n 
A 1 77  LEU 77  152 152 LEU LEU A . n 
A 1 78  GLN 78  153 153 GLN GLN A . n 
A 1 79  ASP 79  154 154 ASP ASP A . n 
A 1 80  PRO 80  155 155 PRO PRO A . n 
A 1 81  TRP 81  156 156 TRP TRP A . n 
A 1 82  CYS 82  157 157 CYS CYS A . n 
A 1 83  LYS 83  158 158 LYS LYS A . n 
A 1 84  TYR 84  159 159 TYR TYR A . n 
A 1 85  GLN 85  160 160 GLN GLN A . n 
A 1 86  MET 86  161 161 MET MET A . n 
A 1 87  LEU 87  162 162 LEU LEU A . n 
A 1 88  GLN 88  163 163 GLN GLN A . n 
A 1 89  ALA 89  164 164 ALA ALA A . n 
A 1 90  LEU 90  165 165 LEU LEU A . n 
A 1 91  THR 91  166 166 THR THR A . n 
A 1 92  GLU 92  167 167 GLU GLU A . n 
A 1 93  ALA 93  168 168 ALA ALA A . n 
A 1 94  PRO 94  169 169 PRO PRO A . n 
A 1 95  GLY 95  170 170 GLY GLY A . n 
A 1 96  ALA 96  171 171 ALA ALA A . n 
A 1 97  GLU 97  172 172 GLU GLU A . n 
A 1 98  GLY 98  173 173 GLY GLY A . n 
A 1 99  CYS 99  174 174 CYS CYS A . n 
A 1 100 THR 100 175 175 THR THR A . n 
A 1 101 ILE 101 176 176 ILE ILE A . n 
A 1 102 PRO 102 177 177 PRO PRO A . n 
A 1 103 LEU 103 178 178 LEU LEU A . n 
A 1 104 LEU 104 179 179 LEU LEU A . n 
A 1 105 SER 105 180 180 SER SER A . n 
A 1 106 GLY 106 181 181 GLY GLY A . n 
A 1 107 LEU 107 182 182 LEU LEU A . n 
A 1 108 SER 108 183 183 SER SER A . n 
A 1 109 ARG 109 184 184 ARG ARG A . n 
A 1 110 ALA 110 185 185 ALA ALA A . n 
A 1 111 ALA 111 186 186 ALA ALA A . n 
A 1 112 TYR 112 187 187 TYR TYR A . n 
A 1 113 PRO 113 188 188 PRO PRO A . n 
A 1 114 PRO 114 189 189 PRO PRO A . n 
A 1 115 GLU 115 190 190 GLU GLU A . n 
A 1 116 LEU 116 191 191 LEU LEU A . n 
A 1 117 ARG 117 192 192 ARG ARG A . n 
A 1 118 PHE 118 193 193 PHE PHE A . n 
A 1 119 MET 119 194 194 MET MET A . n 
A 1 120 TYR 120 195 195 TYR TYR A . n 
A 1 121 TYR 121 196 196 TYR TYR A . n 
A 1 122 VAL 122 197 197 VAL VAL A . n 
A 1 123 ASP 123 198 198 ASP ASP A . n 
A 1 124 GLY 124 199 199 GLY GLY A . n 
A 1 125 ARG 125 200 200 ARG ARG A . n 
A 1 126 GLY 126 201 201 GLY GLY A . n 
A 1 127 PRO 127 202 202 PRO PRO A . n 
A 1 128 ASP 128 203 203 ASP ASP A . n 
A 1 129 GLY 129 204 204 GLY GLY A . n 
A 1 130 GLY 130 205 205 GLY GLY A . n 
A 1 131 PHE 131 206 206 PHE PHE A . n 
A 1 132 ARG 132 207 207 ARG ARG A . n 
A 1 133 GLN 133 208 208 GLN GLN A . n 
A 1 134 VAL 134 209 209 VAL VAL A . n 
A 1 135 LYS 135 210 210 LYS LYS A . n 
A 1 136 GLU 136 211 211 GLU GLU A . n 
A 1 137 ALA 137 212 212 ALA ALA A . n 
A 1 138 VAL 138 213 213 VAL VAL A . n 
A 1 139 MET 139 214 214 MET MET A . n 
A 1 140 ARG 140 215 215 ARG ARG A . n 
A 1 141 TYR 141 216 216 TYR TYR A . n 
A 1 142 LEU 142 217 217 LEU LEU A . n 
A 1 143 GLN 143 218 218 GLN GLN A . n 
A 1 144 THR 144 219 219 THR THR A . n 
A 1 145 LEU 145 220 220 LEU LEU A . n 
A 1 146 SER 146 221 221 SER SER A . n 
# 
loop_
_pdbx_nonpoly_scheme.asym_id 
_pdbx_nonpoly_scheme.entity_id 
_pdbx_nonpoly_scheme.mon_id 
_pdbx_nonpoly_scheme.ndb_seq_num 
_pdbx_nonpoly_scheme.pdb_seq_num 
_pdbx_nonpoly_scheme.auth_seq_num 
_pdbx_nonpoly_scheme.pdb_mon_id 
_pdbx_nonpoly_scheme.auth_mon_id 
_pdbx_nonpoly_scheme.pdb_strand_id 
_pdbx_nonpoly_scheme.pdb_ins_code 
B 2 DTT 1  1   1  DTT DTT A . 
C 3 HOH 1  2   2  HOH HOH A . 
C 3 HOH 2  3   3  HOH HOH A . 
C 3 HOH 3  4   4  HOH HOH A . 
C 3 HOH 4  5   5  HOH HOH A . 
C 3 HOH 5  6   6  HOH HOH A . 
C 3 HOH 6  7   7  HOH HOH A . 
C 3 HOH 7  8   8  HOH HOH A . 
C 3 HOH 8  9   9  HOH HOH A . 
C 3 HOH 9  10  10 HOH HOH A . 
C 3 HOH 10 11  11 HOH HOH A . 
C 3 HOH 11 222 1  HOH HOH A . 
# 
loop_
_software.name 
_software.classification 
_software.version 
_software.citation_id 
_software.pdbx_ordinal 
ADSC     'data collection' Quantum ? 1 
PHENIX   'model building'  .       ? 2 
CNS      refinement        1.3     ? 3 
HKL-2000 'data reduction'  .       ? 4 
HKL-2000 'data scaling'    .       ? 5 
PHENIX   phasing           .       ? 6 
# 
_cell.entry_id           3UB2 
_cell.length_a           87.508 
_cell.length_b           87.508 
_cell.length_c           81.684 
_cell.angle_alpha        90.00 
_cell.angle_beta         90.00 
_cell.angle_gamma        90.00 
_cell.Z_PDB              8 
_cell.pdbx_unique_axis   ? 
_cell.length_a_esd       ? 
_cell.length_b_esd       ? 
_cell.length_c_esd       ? 
_cell.angle_alpha_esd    ? 
_cell.angle_beta_esd     ? 
_cell.angle_gamma_esd    ? 
# 
_symmetry.entry_id                         3UB2 
_symmetry.space_group_name_H-M             'P 43 21 2' 
_symmetry.pdbx_full_space_group_name_H-M   ? 
_symmetry.cell_setting                     ? 
_symmetry.Int_Tables_number                96 
_symmetry.space_group_name_Hall            ? 
# 
_exptl.entry_id          3UB2 
_exptl.method            'X-RAY DIFFRACTION' 
_exptl.crystals_number   2 
# 
_exptl_crystal.id                    1 
_exptl_crystal.density_meas          ? 
_exptl_crystal.density_Matthews      4.90 
_exptl_crystal.density_percent_sol   74.88 
_exptl_crystal.description           ? 
_exptl_crystal.F_000                 ? 
_exptl_crystal.preparation           ? 
# 
_exptl_crystal_grow.crystal_id      1 
_exptl_crystal_grow.method          'VAPOR DIFFUSION, HANGING DROP' 
_exptl_crystal_grow.temp            298.0 
_exptl_crystal_grow.temp_details    ? 
_exptl_crystal_grow.pH              9.5 
_exptl_crystal_grow.pdbx_details    
'0.1M CHES, 12-20% Glycerol, 150-300mM sodium chloride, 10mM DTT, pH 9.5, VAPOR DIFFUSION, HANGING DROP, temperature 298.0K' 
_exptl_crystal_grow.pdbx_pH_range   . 
# 
_diffrn.id                     1 
_diffrn.ambient_temp           100 
_diffrn.ambient_temp_details   ? 
_diffrn.crystal_id             1 
# 
_diffrn_detector.diffrn_id              1 
_diffrn_detector.detector               CCD 
_diffrn_detector.type                   'ADSC QUANTUM 315r' 
_diffrn_detector.pdbx_collection_date   2011-06-25 
_diffrn_detector.details                ? 
# 
_diffrn_radiation.diffrn_id                        1 
_diffrn_radiation.wavelength_id                    1 
_diffrn_radiation.pdbx_monochromatic_or_laue_m_l   M 
_diffrn_radiation.monochromator                    'Si 111 CHANNEL' 
_diffrn_radiation.pdbx_diffrn_protocol             'SINGLE WAVELENGTH' 
_diffrn_radiation.pdbx_scattering_type             x-ray 
# 
_diffrn_radiation_wavelength.id           1 
_diffrn_radiation_wavelength.wavelength   0.9795 
_diffrn_radiation_wavelength.wt           1.0 
# 
_diffrn_source.diffrn_id                   1 
_diffrn_source.source                      SYNCHROTRON 
_diffrn_source.type                        'SSRF BEAMLINE BL17U' 
_diffrn_source.pdbx_synchrotron_site       SSRF 
_diffrn_source.pdbx_synchrotron_beamline   BL17U 
_diffrn_source.pdbx_wavelength             ? 
_diffrn_source.pdbx_wavelength_list        0.9795 
# 
_reflns.entry_id                     3UB2 
_reflns.observed_criterion_sigma_I   2.0 
_reflns.observed_criterion_sigma_F   2.0 
_reflns.d_resolution_low             50 
_reflns.d_resolution_high            2.4 
_reflns.number_obs                   12504 
_reflns.number_all                   ? 
_reflns.percent_possible_obs         87.8 
_reflns.pdbx_Rmerge_I_obs            ? 
_reflns.pdbx_Rsym_value              ? 
_reflns.pdbx_netI_over_sigmaI        ? 
_reflns.B_iso_Wilson_estimate        55.0 
_reflns.pdbx_redundancy              ? 
_reflns.R_free_details               ? 
_reflns.limit_h_max                  ? 
_reflns.limit_h_min                  ? 
_reflns.limit_k_max                  ? 
_reflns.limit_k_min                  ? 
_reflns.limit_l_max                  ? 
_reflns.limit_l_min                  ? 
_reflns.observed_criterion_F_max     ? 
_reflns.observed_criterion_F_min     ? 
_reflns.pdbx_chi_squared             ? 
_reflns.pdbx_scaling_rejects         ? 
_reflns.pdbx_ordinal                 1 
_reflns.pdbx_diffrn_id               1 
# 
_reflns_shell.d_res_high                  2.40 
_reflns_shell.d_res_low                   2.49 
_reflns_shell.percent_possible_all        80.0 
_reflns_shell.Rmerge_I_obs                ? 
_reflns_shell.pdbx_Rsym_value             ? 
_reflns_shell.meanI_over_sigI_obs         ? 
_reflns_shell.pdbx_redundancy             ? 
_reflns_shell.percent_possible_obs        ? 
_reflns_shell.number_unique_all           ? 
_reflns_shell.number_measured_all         ? 
_reflns_shell.number_measured_obs         ? 
_reflns_shell.number_unique_obs           ? 
_reflns_shell.pdbx_chi_squared            ? 
_reflns_shell.pdbx_rejects                ? 
_reflns_shell.pdbx_netI_over_sigmaI_obs   ? 
_reflns_shell.number_possible             ? 
_reflns_shell.Rmerge_F_all                ? 
_reflns_shell.Rmerge_F_obs                ? 
_reflns_shell.Rmerge_I_all                ? 
_reflns_shell.meanI_over_sigI_all         ? 
_reflns_shell.pdbx_Rrim_I_all             ? 
_reflns_shell.pdbx_Rpim_I_all             ? 
_reflns_shell.pdbx_ordinal                1 
_reflns_shell.pdbx_diffrn_id              1 
# 
_refine.entry_id                                 3UB2 
_refine.ls_number_reflns_obs                     12455 
_refine.ls_number_reflns_all                     12504 
_refine.pdbx_ls_sigma_I                          ? 
_refine.pdbx_ls_sigma_F                          2.0 
_refine.pdbx_data_cutoff_high_absF               1011124.76 
_refine.pdbx_data_cutoff_low_absF                0.000000 
_refine.pdbx_data_cutoff_high_rms_absF           ? 
_refine.ls_d_res_low                             39.14 
_refine.ls_d_res_high                            2.40 
_refine.ls_percent_reflns_obs                    96.4 
_refine.ls_R_factor_obs                          0.248 
_refine.ls_R_factor_all                          0.249 
_refine.ls_R_factor_R_work                       0.248 
_refine.ls_R_factor_R_free                       0.262 
_refine.ls_R_factor_R_free_error                 0.010 
_refine.ls_R_factor_R_free_error_details         ? 
_refine.ls_percent_reflns_R_free                 5.0 
_refine.ls_number_reflns_R_free                  622 
_refine.ls_number_parameters                     ? 
_refine.ls_number_restraints                     ? 
_refine.occupancy_min                            ? 
_refine.occupancy_max                            ? 
_refine.correlation_coeff_Fo_to_Fc               ? 
_refine.correlation_coeff_Fo_to_Fc_free          ? 
_refine.B_iso_mean                               61.8 
_refine.aniso_B[1][1]                            -7.32 
_refine.aniso_B[2][2]                            -7.32 
_refine.aniso_B[3][3]                            14.64 
_refine.aniso_B[1][2]                            0.00 
_refine.aniso_B[1][3]                            0.00 
_refine.aniso_B[2][3]                            0.00 
_refine.solvent_model_details                    'FLAT MODEL' 
_refine.solvent_model_param_ksol                 0.4 
_refine.solvent_model_param_bsol                 53.23 
_refine.pdbx_solvent_vdw_probe_radii             ? 
_refine.pdbx_solvent_ion_probe_radii             ? 
_refine.pdbx_solvent_shrinkage_radii             ? 
_refine.pdbx_ls_cross_valid_method               THROUGHOUT 
_refine.details                                  'BULK SOLVENT MODEL USED' 
_refine.pdbx_starting_model                      ? 
_refine.pdbx_method_to_determine_struct          SAD 
_refine.pdbx_isotropic_thermal_model             RESTRAINED 
_refine.pdbx_stereochemistry_target_values       'Engh & Huber' 
_refine.pdbx_stereochem_target_val_spec_case     ? 
_refine.pdbx_R_Free_selection_details            RANDOM 
_refine.pdbx_overall_ESU_R_Free                  ? 
_refine.overall_SU_ML                            ? 
_refine.pdbx_overall_phase_error                 ? 
_refine.overall_SU_B                             ? 
_refine.overall_SU_R_Cruickshank_DPI             ? 
_refine.ls_redundancy_reflns_obs                 ? 
_refine.B_iso_min                                ? 
_refine.B_iso_max                                ? 
_refine.overall_SU_R_free                        ? 
_refine.ls_wR_factor_R_free                      ? 
_refine.ls_wR_factor_R_work                      ? 
_refine.overall_FOM_free_R_set                   ? 
_refine.overall_FOM_work_R_set                   ? 
_refine.pdbx_diffrn_id                           1 
_refine.pdbx_refine_id                           'X-RAY DIFFRACTION' 
_refine.pdbx_overall_ESU_R                       ? 
_refine.pdbx_TLS_residual_ADP_flag               ? 
_refine.pdbx_overall_SU_R_free_Cruickshank_DPI   ? 
_refine.pdbx_overall_SU_R_Blow_DPI               ? 
_refine.pdbx_overall_SU_R_free_Blow_DPI          ? 
# 
_refine_analyze.entry_id                        3UB2 
_refine_analyze.Luzzati_coordinate_error_obs    0.36 
_refine_analyze.Luzzati_sigma_a_obs             0.34 
_refine_analyze.Luzzati_d_res_low_obs           5.00 
_refine_analyze.Luzzati_coordinate_error_free   0.42 
_refine_analyze.Luzzati_sigma_a_free            0.27 
_refine_analyze.Luzzati_d_res_low_free          ? 
_refine_analyze.number_disordered_residues      ? 
_refine_analyze.occupancy_sum_hydrogen          ? 
_refine_analyze.occupancy_sum_non_hydrogen      ? 
_refine_analyze.pdbx_Luzzati_d_res_high_obs     ? 
_refine_analyze.pdbx_refine_id                  'X-RAY DIFFRACTION' 
# 
_refine_hist.pdbx_refine_id                   'X-RAY DIFFRACTION' 
_refine_hist.cycle_id                         LAST 
_refine_hist.pdbx_number_atoms_protein        971 
_refine_hist.pdbx_number_atoms_nucleic_acid   0 
_refine_hist.pdbx_number_atoms_ligand         8 
_refine_hist.number_atoms_solvent             11 
_refine_hist.number_atoms_total               990 
_refine_hist.d_res_high                       2.40 
_refine_hist.d_res_low                        39.14 
# 
loop_
_refine_ls_restr.type 
_refine_ls_restr.dev_ideal 
_refine_ls_restr.dev_ideal_target 
_refine_ls_restr.weight 
_refine_ls_restr.number 
_refine_ls_restr.pdbx_restraint_function 
_refine_ls_restr.pdbx_refine_id 
c_bond_d           0.006 ?    ? ? ? 'X-RAY DIFFRACTION' 
c_angle_deg        1.3   ?    ? ? ? 'X-RAY DIFFRACTION' 
c_dihedral_angle_d 22.9  ?    ? ? ? 'X-RAY DIFFRACTION' 
c_improper_angle_d 0.81  ?    ? ? ? 'X-RAY DIFFRACTION' 
c_mcbond_it        1.57  1.50 ? ? ? 'X-RAY DIFFRACTION' 
c_mcangle_it       2.82  2.00 ? ? ? 'X-RAY DIFFRACTION' 
c_scbond_it        1.91  2.00 ? ? ? 'X-RAY DIFFRACTION' 
c_scangle_it       3.06  2.50 ? ? ? 'X-RAY DIFFRACTION' 
# 
_refine_ls_shell.pdbx_refine_id                   'X-RAY DIFFRACTION' 
_refine_ls_shell.pdbx_total_number_of_bins_used   6 
_refine_ls_shell.d_res_high                       2.40 
_refine_ls_shell.d_res_low                        2.55 
_refine_ls_shell.number_reflns_R_work             1646 
_refine_ls_shell.R_factor_R_work                  0.335 
_refine_ls_shell.percent_reflns_obs               82.6 
_refine_ls_shell.R_factor_R_free                  0.348 
_refine_ls_shell.R_factor_R_free_error            0.038 
_refine_ls_shell.percent_reflns_R_free            5.0 
_refine_ls_shell.number_reflns_R_free             86 
_refine_ls_shell.number_reflns_all                ? 
_refine_ls_shell.R_factor_all                     ? 
_refine_ls_shell.number_reflns_obs                ? 
_refine_ls_shell.redundancy_reflns_obs            ? 
# 
loop_
_pdbx_xplor_file.pdbx_refine_id 
_pdbx_xplor_file.serial_no 
_pdbx_xplor_file.param_file 
_pdbx_xplor_file.topol_file 
'X-RAY DIFFRACTION' 1 protein_rep.param  protein.top      
'X-RAY DIFFRACTION' 2 dna-rna_rep.param  dna-rna.top      
'X-RAY DIFFRACTION' 3 water_rep.param    water.top        
'X-RAY DIFFRACTION' 4 ion.param          ion.top          
'X-RAY DIFFRACTION' 5 carbohydrate.param carbohydrate.top 
'X-RAY DIFFRACTION' 6 dtt.param          dtt.top          
# 
_struct.entry_id                  3UB2 
_struct.title                     'TIR domain of Mal/TIRAP' 
_struct.pdbx_model_details        ? 
_struct.pdbx_CASP_flag            ? 
_struct.pdbx_model_type_details   ? 
# 
_struct_keywords.entry_id        3UB2 
_struct_keywords.pdbx_keywords   'IMMUNE SYSTEM' 
_struct_keywords.text            'TIR domain, TLRs adaptor, IMMUNE SYSTEM' 
# 
loop_
_struct_asym.id 
_struct_asym.pdbx_blank_PDB_chainid_flag 
_struct_asym.pdbx_modified 
_struct_asym.entity_id 
_struct_asym.details 
A N N 1 ? 
B N N 2 ? 
C N N 3 ? 
# 
_struct_ref.id                         1 
_struct_ref.db_name                    UNP 
_struct_ref.db_code                    TIRAP_HUMAN 
_struct_ref.pdbx_db_accession          P58753 
_struct_ref.entity_id                  1 
_struct_ref.pdbx_seq_one_letter_code   
;GSSRWSKDYDVCVCHSEEDLVAAQDLVSYLEGSTASLRCFLQLRDATPGGAIVSELCQALSSSHCRVLLITPGFLQDPWC
KYQMLQALTEAPGAEGCTIPLLSGLSRAAYPPELRFMYYVDGRGPDGGFRQVKEAVMRYLQTLS
;
_struct_ref.pdbx_align_begin           78 
_struct_ref.pdbx_db_isoform            ? 
# 
_struct_ref_seq.align_id                      1 
_struct_ref_seq.ref_id                        1 
_struct_ref_seq.pdbx_PDB_id_code              3UB2 
_struct_ref_seq.pdbx_strand_id                A 
_struct_ref_seq.seq_align_beg                 3 
_struct_ref_seq.pdbx_seq_align_beg_ins_code   ? 
_struct_ref_seq.seq_align_end                 146 
_struct_ref_seq.pdbx_seq_align_end_ins_code   ? 
_struct_ref_seq.pdbx_db_accession             P58753 
_struct_ref_seq.db_align_beg                  78 
_struct_ref_seq.pdbx_db_align_beg_ins_code    ? 
_struct_ref_seq.db_align_end                  221 
_struct_ref_seq.pdbx_db_align_end_ins_code    ? 
_struct_ref_seq.pdbx_auth_seq_align_beg       78 
_struct_ref_seq.pdbx_auth_seq_align_end       221 
# 
loop_
_struct_ref_seq_dif.align_id 
_struct_ref_seq_dif.pdbx_pdb_id_code 
_struct_ref_seq_dif.mon_id 
_struct_ref_seq_dif.pdbx_pdb_strand_id 
_struct_ref_seq_dif.seq_num 
_struct_ref_seq_dif.pdbx_pdb_ins_code 
_struct_ref_seq_dif.pdbx_seq_db_name 
_struct_ref_seq_dif.pdbx_seq_db_accession_code 
_struct_ref_seq_dif.db_mon_id 
_struct_ref_seq_dif.pdbx_seq_db_seq_num 
_struct_ref_seq_dif.details 
_struct_ref_seq_dif.pdbx_auth_seq_num 
_struct_ref_seq_dif.pdbx_ordinal 
1 3UB2 GLY A 1 ? UNP P58753 ? ? 'expression tag' 76 1 
1 3UB2 PRO A 2 ? UNP P58753 ? ? 'expression tag' 77 2 
# 
_pdbx_struct_assembly.id                   1 
_pdbx_struct_assembly.details              author_and_software_defined_assembly 
_pdbx_struct_assembly.method_details       PISA 
_pdbx_struct_assembly.oligomeric_details   dimeric 
_pdbx_struct_assembly.oligomeric_count     2 
# 
loop_
_pdbx_struct_assembly_prop.biol_id 
_pdbx_struct_assembly_prop.type 
_pdbx_struct_assembly_prop.value 
_pdbx_struct_assembly_prop.details 
1 'ABSA (A^2)' 2140  ? 
1 MORE         -22   ? 
1 'SSA (A^2)'  13020 ? 
# 
_pdbx_struct_assembly_gen.assembly_id       1 
_pdbx_struct_assembly_gen.oper_expression   1,2 
_pdbx_struct_assembly_gen.asym_id_list      A,B,C 
# 
loop_
_pdbx_struct_oper_list.id 
_pdbx_struct_oper_list.type 
_pdbx_struct_oper_list.name 
_pdbx_struct_oper_list.symmetry_operation 
_pdbx_struct_oper_list.matrix[1][1] 
_pdbx_struct_oper_list.matrix[1][2] 
_pdbx_struct_oper_list.matrix[1][3] 
_pdbx_struct_oper_list.vector[1] 
_pdbx_struct_oper_list.matrix[2][1] 
_pdbx_struct_oper_list.matrix[2][2] 
_pdbx_struct_oper_list.matrix[2][3] 
_pdbx_struct_oper_list.vector[2] 
_pdbx_struct_oper_list.matrix[3][1] 
_pdbx_struct_oper_list.matrix[3][2] 
_pdbx_struct_oper_list.matrix[3][3] 
_pdbx_struct_oper_list.vector[3] 
1 'identity operation'         1_555 x,y,z  1.0000000000  0.0000000000  0.0000000000 0.0000000000  0.0000000000  1.0000000000  0.0000000000  0.0000000000   0.0000000000 0.0000000000  1.0000000000  0.0000000000   
2 'crystal symmetry operation' 7_555 y,x,-z -0.3701416964 -0.6235435066 0.6886135491 -7.4861620839 -0.6235435066 -0.3827079800 -0.6817096871 -24.0209954313 0.6886135491 -0.6817096871 -0.2471503237 -14.9037357529 
# 
_struct_biol.id        1 
_struct_biol.details   ? 
# 
loop_
_struct_conf.conf_type_id 
_struct_conf.id 
_struct_conf.pdbx_PDB_helix_id 
_struct_conf.beg_label_comp_id 
_struct_conf.beg_label_asym_id 
_struct_conf.beg_label_seq_id 
_struct_conf.pdbx_beg_PDB_ins_code 
_struct_conf.end_label_comp_id 
_struct_conf.end_label_asym_id 
_struct_conf.end_label_seq_id 
_struct_conf.pdbx_end_PDB_ins_code 
_struct_conf.beg_auth_comp_id 
_struct_conf.beg_auth_asym_id 
_struct_conf.beg_auth_seq_id 
_struct_conf.end_auth_comp_id 
_struct_conf.end_auth_asym_id 
_struct_conf.end_auth_seq_id 
_struct_conf.pdbx_PDB_helix_class 
_struct_conf.details 
_struct_conf.pdbx_PDB_helix_length 
HELX_P HELX_P1 1 SER A 18  ? GLU A 20  ? SER A 93  GLU A 95  5 ? 3  
HELX_P HELX_P2 2 ASP A 21  ? GLY A 34  ? ASP A 96  GLY A 109 1 ? 14 
HELX_P HELX_P3 3 THR A 73  ? ASP A 79  ? THR A 148 ASP A 154 1 ? 7  
HELX_P HELX_P4 4 ASP A 79  ? GLU A 92  ? ASP A 154 GLU A 167 1 ? 14 
HELX_P HELX_P5 5 SER A 108 ? TYR A 112 ? SER A 183 TYR A 187 5 ? 5  
HELX_P HELX_P6 6 PRO A 113 ? MET A 119 ? PRO A 188 MET A 194 5 ? 7  
HELX_P HELX_P7 7 GLY A 126 ? GLY A 129 ? GLY A 201 GLY A 204 5 ? 4  
HELX_P HELX_P8 8 GLY A 130 ? GLN A 143 ? GLY A 205 GLN A 218 1 ? 14 
# 
_struct_conf_type.id          HELX_P 
_struct_conf_type.criteria    ? 
_struct_conf_type.reference   ? 
# 
loop_
_struct_conn.id 
_struct_conn.conn_type_id 
_struct_conn.pdbx_leaving_atom_flag 
_struct_conn.pdbx_PDB_id 
_struct_conn.ptnr1_label_asym_id 
_struct_conn.ptnr1_label_comp_id 
_struct_conn.ptnr1_label_seq_id 
_struct_conn.ptnr1_label_atom_id 
_struct_conn.pdbx_ptnr1_label_alt_id 
_struct_conn.pdbx_ptnr1_PDB_ins_code 
_struct_conn.pdbx_ptnr1_standard_comp_id 
_struct_conn.ptnr1_symmetry 
_struct_conn.ptnr2_label_asym_id 
_struct_conn.ptnr2_label_comp_id 
_struct_conn.ptnr2_label_seq_id 
_struct_conn.ptnr2_label_atom_id 
_struct_conn.pdbx_ptnr2_label_alt_id 
_struct_conn.pdbx_ptnr2_PDB_ins_code 
_struct_conn.ptnr1_auth_asym_id 
_struct_conn.ptnr1_auth_comp_id 
_struct_conn.ptnr1_auth_seq_id 
_struct_conn.ptnr2_auth_asym_id 
_struct_conn.ptnr2_auth_comp_id 
_struct_conn.ptnr2_auth_seq_id 
_struct_conn.ptnr2_symmetry 
_struct_conn.pdbx_ptnr3_label_atom_id 
_struct_conn.pdbx_ptnr3_label_seq_id 
_struct_conn.pdbx_ptnr3_label_comp_id 
_struct_conn.pdbx_ptnr3_label_asym_id 
_struct_conn.pdbx_ptnr3_label_alt_id 
_struct_conn.pdbx_ptnr3_PDB_ins_code 
_struct_conn.details 
_struct_conn.pdbx_dist_value 
_struct_conn.pdbx_value_order 
_struct_conn.pdbx_role 
disulf1 disulf ? ? A CYS 14 SG ? ? ? 1_555 A CYS 59 SG ? ? A CYS 89  A CYS 134 1_555 ? ? ? ? ? ? ? 2.049 ? ? 
disulf2 disulf ? ? A CYS 67 SG ? ? ? 1_555 A CYS 99 SG ? ? A CYS 142 A CYS 174 1_555 ? ? ? ? ? ? ? 2.055 ? ? 
# 
_struct_conn_type.id          disulf 
_struct_conn_type.criteria    ? 
_struct_conn_type.reference   ? 
# 
loop_
_pdbx_modification_feature.ordinal 
_pdbx_modification_feature.label_comp_id 
_pdbx_modification_feature.label_asym_id 
_pdbx_modification_feature.label_seq_id 
_pdbx_modification_feature.label_alt_id 
_pdbx_modification_feature.modified_residue_label_comp_id 
_pdbx_modification_feature.modified_residue_label_asym_id 
_pdbx_modification_feature.modified_residue_label_seq_id 
_pdbx_modification_feature.modified_residue_label_alt_id 
_pdbx_modification_feature.auth_comp_id 
_pdbx_modification_feature.auth_asym_id 
_pdbx_modification_feature.auth_seq_id 
_pdbx_modification_feature.PDB_ins_code 
_pdbx_modification_feature.symmetry 
_pdbx_modification_feature.modified_residue_auth_comp_id 
_pdbx_modification_feature.modified_residue_auth_asym_id 
_pdbx_modification_feature.modified_residue_auth_seq_id 
_pdbx_modification_feature.modified_residue_PDB_ins_code 
_pdbx_modification_feature.modified_residue_symmetry 
_pdbx_modification_feature.comp_id_linking_atom 
_pdbx_modification_feature.modified_residue_id_linking_atom 
_pdbx_modification_feature.modified_residue_id 
_pdbx_modification_feature.ref_pcm_id 
_pdbx_modification_feature.ref_comp_id 
_pdbx_modification_feature.type 
_pdbx_modification_feature.category 
1 CYS A 14 ? CYS A 59 ? CYS A 89  ? 1_555 CYS A 134 ? 1_555 SG SG . . . None 'Disulfide bridge' 
2 CYS A 67 ? CYS A 99 ? CYS A 142 ? 1_555 CYS A 174 ? 1_555 SG SG . . . None 'Disulfide bridge' 
# 
_struct_sheet.id               A 
_struct_sheet.type             ? 
_struct_sheet.number_strands   5 
_struct_sheet.details          ? 
# 
loop_
_struct_sheet_order.sheet_id 
_struct_sheet_order.range_id_1 
_struct_sheet_order.range_id_2 
_struct_sheet_order.offset 
_struct_sheet_order.sense 
A 1 2 ? parallel 
A 2 3 ? parallel 
A 3 4 ? parallel 
A 4 5 ? parallel 
# 
loop_
_struct_sheet_range.sheet_id 
_struct_sheet_range.id 
_struct_sheet_range.beg_label_comp_id 
_struct_sheet_range.beg_label_asym_id 
_struct_sheet_range.beg_label_seq_id 
_struct_sheet_range.pdbx_beg_PDB_ins_code 
_struct_sheet_range.end_label_comp_id 
_struct_sheet_range.end_label_asym_id 
_struct_sheet_range.end_label_seq_id 
_struct_sheet_range.pdbx_end_PDB_ins_code 
_struct_sheet_range.beg_auth_comp_id 
_struct_sheet_range.beg_auth_asym_id 
_struct_sheet_range.beg_auth_seq_id 
_struct_sheet_range.end_auth_comp_id 
_struct_sheet_range.end_auth_asym_id 
_struct_sheet_range.end_auth_seq_id 
A 1 SER A 56  ? LEU A 58  ? SER A 131 LEU A 133 
A 2 TYR A 11  ? CYS A 16  ? TYR A 86  CYS A 91  
A 3 SER A 65  ? ILE A 72  ? SER A 140 ILE A 147 
A 4 CYS A 99  ? LEU A 104 ? CYS A 174 LEU A 179 
A 5 VAL A 122 ? ASP A 123 ? VAL A 197 ASP A 198 
# 
loop_
_pdbx_struct_sheet_hbond.sheet_id 
_pdbx_struct_sheet_hbond.range_id_1 
_pdbx_struct_sheet_hbond.range_id_2 
_pdbx_struct_sheet_hbond.range_1_label_atom_id 
_pdbx_struct_sheet_hbond.range_1_label_comp_id 
_pdbx_struct_sheet_hbond.range_1_label_asym_id 
_pdbx_struct_sheet_hbond.range_1_label_seq_id 
_pdbx_struct_sheet_hbond.range_1_PDB_ins_code 
_pdbx_struct_sheet_hbond.range_1_auth_atom_id 
_pdbx_struct_sheet_hbond.range_1_auth_comp_id 
_pdbx_struct_sheet_hbond.range_1_auth_asym_id 
_pdbx_struct_sheet_hbond.range_1_auth_seq_id 
_pdbx_struct_sheet_hbond.range_2_label_atom_id 
_pdbx_struct_sheet_hbond.range_2_label_comp_id 
_pdbx_struct_sheet_hbond.range_2_label_asym_id 
_pdbx_struct_sheet_hbond.range_2_label_seq_id 
_pdbx_struct_sheet_hbond.range_2_PDB_ins_code 
_pdbx_struct_sheet_hbond.range_2_auth_atom_id 
_pdbx_struct_sheet_hbond.range_2_auth_comp_id 
_pdbx_struct_sheet_hbond.range_2_auth_asym_id 
_pdbx_struct_sheet_hbond.range_2_auth_seq_id 
A 1 2 O GLU A 57  ? O GLU A 132 N VAL A 15  ? N VAL A 90  
A 2 3 N CYS A 16  ? N CYS A 91  O VAL A 69  ? O VAL A 144 
A 3 4 N LEU A 70  ? N LEU A 145 O LEU A 103 ? O LEU A 178 
A 4 5 N PRO A 102 ? N PRO A 177 O VAL A 122 ? O VAL A 197 
# 
_struct_site.id                   AC1 
_struct_site.pdbx_evidence_code   Software 
_struct_site.pdbx_auth_asym_id    A 
_struct_site.pdbx_auth_comp_id    DTT 
_struct_site.pdbx_auth_seq_id     1 
_struct_site.pdbx_auth_ins_code   ? 
_struct_site.pdbx_num_residues    5 
_struct_site.details              'BINDING SITE FOR RESIDUE DTT A 1' 
# 
loop_
_struct_site_gen.id 
_struct_site_gen.site_id 
_struct_site_gen.pdbx_num_res 
_struct_site_gen.label_comp_id 
_struct_site_gen.label_asym_id 
_struct_site_gen.label_seq_id 
_struct_site_gen.pdbx_auth_ins_code 
_struct_site_gen.auth_comp_id 
_struct_site_gen.auth_asym_id 
_struct_site_gen.auth_seq_id 
_struct_site_gen.label_atom_id 
_struct_site_gen.label_alt_id 
_struct_site_gen.symmetry 
_struct_site_gen.details 
1 AC1 5 CYS A 16 ? CYS A 91  . ? 1_555 ? 
2 AC1 5 HIS A 17 ? HIS A 92  . ? 1_555 ? 
3 AC1 5 SER A 18 ? SER A 93  . ? 1_555 ? 
4 AC1 5 TRP A 81 ? TRP A 156 . ? 1_555 ? 
5 AC1 5 CYS A 82 ? CYS A 157 . ? 1_555 ? 
# 
_pdbx_entry_details.entry_id                   3UB2 
_pdbx_entry_details.compound_details           ? 
_pdbx_entry_details.source_details             ? 
_pdbx_entry_details.nonpolymer_details         ? 
_pdbx_entry_details.sequence_details           ? 
_pdbx_entry_details.has_ligand_of_interest     ? 
_pdbx_entry_details.has_protein_modification   Y 
# 
_pdbx_validate_rmsd_angle.id                         1 
_pdbx_validate_rmsd_angle.PDB_model_num              1 
_pdbx_validate_rmsd_angle.auth_atom_id_1             N 
_pdbx_validate_rmsd_angle.auth_asym_id_1             A 
_pdbx_validate_rmsd_angle.auth_comp_id_1             GLY 
_pdbx_validate_rmsd_angle.auth_seq_id_1              170 
_pdbx_validate_rmsd_angle.PDB_ins_code_1             ? 
_pdbx_validate_rmsd_angle.label_alt_id_1             ? 
_pdbx_validate_rmsd_angle.auth_atom_id_2             CA 
_pdbx_validate_rmsd_angle.auth_asym_id_2             A 
_pdbx_validate_rmsd_angle.auth_comp_id_2             GLY 
_pdbx_validate_rmsd_angle.auth_seq_id_2              170 
_pdbx_validate_rmsd_angle.PDB_ins_code_2             ? 
_pdbx_validate_rmsd_angle.label_alt_id_2             ? 
_pdbx_validate_rmsd_angle.auth_atom_id_3             C 
_pdbx_validate_rmsd_angle.auth_asym_id_3             A 
_pdbx_validate_rmsd_angle.auth_comp_id_3             GLY 
_pdbx_validate_rmsd_angle.auth_seq_id_3              170 
_pdbx_validate_rmsd_angle.PDB_ins_code_3             ? 
_pdbx_validate_rmsd_angle.label_alt_id_3             ? 
_pdbx_validate_rmsd_angle.angle_value                85.12 
_pdbx_validate_rmsd_angle.angle_target_value         113.10 
_pdbx_validate_rmsd_angle.angle_deviation            -27.98 
_pdbx_validate_rmsd_angle.angle_standard_deviation   2.50 
_pdbx_validate_rmsd_angle.linker_flag                N 
# 
loop_
_pdbx_validate_torsion.id 
_pdbx_validate_torsion.PDB_model_num 
_pdbx_validate_torsion.auth_comp_id 
_pdbx_validate_torsion.auth_asym_id 
_pdbx_validate_torsion.auth_seq_id 
_pdbx_validate_torsion.PDB_ins_code 
_pdbx_validate_torsion.label_alt_id 
_pdbx_validate_torsion.phi 
_pdbx_validate_torsion.psi 
1 1 GLU A 167 ? ? -119.61 79.27   
2 1 ALA A 168 ? ? -174.15 -170.15 
3 1 PRO A 169 ? ? -20.50  89.91   
4 1 ALA A 171 ? ? 161.31  -9.02   
5 1 GLU A 172 ? ? -85.50  -73.44  
6 1 PRO A 189 ? ? -39.99  -39.00  
# 
loop_
_pdbx_unobs_or_zero_occ_residues.id 
_pdbx_unobs_or_zero_occ_residues.PDB_model_num 
_pdbx_unobs_or_zero_occ_residues.polymer_flag 
_pdbx_unobs_or_zero_occ_residues.occupancy_flag 
_pdbx_unobs_or_zero_occ_residues.auth_asym_id 
_pdbx_unobs_or_zero_occ_residues.auth_comp_id 
_pdbx_unobs_or_zero_occ_residues.auth_seq_id 
_pdbx_unobs_or_zero_occ_residues.PDB_ins_code 
_pdbx_unobs_or_zero_occ_residues.label_asym_id 
_pdbx_unobs_or_zero_occ_residues.label_comp_id 
_pdbx_unobs_or_zero_occ_residues.label_seq_id 
1  1 Y 1 A GLY 76  ? A GLY 1  
2  1 Y 1 A PRO 77  ? A PRO 2  
3  1 Y 1 A GLY 78  ? A GLY 3  
4  1 Y 1 A SER 110 ? A SER 35 
5  1 Y 1 A THR 111 ? A THR 36 
6  1 Y 1 A ALA 112 ? A ALA 37 
7  1 Y 1 A SER 113 ? A SER 38 
8  1 Y 1 A LEU 114 ? A LEU 39 
9  1 Y 1 A ARG 115 ? A ARG 40 
10 1 Y 1 A CYS 116 ? A CYS 41 
11 1 Y 1 A PHE 117 ? A PHE 42 
12 1 Y 1 A LEU 118 ? A LEU 43 
13 1 Y 1 A GLN 119 ? A GLN 44 
14 1 Y 1 A LEU 120 ? A LEU 45 
15 1 Y 1 A ARG 121 ? A ARG 46 
16 1 Y 1 A ASP 122 ? A ASP 47 
17 1 Y 1 A ALA 123 ? A ALA 48 
18 1 Y 1 A THR 124 ? A THR 49 
19 1 Y 1 A PRO 125 ? A PRO 50 
20 1 Y 1 A GLY 126 ? A GLY 51 
21 1 Y 1 A GLY 127 ? A GLY 52 
# 
loop_
_chem_comp_atom.comp_id 
_chem_comp_atom.atom_id 
_chem_comp_atom.type_symbol 
_chem_comp_atom.pdbx_aromatic_flag 
_chem_comp_atom.pdbx_stereo_config 
_chem_comp_atom.pdbx_ordinal 
ALA N    N N N 1   
ALA CA   C N S 2   
ALA C    C N N 3   
ALA O    O N N 4   
ALA CB   C N N 5   
ALA OXT  O N N 6   
ALA H    H N N 7   
ALA H2   H N N 8   
ALA HA   H N N 9   
ALA HB1  H N N 10  
ALA HB2  H N N 11  
ALA HB3  H N N 12  
ALA HXT  H N N 13  
ARG N    N N N 14  
ARG CA   C N S 15  
ARG C    C N N 16  
ARG O    O N N 17  
ARG CB   C N N 18  
ARG CG   C N N 19  
ARG CD   C N N 20  
ARG NE   N N N 21  
ARG CZ   C N N 22  
ARG NH1  N N N 23  
ARG NH2  N N N 24  
ARG OXT  O N N 25  
ARG H    H N N 26  
ARG H2   H N N 27  
ARG HA   H N N 28  
ARG HB2  H N N 29  
ARG HB3  H N N 30  
ARG HG2  H N N 31  
ARG HG3  H N N 32  
ARG HD2  H N N 33  
ARG HD3  H N N 34  
ARG HE   H N N 35  
ARG HH11 H N N 36  
ARG HH12 H N N 37  
ARG HH21 H N N 38  
ARG HH22 H N N 39  
ARG HXT  H N N 40  
ASP N    N N N 41  
ASP CA   C N S 42  
ASP C    C N N 43  
ASP O    O N N 44  
ASP CB   C N N 45  
ASP CG   C N N 46  
ASP OD1  O N N 47  
ASP OD2  O N N 48  
ASP OXT  O N N 49  
ASP H    H N N 50  
ASP H2   H N N 51  
ASP HA   H N N 52  
ASP HB2  H N N 53  
ASP HB3  H N N 54  
ASP HD2  H N N 55  
ASP HXT  H N N 56  
CYS N    N N N 57  
CYS CA   C N R 58  
CYS C    C N N 59  
CYS O    O N N 60  
CYS CB   C N N 61  
CYS SG   S N N 62  
CYS OXT  O N N 63  
CYS H    H N N 64  
CYS H2   H N N 65  
CYS HA   H N N 66  
CYS HB2  H N N 67  
CYS HB3  H N N 68  
CYS HG   H N N 69  
CYS HXT  H N N 70  
DTT S1   S N N 71  
DTT C1   C N N 72  
DTT C2   C N R 73  
DTT O2   O N N 74  
DTT C3   C N R 75  
DTT O3   O N N 76  
DTT C4   C N N 77  
DTT S4   S N N 78  
DTT HS1  H N N 79  
DTT H11  H N N 80  
DTT H12  H N N 81  
DTT H2   H N N 82  
DTT HO2  H N N 83  
DTT H3   H N N 84  
DTT HO3  H N N 85  
DTT H41  H N N 86  
DTT H42  H N N 87  
DTT HS2  H N N 88  
GLN N    N N N 89  
GLN CA   C N S 90  
GLN C    C N N 91  
GLN O    O N N 92  
GLN CB   C N N 93  
GLN CG   C N N 94  
GLN CD   C N N 95  
GLN OE1  O N N 96  
GLN NE2  N N N 97  
GLN OXT  O N N 98  
GLN H    H N N 99  
GLN H2   H N N 100 
GLN HA   H N N 101 
GLN HB2  H N N 102 
GLN HB3  H N N 103 
GLN HG2  H N N 104 
GLN HG3  H N N 105 
GLN HE21 H N N 106 
GLN HE22 H N N 107 
GLN HXT  H N N 108 
GLU N    N N N 109 
GLU CA   C N S 110 
GLU C    C N N 111 
GLU O    O N N 112 
GLU CB   C N N 113 
GLU CG   C N N 114 
GLU CD   C N N 115 
GLU OE1  O N N 116 
GLU OE2  O N N 117 
GLU OXT  O N N 118 
GLU H    H N N 119 
GLU H2   H N N 120 
GLU HA   H N N 121 
GLU HB2  H N N 122 
GLU HB3  H N N 123 
GLU HG2  H N N 124 
GLU HG3  H N N 125 
GLU HE2  H N N 126 
GLU HXT  H N N 127 
GLY N    N N N 128 
GLY CA   C N N 129 
GLY C    C N N 130 
GLY O    O N N 131 
GLY OXT  O N N 132 
GLY H    H N N 133 
GLY H2   H N N 134 
GLY HA2  H N N 135 
GLY HA3  H N N 136 
GLY HXT  H N N 137 
HIS N    N N N 138 
HIS CA   C N S 139 
HIS C    C N N 140 
HIS O    O N N 141 
HIS CB   C N N 142 
HIS CG   C Y N 143 
HIS ND1  N Y N 144 
HIS CD2  C Y N 145 
HIS CE1  C Y N 146 
HIS NE2  N Y N 147 
HIS OXT  O N N 148 
HIS H    H N N 149 
HIS H2   H N N 150 
HIS HA   H N N 151 
HIS HB2  H N N 152 
HIS HB3  H N N 153 
HIS HD1  H N N 154 
HIS HD2  H N N 155 
HIS HE1  H N N 156 
HIS HE2  H N N 157 
HIS HXT  H N N 158 
HOH O    O N N 159 
HOH H1   H N N 160 
HOH H2   H N N 161 
ILE N    N N N 162 
ILE CA   C N S 163 
ILE C    C N N 164 
ILE O    O N N 165 
ILE CB   C N S 166 
ILE CG1  C N N 167 
ILE CG2  C N N 168 
ILE CD1  C N N 169 
ILE OXT  O N N 170 
ILE H    H N N 171 
ILE H2   H N N 172 
ILE HA   H N N 173 
ILE HB   H N N 174 
ILE HG12 H N N 175 
ILE HG13 H N N 176 
ILE HG21 H N N 177 
ILE HG22 H N N 178 
ILE HG23 H N N 179 
ILE HD11 H N N 180 
ILE HD12 H N N 181 
ILE HD13 H N N 182 
ILE HXT  H N N 183 
LEU N    N N N 184 
LEU CA   C N S 185 
LEU C    C N N 186 
LEU O    O N N 187 
LEU CB   C N N 188 
LEU CG   C N N 189 
LEU CD1  C N N 190 
LEU CD2  C N N 191 
LEU OXT  O N N 192 
LEU H    H N N 193 
LEU H2   H N N 194 
LEU HA   H N N 195 
LEU HB2  H N N 196 
LEU HB3  H N N 197 
LEU HG   H N N 198 
LEU HD11 H N N 199 
LEU HD12 H N N 200 
LEU HD13 H N N 201 
LEU HD21 H N N 202 
LEU HD22 H N N 203 
LEU HD23 H N N 204 
LEU HXT  H N N 205 
LYS N    N N N 206 
LYS CA   C N S 207 
LYS C    C N N 208 
LYS O    O N N 209 
LYS CB   C N N 210 
LYS CG   C N N 211 
LYS CD   C N N 212 
LYS CE   C N N 213 
LYS NZ   N N N 214 
LYS OXT  O N N 215 
LYS H    H N N 216 
LYS H2   H N N 217 
LYS HA   H N N 218 
LYS HB2  H N N 219 
LYS HB3  H N N 220 
LYS HG2  H N N 221 
LYS HG3  H N N 222 
LYS HD2  H N N 223 
LYS HD3  H N N 224 
LYS HE2  H N N 225 
LYS HE3  H N N 226 
LYS HZ1  H N N 227 
LYS HZ2  H N N 228 
LYS HZ3  H N N 229 
LYS HXT  H N N 230 
MET N    N N N 231 
MET CA   C N S 232 
MET C    C N N 233 
MET O    O N N 234 
MET CB   C N N 235 
MET CG   C N N 236 
MET SD   S N N 237 
MET CE   C N N 238 
MET OXT  O N N 239 
MET H    H N N 240 
MET H2   H N N 241 
MET HA   H N N 242 
MET HB2  H N N 243 
MET HB3  H N N 244 
MET HG2  H N N 245 
MET HG3  H N N 246 
MET HE1  H N N 247 
MET HE2  H N N 248 
MET HE3  H N N 249 
MET HXT  H N N 250 
PHE N    N N N 251 
PHE CA   C N S 252 
PHE C    C N N 253 
PHE O    O N N 254 
PHE CB   C N N 255 
PHE CG   C Y N 256 
PHE CD1  C Y N 257 
PHE CD2  C Y N 258 
PHE CE1  C Y N 259 
PHE CE2  C Y N 260 
PHE CZ   C Y N 261 
PHE OXT  O N N 262 
PHE H    H N N 263 
PHE H2   H N N 264 
PHE HA   H N N 265 
PHE HB2  H N N 266 
PHE HB3  H N N 267 
PHE HD1  H N N 268 
PHE HD2  H N N 269 
PHE HE1  H N N 270 
PHE HE2  H N N 271 
PHE HZ   H N N 272 
PHE HXT  H N N 273 
PRO N    N N N 274 
PRO CA   C N S 275 
PRO C    C N N 276 
PRO O    O N N 277 
PRO CB   C N N 278 
PRO CG   C N N 279 
PRO CD   C N N 280 
PRO OXT  O N N 281 
PRO H    H N N 282 
PRO HA   H N N 283 
PRO HB2  H N N 284 
PRO HB3  H N N 285 
PRO HG2  H N N 286 
PRO HG3  H N N 287 
PRO HD2  H N N 288 
PRO HD3  H N N 289 
PRO HXT  H N N 290 
SER N    N N N 291 
SER CA   C N S 292 
SER C    C N N 293 
SER O    O N N 294 
SER CB   C N N 295 
SER OG   O N N 296 
SER OXT  O N N 297 
SER H    H N N 298 
SER H2   H N N 299 
SER HA   H N N 300 
SER HB2  H N N 301 
SER HB3  H N N 302 
SER HG   H N N 303 
SER HXT  H N N 304 
THR N    N N N 305 
THR CA   C N S 306 
THR C    C N N 307 
THR O    O N N 308 
THR CB   C N R 309 
THR OG1  O N N 310 
THR CG2  C N N 311 
THR OXT  O N N 312 
THR H    H N N 313 
THR H2   H N N 314 
THR HA   H N N 315 
THR HB   H N N 316 
THR HG1  H N N 317 
THR HG21 H N N 318 
THR HG22 H N N 319 
THR HG23 H N N 320 
THR HXT  H N N 321 
TRP N    N N N 322 
TRP CA   C N S 323 
TRP C    C N N 324 
TRP O    O N N 325 
TRP CB   C N N 326 
TRP CG   C Y N 327 
TRP CD1  C Y N 328 
TRP CD2  C Y N 329 
TRP NE1  N Y N 330 
TRP CE2  C Y N 331 
TRP CE3  C Y N 332 
TRP CZ2  C Y N 333 
TRP CZ3  C Y N 334 
TRP CH2  C Y N 335 
TRP OXT  O N N 336 
TRP H    H N N 337 
TRP H2   H N N 338 
TRP HA   H N N 339 
TRP HB2  H N N 340 
TRP HB3  H N N 341 
TRP HD1  H N N 342 
TRP HE1  H N N 343 
TRP HE3  H N N 344 
TRP HZ2  H N N 345 
TRP HZ3  H N N 346 
TRP HH2  H N N 347 
TRP HXT  H N N 348 
TYR N    N N N 349 
TYR CA   C N S 350 
TYR C    C N N 351 
TYR O    O N N 352 
TYR CB   C N N 353 
TYR CG   C Y N 354 
TYR CD1  C Y N 355 
TYR CD2  C Y N 356 
TYR CE1  C Y N 357 
TYR CE2  C Y N 358 
TYR CZ   C Y N 359 
TYR OH   O N N 360 
TYR OXT  O N N 361 
TYR H    H N N 362 
TYR H2   H N N 363 
TYR HA   H N N 364 
TYR HB2  H N N 365 
TYR HB3  H N N 366 
TYR HD1  H N N 367 
TYR HD2  H N N 368 
TYR HE1  H N N 369 
TYR HE2  H N N 370 
TYR HH   H N N 371 
TYR HXT  H N N 372 
VAL N    N N N 373 
VAL CA   C N S 374 
VAL C    C N N 375 
VAL O    O N N 376 
VAL CB   C N N 377 
VAL CG1  C N N 378 
VAL CG2  C N N 379 
VAL OXT  O N N 380 
VAL H    H N N 381 
VAL H2   H N N 382 
VAL HA   H N N 383 
VAL HB   H N N 384 
VAL HG11 H N N 385 
VAL HG12 H N N 386 
VAL HG13 H N N 387 
VAL HG21 H N N 388 
VAL HG22 H N N 389 
VAL HG23 H N N 390 
VAL HXT  H N N 391 
# 
loop_
_chem_comp_bond.comp_id 
_chem_comp_bond.atom_id_1 
_chem_comp_bond.atom_id_2 
_chem_comp_bond.value_order 
_chem_comp_bond.pdbx_aromatic_flag 
_chem_comp_bond.pdbx_stereo_config 
_chem_comp_bond.pdbx_ordinal 
ALA N   CA   sing N N 1   
ALA N   H    sing N N 2   
ALA N   H2   sing N N 3   
ALA CA  C    sing N N 4   
ALA CA  CB   sing N N 5   
ALA CA  HA   sing N N 6   
ALA C   O    doub N N 7   
ALA C   OXT  sing N N 8   
ALA CB  HB1  sing N N 9   
ALA CB  HB2  sing N N 10  
ALA CB  HB3  sing N N 11  
ALA OXT HXT  sing N N 12  
ARG N   CA   sing N N 13  
ARG N   H    sing N N 14  
ARG N   H2   sing N N 15  
ARG CA  C    sing N N 16  
ARG CA  CB   sing N N 17  
ARG CA  HA   sing N N 18  
ARG C   O    doub N N 19  
ARG C   OXT  sing N N 20  
ARG CB  CG   sing N N 21  
ARG CB  HB2  sing N N 22  
ARG CB  HB3  sing N N 23  
ARG CG  CD   sing N N 24  
ARG CG  HG2  sing N N 25  
ARG CG  HG3  sing N N 26  
ARG CD  NE   sing N N 27  
ARG CD  HD2  sing N N 28  
ARG CD  HD3  sing N N 29  
ARG NE  CZ   sing N N 30  
ARG NE  HE   sing N N 31  
ARG CZ  NH1  sing N N 32  
ARG CZ  NH2  doub N N 33  
ARG NH1 HH11 sing N N 34  
ARG NH1 HH12 sing N N 35  
ARG NH2 HH21 sing N N 36  
ARG NH2 HH22 sing N N 37  
ARG OXT HXT  sing N N 38  
ASP N   CA   sing N N 39  
ASP N   H    sing N N 40  
ASP N   H2   sing N N 41  
ASP CA  C    sing N N 42  
ASP CA  CB   sing N N 43  
ASP CA  HA   sing N N 44  
ASP C   O    doub N N 45  
ASP C   OXT  sing N N 46  
ASP CB  CG   sing N N 47  
ASP CB  HB2  sing N N 48  
ASP CB  HB3  sing N N 49  
ASP CG  OD1  doub N N 50  
ASP CG  OD2  sing N N 51  
ASP OD2 HD2  sing N N 52  
ASP OXT HXT  sing N N 53  
CYS N   CA   sing N N 54  
CYS N   H    sing N N 55  
CYS N   H2   sing N N 56  
CYS CA  C    sing N N 57  
CYS CA  CB   sing N N 58  
CYS CA  HA   sing N N 59  
CYS C   O    doub N N 60  
CYS C   OXT  sing N N 61  
CYS CB  SG   sing N N 62  
CYS CB  HB2  sing N N 63  
CYS CB  HB3  sing N N 64  
CYS SG  HG   sing N N 65  
CYS OXT HXT  sing N N 66  
DTT S1  C1   sing N N 67  
DTT S1  HS1  sing N N 68  
DTT C1  C2   sing N N 69  
DTT C1  H11  sing N N 70  
DTT C1  H12  sing N N 71  
DTT C2  O2   sing N N 72  
DTT C2  C3   sing N N 73  
DTT C2  H2   sing N N 74  
DTT O2  HO2  sing N N 75  
DTT C3  O3   sing N N 76  
DTT C3  C4   sing N N 77  
DTT C3  H3   sing N N 78  
DTT O3  HO3  sing N N 79  
DTT C4  S4   sing N N 80  
DTT C4  H41  sing N N 81  
DTT C4  H42  sing N N 82  
DTT S4  HS2  sing N N 83  
GLN N   CA   sing N N 84  
GLN N   H    sing N N 85  
GLN N   H2   sing N N 86  
GLN CA  C    sing N N 87  
GLN CA  CB   sing N N 88  
GLN CA  HA   sing N N 89  
GLN C   O    doub N N 90  
GLN C   OXT  sing N N 91  
GLN CB  CG   sing N N 92  
GLN CB  HB2  sing N N 93  
GLN CB  HB3  sing N N 94  
GLN CG  CD   sing N N 95  
GLN CG  HG2  sing N N 96  
GLN CG  HG3  sing N N 97  
GLN CD  OE1  doub N N 98  
GLN CD  NE2  sing N N 99  
GLN NE2 HE21 sing N N 100 
GLN NE2 HE22 sing N N 101 
GLN OXT HXT  sing N N 102 
GLU N   CA   sing N N 103 
GLU N   H    sing N N 104 
GLU N   H2   sing N N 105 
GLU CA  C    sing N N 106 
GLU CA  CB   sing N N 107 
GLU CA  HA   sing N N 108 
GLU C   O    doub N N 109 
GLU C   OXT  sing N N 110 
GLU CB  CG   sing N N 111 
GLU CB  HB2  sing N N 112 
GLU CB  HB3  sing N N 113 
GLU CG  CD   sing N N 114 
GLU CG  HG2  sing N N 115 
GLU CG  HG3  sing N N 116 
GLU CD  OE1  doub N N 117 
GLU CD  OE2  sing N N 118 
GLU OE2 HE2  sing N N 119 
GLU OXT HXT  sing N N 120 
GLY N   CA   sing N N 121 
GLY N   H    sing N N 122 
GLY N   H2   sing N N 123 
GLY CA  C    sing N N 124 
GLY CA  HA2  sing N N 125 
GLY CA  HA3  sing N N 126 
GLY C   O    doub N N 127 
GLY C   OXT  sing N N 128 
GLY OXT HXT  sing N N 129 
HIS N   CA   sing N N 130 
HIS N   H    sing N N 131 
HIS N   H2   sing N N 132 
HIS CA  C    sing N N 133 
HIS CA  CB   sing N N 134 
HIS CA  HA   sing N N 135 
HIS C   O    doub N N 136 
HIS C   OXT  sing N N 137 
HIS CB  CG   sing N N 138 
HIS CB  HB2  sing N N 139 
HIS CB  HB3  sing N N 140 
HIS CG  ND1  sing Y N 141 
HIS CG  CD2  doub Y N 142 
HIS ND1 CE1  doub Y N 143 
HIS ND1 HD1  sing N N 144 
HIS CD2 NE2  sing Y N 145 
HIS CD2 HD2  sing N N 146 
HIS CE1 NE2  sing Y N 147 
HIS CE1 HE1  sing N N 148 
HIS NE2 HE2  sing N N 149 
HIS OXT HXT  sing N N 150 
HOH O   H1   sing N N 151 
HOH O   H2   sing N N 152 
ILE N   CA   sing N N 153 
ILE N   H    sing N N 154 
ILE N   H2   sing N N 155 
ILE CA  C    sing N N 156 
ILE CA  CB   sing N N 157 
ILE CA  HA   sing N N 158 
ILE C   O    doub N N 159 
ILE C   OXT  sing N N 160 
ILE CB  CG1  sing N N 161 
ILE CB  CG2  sing N N 162 
ILE CB  HB   sing N N 163 
ILE CG1 CD1  sing N N 164 
ILE CG1 HG12 sing N N 165 
ILE CG1 HG13 sing N N 166 
ILE CG2 HG21 sing N N 167 
ILE CG2 HG22 sing N N 168 
ILE CG2 HG23 sing N N 169 
ILE CD1 HD11 sing N N 170 
ILE CD1 HD12 sing N N 171 
ILE CD1 HD13 sing N N 172 
ILE OXT HXT  sing N N 173 
LEU N   CA   sing N N 174 
LEU N   H    sing N N 175 
LEU N   H2   sing N N 176 
LEU CA  C    sing N N 177 
LEU CA  CB   sing N N 178 
LEU CA  HA   sing N N 179 
LEU C   O    doub N N 180 
LEU C   OXT  sing N N 181 
LEU CB  CG   sing N N 182 
LEU CB  HB2  sing N N 183 
LEU CB  HB3  sing N N 184 
LEU CG  CD1  sing N N 185 
LEU CG  CD2  sing N N 186 
LEU CG  HG   sing N N 187 
LEU CD1 HD11 sing N N 188 
LEU CD1 HD12 sing N N 189 
LEU CD1 HD13 sing N N 190 
LEU CD2 HD21 sing N N 191 
LEU CD2 HD22 sing N N 192 
LEU CD2 HD23 sing N N 193 
LEU OXT HXT  sing N N 194 
LYS N   CA   sing N N 195 
LYS N   H    sing N N 196 
LYS N   H2   sing N N 197 
LYS CA  C    sing N N 198 
LYS CA  CB   sing N N 199 
LYS CA  HA   sing N N 200 
LYS C   O    doub N N 201 
LYS C   OXT  sing N N 202 
LYS CB  CG   sing N N 203 
LYS CB  HB2  sing N N 204 
LYS CB  HB3  sing N N 205 
LYS CG  CD   sing N N 206 
LYS CG  HG2  sing N N 207 
LYS CG  HG3  sing N N 208 
LYS CD  CE   sing N N 209 
LYS CD  HD2  sing N N 210 
LYS CD  HD3  sing N N 211 
LYS CE  NZ   sing N N 212 
LYS CE  HE2  sing N N 213 
LYS CE  HE3  sing N N 214 
LYS NZ  HZ1  sing N N 215 
LYS NZ  HZ2  sing N N 216 
LYS NZ  HZ3  sing N N 217 
LYS OXT HXT  sing N N 218 
MET N   CA   sing N N 219 
MET N   H    sing N N 220 
MET N   H2   sing N N 221 
MET CA  C    sing N N 222 
MET CA  CB   sing N N 223 
MET CA  HA   sing N N 224 
MET C   O    doub N N 225 
MET C   OXT  sing N N 226 
MET CB  CG   sing N N 227 
MET CB  HB2  sing N N 228 
MET CB  HB3  sing N N 229 
MET CG  SD   sing N N 230 
MET CG  HG2  sing N N 231 
MET CG  HG3  sing N N 232 
MET SD  CE   sing N N 233 
MET CE  HE1  sing N N 234 
MET CE  HE2  sing N N 235 
MET CE  HE3  sing N N 236 
MET OXT HXT  sing N N 237 
PHE N   CA   sing N N 238 
PHE N   H    sing N N 239 
PHE N   H2   sing N N 240 
PHE CA  C    sing N N 241 
PHE CA  CB   sing N N 242 
PHE CA  HA   sing N N 243 
PHE C   O    doub N N 244 
PHE C   OXT  sing N N 245 
PHE CB  CG   sing N N 246 
PHE CB  HB2  sing N N 247 
PHE CB  HB3  sing N N 248 
PHE CG  CD1  doub Y N 249 
PHE CG  CD2  sing Y N 250 
PHE CD1 CE1  sing Y N 251 
PHE CD1 HD1  sing N N 252 
PHE CD2 CE2  doub Y N 253 
PHE CD2 HD2  sing N N 254 
PHE CE1 CZ   doub Y N 255 
PHE CE1 HE1  sing N N 256 
PHE CE2 CZ   sing Y N 257 
PHE CE2 HE2  sing N N 258 
PHE CZ  HZ   sing N N 259 
PHE OXT HXT  sing N N 260 
PRO N   CA   sing N N 261 
PRO N   CD   sing N N 262 
PRO N   H    sing N N 263 
PRO CA  C    sing N N 264 
PRO CA  CB   sing N N 265 
PRO CA  HA   sing N N 266 
PRO C   O    doub N N 267 
PRO C   OXT  sing N N 268 
PRO CB  CG   sing N N 269 
PRO CB  HB2  sing N N 270 
PRO CB  HB3  sing N N 271 
PRO CG  CD   sing N N 272 
PRO CG  HG2  sing N N 273 
PRO CG  HG3  sing N N 274 
PRO CD  HD2  sing N N 275 
PRO CD  HD3  sing N N 276 
PRO OXT HXT  sing N N 277 
SER N   CA   sing N N 278 
SER N   H    sing N N 279 
SER N   H2   sing N N 280 
SER CA  C    sing N N 281 
SER CA  CB   sing N N 282 
SER CA  HA   sing N N 283 
SER C   O    doub N N 284 
SER C   OXT  sing N N 285 
SER CB  OG   sing N N 286 
SER CB  HB2  sing N N 287 
SER CB  HB3  sing N N 288 
SER OG  HG   sing N N 289 
SER OXT HXT  sing N N 290 
THR N   CA   sing N N 291 
THR N   H    sing N N 292 
THR N   H2   sing N N 293 
THR CA  C    sing N N 294 
THR CA  CB   sing N N 295 
THR CA  HA   sing N N 296 
THR C   O    doub N N 297 
THR C   OXT  sing N N 298 
THR CB  OG1  sing N N 299 
THR CB  CG2  sing N N 300 
THR CB  HB   sing N N 301 
THR OG1 HG1  sing N N 302 
THR CG2 HG21 sing N N 303 
THR CG2 HG22 sing N N 304 
THR CG2 HG23 sing N N 305 
THR OXT HXT  sing N N 306 
TRP N   CA   sing N N 307 
TRP N   H    sing N N 308 
TRP N   H2   sing N N 309 
TRP CA  C    sing N N 310 
TRP CA  CB   sing N N 311 
TRP CA  HA   sing N N 312 
TRP C   O    doub N N 313 
TRP C   OXT  sing N N 314 
TRP CB  CG   sing N N 315 
TRP CB  HB2  sing N N 316 
TRP CB  HB3  sing N N 317 
TRP CG  CD1  doub Y N 318 
TRP CG  CD2  sing Y N 319 
TRP CD1 NE1  sing Y N 320 
TRP CD1 HD1  sing N N 321 
TRP CD2 CE2  doub Y N 322 
TRP CD2 CE3  sing Y N 323 
TRP NE1 CE2  sing Y N 324 
TRP NE1 HE1  sing N N 325 
TRP CE2 CZ2  sing Y N 326 
TRP CE3 CZ3  doub Y N 327 
TRP CE3 HE3  sing N N 328 
TRP CZ2 CH2  doub Y N 329 
TRP CZ2 HZ2  sing N N 330 
TRP CZ3 CH2  sing Y N 331 
TRP CZ3 HZ3  sing N N 332 
TRP CH2 HH2  sing N N 333 
TRP OXT HXT  sing N N 334 
TYR N   CA   sing N N 335 
TYR N   H    sing N N 336 
TYR N   H2   sing N N 337 
TYR CA  C    sing N N 338 
TYR CA  CB   sing N N 339 
TYR CA  HA   sing N N 340 
TYR C   O    doub N N 341 
TYR C   OXT  sing N N 342 
TYR CB  CG   sing N N 343 
TYR CB  HB2  sing N N 344 
TYR CB  HB3  sing N N 345 
TYR CG  CD1  doub Y N 346 
TYR CG  CD2  sing Y N 347 
TYR CD1 CE1  sing Y N 348 
TYR CD1 HD1  sing N N 349 
TYR CD2 CE2  doub Y N 350 
TYR CD2 HD2  sing N N 351 
TYR CE1 CZ   doub Y N 352 
TYR CE1 HE1  sing N N 353 
TYR CE2 CZ   sing Y N 354 
TYR CE2 HE2  sing N N 355 
TYR CZ  OH   sing N N 356 
TYR OH  HH   sing N N 357 
TYR OXT HXT  sing N N 358 
VAL N   CA   sing N N 359 
VAL N   H    sing N N 360 
VAL N   H2   sing N N 361 
VAL CA  C    sing N N 362 
VAL CA  CB   sing N N 363 
VAL CA  HA   sing N N 364 
VAL C   O    doub N N 365 
VAL C   OXT  sing N N 366 
VAL CB  CG1  sing N N 367 
VAL CB  CG2  sing N N 368 
VAL CB  HB   sing N N 369 
VAL CG1 HG11 sing N N 370 
VAL CG1 HG12 sing N N 371 
VAL CG1 HG13 sing N N 372 
VAL CG2 HG21 sing N N 373 
VAL CG2 HG22 sing N N 374 
VAL CG2 HG23 sing N N 375 
VAL OXT HXT  sing N N 376 
# 
_atom_sites.entry_id                    3UB2 
_atom_sites.fract_transf_matrix[1][1]   -0.00931328 
_atom_sites.fract_transf_matrix[1][2]   -0.00187647 
_atom_sites.fract_transf_matrix[1][3]   -0.00635144 
_atom_sites.fract_transf_matrix[2][1]   0.00024361 
_atom_sites.fract_transf_matrix[2][2]   0.01085522 
_atom_sites.fract_transf_matrix[2][3]   -0.00356428 
_atom_sites.fract_transf_matrix[3][1]   0.00708977 
_atom_sites.fract_transf_matrix[3][2]   -0.00325666 
_atom_sites.fract_transf_matrix[3][3]   -0.00943376 
_atom_sites.fract_transf_vector[1]      -0.346268 
_atom_sites.fract_transf_vector[2]      -0.136812 
_atom_sites.fract_transf_vector[3]      -0.082876 
# 
loop_
_atom_type.symbol 
C 
N 
O 
S 
# 
loop_
_atom_site.group_PDB 
_atom_site.id 
_atom_site.type_symbol 
_atom_site.label_atom_id 
_atom_site.label_alt_id 
_atom_site.label_comp_id 
_atom_site.label_asym_id 
_atom_site.label_entity_id 
_atom_site.label_seq_id 
_atom_site.pdbx_PDB_ins_code 
_atom_site.Cartn_x 
_atom_site.Cartn_y 
_atom_site.Cartn_z 
_atom_site.occupancy 
_atom_site.B_iso_or_equiv 
_atom_site.pdbx_formal_charge 
_atom_site.auth_seq_id 
_atom_site.auth_comp_id 
_atom_site.auth_asym_id 
_atom_site.auth_atom_id 
_atom_site.pdbx_PDB_model_num 
ATOM   1   N N   . SER A 1 4   ? -9.857  10.304  -13.129 1.00 72.29  ? 79  SER A N   1 
ATOM   2   C CA  . SER A 1 4   ? -8.650  11.099  -13.508 1.00 73.16  ? 79  SER A CA  1 
ATOM   3   C C   . SER A 1 4   ? -8.502  12.335  -12.630 1.00 72.03  ? 79  SER A C   1 
ATOM   4   O O   . SER A 1 4   ? -7.404  12.870  -12.479 1.00 73.48  ? 79  SER A O   1 
ATOM   5   C CB  . SER A 1 4   ? -8.733  11.536  -14.973 1.00 74.32  ? 79  SER A CB  1 
ATOM   6   O OG  . SER A 1 4   ? -7.620  12.343  -15.322 1.00 76.56  ? 79  SER A OG  1 
ATOM   7   N N   . SER A 1 5   ? -9.611  12.789  -12.058 1.00 70.32  ? 80  SER A N   1 
ATOM   8   C CA  . SER A 1 5   ? -9.594  13.965  -11.198 1.00 68.77  ? 80  SER A CA  1 
ATOM   9   C C   . SER A 1 5   ? -9.077  13.663  -9.792  1.00 67.55  ? 80  SER A C   1 
ATOM   10  O O   . SER A 1 5   ? -9.522  12.718  -9.142  1.00 66.47  ? 80  SER A O   1 
ATOM   11  C CB  . SER A 1 5   ? -10.999 14.558  -11.090 1.00 68.41  ? 80  SER A CB  1 
ATOM   12  O OG  . SER A 1 5   ? -11.012 15.633  -10.166 1.00 68.08  ? 80  SER A OG  1 
ATOM   13  N N   . ARG A 1 6   ? -8.143  14.486  -9.328  1.00 66.68  ? 81  ARG A N   1 
ATOM   14  C CA  . ARG A 1 6   ? -7.569  14.340  -7.998  1.00 65.24  ? 81  ARG A CA  1 
ATOM   15  C C   . ARG A 1 6   ? -8.675  14.285  -6.947  1.00 63.45  ? 81  ARG A C   1 
ATOM   16  O O   . ARG A 1 6   ? -8.497  13.701  -5.880  1.00 62.73  ? 81  ARG A O   1 
ATOM   17  C CB  . ARG A 1 6   ? -6.631  15.516  -7.711  1.00 65.67  ? 81  ARG A CB  1 
ATOM   18  C CG  . ARG A 1 6   ? -6.143  15.618  -6.272  1.00 68.33  ? 81  ARG A CG  1 
ATOM   19  C CD  . ARG A 1 6   ? -5.303  14.415  -5.847  1.00 68.92  ? 81  ARG A CD  1 
ATOM   20  N NE  . ARG A 1 6   ? -4.756  14.583  -4.501  1.00 70.14  ? 81  ARG A NE  1 
ATOM   21  C CZ  . ARG A 1 6   ? -3.741  15.387  -4.192  1.00 71.53  ? 81  ARG A CZ  1 
ATOM   22  N NH1 . ARG A 1 6   ? -3.143  16.101  -5.136  1.00 72.79  ? 81  ARG A NH1 1 
ATOM   23  N NH2 . ARG A 1 6   ? -3.332  15.495  -2.932  1.00 71.08  ? 81  ARG A NH2 1 
ATOM   24  N N   . TRP A 1 7   ? -9.819  14.886  -7.256  1.00 62.29  ? 82  TRP A N   1 
ATOM   25  C CA  . TRP A 1 7   ? -10.937 14.902  -6.322  1.00 60.86  ? 82  TRP A CA  1 
ATOM   26  C C   . TRP A 1 7   ? -11.992 13.846  -6.604  1.00 60.19  ? 82  TRP A C   1 
ATOM   27  O O   . TRP A 1 7   ? -13.048 13.843  -5.968  1.00 59.92  ? 82  TRP A O   1 
ATOM   28  C CB  . TRP A 1 7   ? -11.603 16.284  -6.299  1.00 61.19  ? 82  TRP A CB  1 
ATOM   29  C CG  . TRP A 1 7   ? -10.738 17.378  -5.713  1.00 62.16  ? 82  TRP A CG  1 
ATOM   30  C CD1 . TRP A 1 7   ? -9.612  17.217  -4.956  1.00 61.54  ? 82  TRP A CD1 1 
ATOM   31  C CD2 . TRP A 1 7   ? -10.962 18.796  -5.802  1.00 61.20  ? 82  TRP A CD2 1 
ATOM   32  N NE1 . TRP A 1 7   ? -9.122  18.442  -4.568  1.00 60.92  ? 82  TRP A NE1 1 
ATOM   33  C CE2 . TRP A 1 7   ? -9.930  19.428  -5.070  1.00 61.07  ? 82  TRP A CE2 1 
ATOM   34  C CE3 . TRP A 1 7   ? -11.935 19.594  -6.423  1.00 60.47  ? 82  TRP A CE3 1 
ATOM   35  C CZ2 . TRP A 1 7   ? -9.840  20.822  -4.946  1.00 60.53  ? 82  TRP A CZ2 1 
ATOM   36  C CZ3 . TRP A 1 7   ? -11.844 20.982  -6.299  1.00 60.43  ? 82  TRP A CZ3 1 
ATOM   37  C CH2 . TRP A 1 7   ? -10.803 21.579  -5.563  1.00 60.40  ? 82  TRP A CH2 1 
ATOM   38  N N   . SER A 1 8   ? -11.719 12.953  -7.553  1.00 59.93  ? 83  SER A N   1 
ATOM   39  C CA  . SER A 1 8   ? -12.665 11.886  -7.884  1.00 60.10  ? 83  SER A CA  1 
ATOM   40  C C   . SER A 1 8   ? -12.753 10.889  -6.721  1.00 59.77  ? 83  SER A C   1 
ATOM   41  O O   . SER A 1 8   ? -13.644 10.037  -6.682  1.00 60.06  ? 83  SER A O   1 
ATOM   42  C CB  . SER A 1 8   ? -12.239 11.172  -9.172  1.00 60.99  ? 83  SER A CB  1 
ATOM   43  O OG  . SER A 1 8   ? -10.981 10.540  -9.019  1.00 63.40  ? 83  SER A OG  1 
ATOM   44  N N   . LYS A 1 9   ? -11.817 10.996  -5.780  1.00 59.41  ? 84  LYS A N   1 
ATOM   45  C CA  . LYS A 1 9   ? -11.811 10.146  -4.590  1.00 58.95  ? 84  LYS A CA  1 
ATOM   46  C C   . LYS A 1 9   ? -11.488 10.994  -3.367  1.00 57.96  ? 84  LYS A C   1 
ATOM   47  O O   . LYS A 1 9   ? -10.662 11.901  -3.430  1.00 58.24  ? 84  LYS A O   1 
ATOM   48  C CB  . LYS A 1 9   ? -10.796 9.002   -4.731  1.00 58.81  ? 84  LYS A CB  1 
ATOM   49  C CG  . LYS A 1 9   ? -11.349 7.830   -5.521  1.00 57.78  ? 84  LYS A CG  1 
ATOM   50  C CD  . LYS A 1 9   ? -10.278 6.849   -5.920  1.00 59.44  ? 84  LYS A CD  1 
ATOM   51  C CE  . LYS A 1 9   ? -10.852 5.793   -6.846  1.00 59.51  ? 84  LYS A CE  1 
ATOM   52  N NZ  . LYS A 1 9   ? -12.058 5.157   -6.247  1.00 60.91  ? 84  LYS A NZ  1 
ATOM   53  N N   . ASP A 1 10  ? -12.153 10.700  -2.257  1.00 57.37  ? 85  ASP A N   1 
ATOM   54  C CA  . ASP A 1 10  ? -11.951 11.445  -1.026  1.00 55.22  ? 85  ASP A CA  1 
ATOM   55  C C   . ASP A 1 10  ? -10.567 11.303  -0.382  1.00 54.49  ? 85  ASP A C   1 
ATOM   56  O O   . ASP A 1 10  ? -10.104 12.223  0.292   1.00 54.71  ? 85  ASP A O   1 
ATOM   57  C CB  . ASP A 1 10  ? -13.033 11.074  -0.019  1.00 55.10  ? 85  ASP A CB  1 
ATOM   58  C CG  . ASP A 1 10  ? -14.416 11.518  -0.463  1.00 55.86  ? 85  ASP A CG  1 
ATOM   59  O OD1 . ASP A 1 10  ? -14.522 12.370  -1.373  1.00 56.35  ? 85  ASP A OD1 1 
ATOM   60  O OD2 . ASP A 1 10  ? -15.398 11.020  0.118   1.00 56.16  ? 85  ASP A OD2 1 
ATOM   61  N N   . TYR A 1 11  ? -9.908  10.165  -0.573  1.00 53.54  ? 86  TYR A N   1 
ATOM   62  C CA  . TYR A 1 11  ? -8.571  9.980   -0.006  1.00 51.67  ? 86  TYR A CA  1 
ATOM   63  C C   . TYR A 1 11  ? -7.526  9.756   -1.084  1.00 51.38  ? 86  TYR A C   1 
ATOM   64  O O   . TYR A 1 11  ? -7.836  9.284   -2.177  1.00 51.33  ? 86  TYR A O   1 
ATOM   65  C CB  . TYR A 1 11  ? -8.542  8.794   0.961   1.00 52.05  ? 86  TYR A CB  1 
ATOM   66  C CG  . TYR A 1 11  ? -9.335  9.014   2.223   1.00 53.26  ? 86  TYR A CG  1 
ATOM   67  C CD1 . TYR A 1 11  ? -10.715 8.801   2.251   1.00 53.38  ? 86  TYR A CD1 1 
ATOM   68  C CD2 . TYR A 1 11  ? -8.712  9.464   3.388   1.00 53.99  ? 86  TYR A CD2 1 
ATOM   69  C CE1 . TYR A 1 11  ? -11.460 9.030   3.417   1.00 52.78  ? 86  TYR A CE1 1 
ATOM   70  C CE2 . TYR A 1 11  ? -9.444  9.697   4.558   1.00 54.40  ? 86  TYR A CE2 1 
ATOM   71  C CZ  . TYR A 1 11  ? -10.817 9.477   4.565   1.00 53.88  ? 86  TYR A CZ  1 
ATOM   72  O OH  . TYR A 1 11  ? -11.531 9.695   5.726   1.00 54.78  ? 86  TYR A OH  1 
ATOM   73  N N   . ASP A 1 12  ? -6.282  10.098  -0.774  1.00 50.72  ? 87  ASP A N   1 
ATOM   74  C CA  . ASP A 1 12  ? -5.194  9.904   -1.723  1.00 51.77  ? 87  ASP A CA  1 
ATOM   75  C C   . ASP A 1 12  ? -4.557  8.527   -1.532  1.00 52.51  ? 87  ASP A C   1 
ATOM   76  O O   . ASP A 1 12  ? -4.045  7.926   -2.478  1.00 53.65  ? 87  ASP A O   1 
ATOM   77  C CB  . ASP A 1 12  ? -4.132  10.989  -1.542  1.00 52.89  ? 87  ASP A CB  1 
ATOM   78  C CG  . ASP A 1 12  ? -4.669  12.371  -1.824  1.00 53.90  ? 87  ASP A CG  1 
ATOM   79  O OD1 . ASP A 1 12  ? -5.342  12.537  -2.866  1.00 54.44  ? 87  ASP A OD1 1 
ATOM   80  O OD2 . ASP A 1 12  ? -4.416  13.284  -1.012  1.00 53.83  ? 87  ASP A OD2 1 
ATOM   81  N N   . VAL A 1 13  ? -4.599  8.024   -0.306  1.00 50.74  ? 88  VAL A N   1 
ATOM   82  C CA  . VAL A 1 13  ? -4.005  6.725   -0.025  1.00 50.33  ? 88  VAL A CA  1 
ATOM   83  C C   . VAL A 1 13  ? -4.481  6.155   1.301   1.00 49.70  ? 88  VAL A C   1 
ATOM   84  O O   . VAL A 1 13  ? -4.604  6.882   2.288   1.00 49.44  ? 88  VAL A O   1 
ATOM   85  C CB  . VAL A 1 13  ? -2.445  6.823   -0.009  1.00 51.61  ? 88  VAL A CB  1 
ATOM   86  C CG1 . VAL A 1 13  ? -1.997  7.870   1.012   1.00 48.90  ? 88  VAL A CG1 1 
ATOM   87  C CG2 . VAL A 1 13  ? -1.824  5.454   0.311   1.00 50.32  ? 88  VAL A CG2 1 
ATOM   88  N N   . CYS A 1 14  ? -4.780  4.860   1.305   1.00 48.35  ? 89  CYS A N   1 
ATOM   89  C CA  . CYS A 1 14  ? -5.196  4.176   2.527   1.00 49.75  ? 89  CYS A CA  1 
ATOM   90  C C   . CYS A 1 14  ? -4.218  3.016   2.750   1.00 49.24  ? 89  CYS A C   1 
ATOM   91  O O   . CYS A 1 14  ? -3.576  2.544   1.807   1.00 47.89  ? 89  CYS A O   1 
ATOM   92  C CB  . CYS A 1 14  ? -6.655  3.680   2.432   1.00 50.03  ? 89  CYS A CB  1 
ATOM   93  S SG  . CYS A 1 14  ? -6.988  2.273   1.331   1.00 53.71  ? 89  CYS A SG  1 
ATOM   94  N N   . VAL A 1 15  ? -4.078  2.578   3.995   1.00 48.12  ? 90  VAL A N   1 
ATOM   95  C CA  . VAL A 1 15  ? -3.162  1.488   4.305   1.00 46.34  ? 90  VAL A CA  1 
ATOM   96  C C   . VAL A 1 15  ? -3.904  0.196   4.618   1.00 47.43  ? 90  VAL A C   1 
ATOM   97  O O   . VAL A 1 15  ? -4.600  0.096   5.623   1.00 46.95  ? 90  VAL A O   1 
ATOM   98  C CB  . VAL A 1 15  ? -2.257  1.854   5.494   1.00 45.61  ? 90  VAL A CB  1 
ATOM   99  C CG1 . VAL A 1 15  ? -1.363  0.674   5.855   1.00 45.54  ? 90  VAL A CG1 1 
ATOM   100 C CG2 . VAL A 1 15  ? -1.418  3.077   5.141   1.00 43.76  ? 90  VAL A CG2 1 
ATOM   101 N N   . CYS A 1 16  ? -3.754  -0.779  3.733   1.00 47.14  ? 91  CYS A N   1 
ATOM   102 C CA  . CYS A 1 16  ? -4.380  -2.083  3.871   1.00 48.48  ? 91  CYS A CA  1 
ATOM   103 C C   . CYS A 1 16  ? -3.464  -2.927  4.757   1.00 50.00  ? 91  CYS A C   1 
ATOM   104 O O   . CYS A 1 16  ? -2.359  -3.285  4.349   1.00 50.18  ? 91  CYS A O   1 
ATOM   105 C CB  . CYS A 1 16  ? -4.518  -2.704  2.487   1.00 50.00  ? 91  CYS A CB  1 
ATOM   106 S SG  . CYS A 1 16  ? -5.056  -4.397  2.489   1.00 54.29  ? 91  CYS A SG  1 
ATOM   107 N N   . HIS A 1 17  ? -3.929  -3.244  5.964   1.00 51.92  ? 92  HIS A N   1 
ATOM   108 C CA  . HIS A 1 17  ? -3.124  -3.993  6.928   1.00 54.31  ? 92  HIS A CA  1 
ATOM   109 C C   . HIS A 1 17  ? -3.918  -5.014  7.750   1.00 55.29  ? 92  HIS A C   1 
ATOM   110 O O   . HIS A 1 17  ? -5.142  -4.944  7.846   1.00 54.32  ? 92  HIS A O   1 
ATOM   111 C CB  . HIS A 1 17  ? -2.472  -3.002  7.890   1.00 54.10  ? 92  HIS A CB  1 
ATOM   112 C CG  . HIS A 1 17  ? -3.446  -2.375  8.838   1.00 56.61  ? 92  HIS A CG  1 
ATOM   113 N ND1 . HIS A 1 17  ? -3.611  -2.815  10.136  1.00 56.84  ? 92  HIS A ND1 1 
ATOM   114 C CD2 . HIS A 1 17  ? -4.374  -1.406  8.652   1.00 56.94  ? 92  HIS A CD2 1 
ATOM   115 C CE1 . HIS A 1 17  ? -4.599  -2.149  10.702  1.00 56.82  ? 92  HIS A CE1 1 
ATOM   116 N NE2 . HIS A 1 17  ? -5.081  -1.287  9.823   1.00 57.72  ? 92  HIS A NE2 1 
ATOM   117 N N   . SER A 1 18  ? -3.204  -5.957  8.356   1.00 57.71  ? 93  SER A N   1 
ATOM   118 C CA  . SER A 1 18  ? -3.850  -6.956  9.197   1.00 61.12  ? 93  SER A CA  1 
ATOM   119 C C   . SER A 1 18  ? -3.841  -6.403  10.626  1.00 63.30  ? 93  SER A C   1 
ATOM   120 O O   . SER A 1 18  ? -2.992  -5.578  10.962  1.00 62.91  ? 93  SER A O   1 
ATOM   121 C CB  . SER A 1 18  ? -3.091  -8.285  9.133   1.00 61.42  ? 93  SER A CB  1 
ATOM   122 O OG  . SER A 1 18  ? -1.892  -8.235  9.882   1.00 61.86  ? 93  SER A OG  1 
ATOM   123 N N   . GLU A 1 19  ? -4.778  -6.853  11.457  1.00 66.25  ? 94  GLU A N   1 
ATOM   124 C CA  . GLU A 1 19  ? -4.882  -6.374  12.838  1.00 70.53  ? 94  GLU A CA  1 
ATOM   125 C C   . GLU A 1 19  ? -3.550  -6.384  13.582  1.00 71.06  ? 94  GLU A C   1 
ATOM   126 O O   . GLU A 1 19  ? -3.241  -5.471  14.349  1.00 71.57  ? 94  GLU A O   1 
ATOM   127 C CB  . GLU A 1 19  ? -5.897  -7.216  13.616  1.00 74.08  ? 94  GLU A CB  1 
ATOM   128 C CG  . GLU A 1 19  ? -7.313  -7.172  13.052  1.00 79.93  ? 94  GLU A CG  1 
ATOM   129 C CD  . GLU A 1 19  ? -8.300  -7.960  13.897  1.00 83.40  ? 94  GLU A CD  1 
ATOM   130 O OE1 . GLU A 1 19  ? -8.010  -9.137  14.203  1.00 84.25  ? 94  GLU A OE1 1 
ATOM   131 O OE2 . GLU A 1 19  ? -9.368  -7.406  14.250  1.00 85.97  ? 94  GLU A OE2 1 
ATOM   132 N N   . GLU A 1 20  ? -2.772  -7.430  13.349  1.00 70.75  ? 95  GLU A N   1 
ATOM   133 C CA  . GLU A 1 20  ? -1.471  -7.597  13.978  1.00 71.03  ? 95  GLU A CA  1 
ATOM   134 C C   . GLU A 1 20  ? -0.504  -6.423  13.778  1.00 69.22  ? 95  GLU A C   1 
ATOM   135 O O   . GLU A 1 20  ? 0.367   -6.182  14.614  1.00 69.33  ? 95  GLU A O   1 
ATOM   136 C CB  . GLU A 1 20  ? -0.833  -8.879  13.439  1.00 73.70  ? 95  GLU A CB  1 
ATOM   137 C CG  . GLU A 1 20  ? 0.552   -9.179  13.964  1.00 77.34  ? 95  GLU A CG  1 
ATOM   138 C CD  . GLU A 1 20  ? 1.227   -10.285 13.184  1.00 79.63  ? 95  GLU A CD  1 
ATOM   139 O OE1 . GLU A 1 20  ? 1.860   -9.993  12.141  1.00 78.79  ? 95  GLU A OE1 1 
ATOM   140 O OE2 . GLU A 1 20  ? 1.112   -11.450 13.609  1.00 81.89  ? 95  GLU A OE2 1 
ATOM   141 N N   . ASP A 1 21  ? -0.660  -5.693  12.679  1.00 66.38  ? 96  ASP A N   1 
ATOM   142 C CA  . ASP A 1 21  ? 0.242   -4.585  12.367  1.00 64.29  ? 96  ASP A CA  1 
ATOM   143 C C   . ASP A 1 21  ? -0.398  -3.201  12.465  1.00 63.54  ? 96  ASP A C   1 
ATOM   144 O O   . ASP A 1 21  ? -0.009  -2.279  11.748  1.00 61.87  ? 96  ASP A O   1 
ATOM   145 C CB  . ASP A 1 21  ? 0.806   -4.781  10.956  1.00 62.49  ? 96  ASP A CB  1 
ATOM   146 C CG  . ASP A 1 21  ? 1.325   -6.188  10.725  1.00 62.04  ? 96  ASP A CG  1 
ATOM   147 O OD1 . ASP A 1 21  ? 2.390   -6.527  11.284  1.00 63.10  ? 96  ASP A OD1 1 
ATOM   148 O OD2 . ASP A 1 21  ? 0.660   -6.953  9.989   1.00 57.90  ? 96  ASP A OD2 1 
ATOM   149 N N   . LEU A 1 22  ? -1.371  -3.051  13.353  1.00 63.21  ? 97  LEU A N   1 
ATOM   150 C CA  . LEU A 1 22  ? -2.054  -1.776  13.510  1.00 63.24  ? 97  LEU A CA  1 
ATOM   151 C C   . LEU A 1 22  ? -1.095  -0.608  13.738  1.00 62.65  ? 97  LEU A C   1 
ATOM   152 O O   . LEU A 1 22  ? -1.196  0.429   13.079  1.00 63.18  ? 97  LEU A O   1 
ATOM   153 C CB  . LEU A 1 22  ? -3.051  -1.855  14.666  1.00 63.52  ? 97  LEU A CB  1 
ATOM   154 C CG  . LEU A 1 22  ? -3.901  -0.603  14.902  1.00 65.49  ? 97  LEU A CG  1 
ATOM   155 C CD1 . LEU A 1 22  ? -4.605  -0.192  13.608  1.00 64.44  ? 97  LEU A CD1 1 
ATOM   156 C CD2 . LEU A 1 22  ? -4.919  -0.885  15.995  1.00 65.78  ? 97  LEU A CD2 1 
ATOM   157 N N   . VAL A 1 23  ? -0.157  -0.781  14.661  1.00 61.39  ? 98  VAL A N   1 
ATOM   158 C CA  . VAL A 1 23  ? 0.796   0.275   14.979  1.00 61.37  ? 98  VAL A CA  1 
ATOM   159 C C   . VAL A 1 23  ? 1.619   0.742   13.782  1.00 60.51  ? 98  VAL A C   1 
ATOM   160 O O   . VAL A 1 23  ? 1.666   1.935   13.483  1.00 62.34  ? 98  VAL A O   1 
ATOM   161 C CB  . VAL A 1 23  ? 1.751   -0.167  16.118  1.00 62.44  ? 98  VAL A CB  1 
ATOM   162 C CG1 . VAL A 1 23  ? 2.855   0.875   16.327  1.00 60.40  ? 98  VAL A CG1 1 
ATOM   163 C CG2 . VAL A 1 23  ? 0.955   -0.354  17.409  1.00 61.83  ? 98  VAL A CG2 1 
ATOM   164 N N   . ALA A 1 24  ? 2.273   -0.193  13.103  1.00 58.70  ? 99  ALA A N   1 
ATOM   165 C CA  . ALA A 1 24  ? 3.087   0.148   11.944  1.00 57.69  ? 99  ALA A CA  1 
ATOM   166 C C   . ALA A 1 24  ? 2.246   0.854   10.868  1.00 57.34  ? 99  ALA A C   1 
ATOM   167 O O   . ALA A 1 24  ? 2.708   1.800   10.224  1.00 56.88  ? 99  ALA A O   1 
ATOM   168 C CB  . ALA A 1 24  ? 3.734   -1.118  11.372  1.00 56.00  ? 99  ALA A CB  1 
ATOM   169 N N   . ALA A 1 25  ? 1.017   0.382   10.680  1.00 57.23  ? 100 ALA A N   1 
ATOM   170 C CA  . ALA A 1 25  ? 0.109   0.962   9.700   1.00 57.75  ? 100 ALA A CA  1 
ATOM   171 C C   . ALA A 1 25  ? -0.198  2.406   10.066  1.00 58.11  ? 100 ALA A C   1 
ATOM   172 O O   . ALA A 1 25  ? -0.217  3.276   9.198   1.00 57.93  ? 100 ALA A O   1 
ATOM   173 C CB  . ALA A 1 25  ? -1.181  0.159   9.636   1.00 57.52  ? 100 ALA A CB  1 
ATOM   174 N N   . GLN A 1 26  ? -0.439  2.656   11.350  1.00 58.64  ? 101 GLN A N   1 
ATOM   175 C CA  . GLN A 1 26  ? -0.736  4.005   11.824  1.00 59.08  ? 101 GLN A CA  1 
ATOM   176 C C   . GLN A 1 26  ? 0.456   4.930   11.628  1.00 59.22  ? 101 GLN A C   1 
ATOM   177 O O   . GLN A 1 26  ? 0.279   6.116   11.363  1.00 60.35  ? 101 GLN A O   1 
ATOM   178 C CB  . GLN A 1 26  ? -1.143  3.986   13.300  1.00 59.28  ? 101 GLN A CB  1 
ATOM   179 C CG  . GLN A 1 26  ? -2.443  3.254   13.555  1.00 61.10  ? 101 GLN A CG  1 
ATOM   180 C CD  . GLN A 1 26  ? -2.772  3.131   15.029  1.00 63.75  ? 101 GLN A CD  1 
ATOM   181 O OE1 . GLN A 1 26  ? -1.920  2.760   15.841  1.00 65.05  ? 101 GLN A OE1 1 
ATOM   182 N NE2 . GLN A 1 26  ? -4.014  3.436   15.385  1.00 63.03  ? 101 GLN A NE2 1 
ATOM   183 N N   . ASP A 1 27  ? 1.669   4.394   11.758  1.00 59.14  ? 102 ASP A N   1 
ATOM   184 C CA  . ASP A 1 27  ? 2.863   5.209   11.566  1.00 59.17  ? 102 ASP A CA  1 
ATOM   185 C C   . ASP A 1 27  ? 3.039   5.549   10.092  1.00 57.20  ? 102 ASP A C   1 
ATOM   186 O O   . ASP A 1 27  ? 3.515   6.628   9.751   1.00 56.24  ? 102 ASP A O   1 
ATOM   187 C CB  . ASP A 1 27  ? 4.120   4.487   12.068  1.00 63.19  ? 102 ASP A CB  1 
ATOM   188 C CG  . ASP A 1 27  ? 4.188   4.408   13.584  1.00 67.13  ? 102 ASP A CG  1 
ATOM   189 O OD1 . ASP A 1 27  ? 3.653   5.318   14.255  1.00 68.82  ? 102 ASP A OD1 1 
ATOM   190 O OD2 . ASP A 1 27  ? 4.792   3.446   14.106  1.00 68.13  ? 102 ASP A OD2 1 
ATOM   191 N N   . LEU A 1 28  ? 2.665   4.620   9.218   1.00 55.60  ? 103 LEU A N   1 
ATOM   192 C CA  . LEU A 1 28  ? 2.780   4.859   7.787   1.00 54.44  ? 103 LEU A CA  1 
ATOM   193 C C   . LEU A 1 28  ? 1.794   5.973   7.420   1.00 54.35  ? 103 LEU A C   1 
ATOM   194 O O   . LEU A 1 28  ? 2.136   6.905   6.693   1.00 53.86  ? 103 LEU A O   1 
ATOM   195 C CB  . LEU A 1 28  ? 2.435   3.589   7.005   1.00 52.77  ? 103 LEU A CB  1 
ATOM   196 C CG  . LEU A 1 28  ? 3.132   3.356   5.665   1.00 52.28  ? 103 LEU A CG  1 
ATOM   197 C CD1 . LEU A 1 28  ? 2.194   2.609   4.755   1.00 53.00  ? 103 LEU A CD1 1 
ATOM   198 C CD2 . LEU A 1 28  ? 3.535   4.659   5.020   1.00 49.42  ? 103 LEU A CD2 1 
ATOM   199 N N   . VAL A 1 29  ? 0.570   5.864   7.932   1.00 53.28  ? 104 VAL A N   1 
ATOM   200 C CA  . VAL A 1 29  ? -0.465  6.862   7.680   1.00 54.55  ? 104 VAL A CA  1 
ATOM   201 C C   . VAL A 1 29  ? 0.020   8.229   8.158   1.00 55.69  ? 104 VAL A C   1 
ATOM   202 O O   . VAL A 1 29  ? -0.131  9.238   7.468   1.00 55.95  ? 104 VAL A O   1 
ATOM   203 C CB  . VAL A 1 29  ? -1.784  6.497   8.410   1.00 53.84  ? 104 VAL A CB  1 
ATOM   204 C CG1 . VAL A 1 29  ? -2.723  7.701   8.450   1.00 52.66  ? 104 VAL A CG1 1 
ATOM   205 C CG2 . VAL A 1 29  ? -2.455  5.324   7.701   1.00 52.65  ? 104 VAL A CG2 1 
ATOM   206 N N   . SER A 1 30  ? 0.621   8.245   9.341   1.00 56.77  ? 105 SER A N   1 
ATOM   207 C CA  . SER A 1 30  ? 1.151   9.467   9.919   1.00 57.47  ? 105 SER A CA  1 
ATOM   208 C C   . SER A 1 30  ? 2.291   10.020  9.064   1.00 57.89  ? 105 SER A C   1 
ATOM   209 O O   . SER A 1 30  ? 2.358   11.221  8.790   1.00 59.45  ? 105 SER A O   1 
ATOM   210 C CB  . SER A 1 30  ? 1.653   9.178   11.328  1.00 57.84  ? 105 SER A CB  1 
ATOM   211 O OG  . SER A 1 30  ? 2.366   10.285  11.835  1.00 61.95  ? 105 SER A OG  1 
ATOM   212 N N   . TYR A 1 31  ? 3.185   9.134   8.638   1.00 57.81  ? 106 TYR A N   1 
ATOM   213 C CA  . TYR A 1 31  ? 4.327   9.519   7.817   1.00 57.49  ? 106 TYR A CA  1 
ATOM   214 C C   . TYR A 1 31  ? 3.876   10.108  6.487   1.00 58.17  ? 106 TYR A C   1 
ATOM   215 O O   . TYR A 1 31  ? 4.421   11.112  6.031   1.00 59.70  ? 106 TYR A O   1 
ATOM   216 C CB  . TYR A 1 31  ? 5.226   8.294   7.571   1.00 56.71  ? 106 TYR A CB  1 
ATOM   217 C CG  . TYR A 1 31  ? 6.449   8.553   6.708   1.00 55.27  ? 106 TYR A CG  1 
ATOM   218 C CD1 . TYR A 1 31  ? 6.342   8.682   5.325   1.00 54.51  ? 106 TYR A CD1 1 
ATOM   219 C CD2 . TYR A 1 31  ? 7.720   8.672   7.283   1.00 55.86  ? 106 TYR A CD2 1 
ATOM   220 C CE1 . TYR A 1 31  ? 7.464   8.920   4.535   1.00 55.48  ? 106 TYR A CE1 1 
ATOM   221 C CE2 . TYR A 1 31  ? 8.849   8.909   6.500   1.00 55.32  ? 106 TYR A CE2 1 
ATOM   222 C CZ  . TYR A 1 31  ? 8.713   9.032   5.133   1.00 55.45  ? 106 TYR A CZ  1 
ATOM   223 O OH  . TYR A 1 31  ? 9.826   9.256   4.361   1.00 57.52  ? 106 TYR A OH  1 
ATOM   224 N N   . LEU A 1 32  ? 2.883   9.474   5.870   1.00 58.94  ? 107 LEU A N   1 
ATOM   225 C CA  . LEU A 1 32  ? 2.355   9.909   4.582   1.00 59.81  ? 107 LEU A CA  1 
ATOM   226 C C   . LEU A 1 32  ? 1.713   11.289  4.627   1.00 61.67  ? 107 LEU A C   1 
ATOM   227 O O   . LEU A 1 32  ? 1.887   12.091  3.711   1.00 61.29  ? 107 LEU A O   1 
ATOM   228 C CB  . LEU A 1 32  ? 1.333   8.887   4.064   1.00 57.87  ? 107 LEU A CB  1 
ATOM   229 C CG  . LEU A 1 32  ? 1.890   7.510   3.676   1.00 56.21  ? 107 LEU A CG  1 
ATOM   230 C CD1 . LEU A 1 32  ? 0.754   6.511   3.488   1.00 54.32  ? 107 LEU A CD1 1 
ATOM   231 C CD2 . LEU A 1 32  ? 2.719   7.640   2.405   1.00 54.57  ? 107 LEU A CD2 1 
ATOM   232 N N   . GLU A 1 33  ? 0.970   11.566  5.690   1.00 63.95  ? 108 GLU A N   1 
ATOM   233 C CA  . GLU A 1 33  ? 0.310   12.853  5.817   1.00 66.67  ? 108 GLU A CA  1 
ATOM   234 C C   . GLU A 1 33  ? 1.239   13.936  6.372   1.00 68.64  ? 108 GLU A C   1 
ATOM   235 O O   . GLU A 1 33  ? 0.917   15.117  6.308   1.00 68.73  ? 108 GLU A O   1 
ATOM   236 C CB  . GLU A 1 33  ? -0.945  12.718  6.689   1.00 66.15  ? 108 GLU A CB  1 
ATOM   237 C CG  . GLU A 1 33  ? -0.687  12.263  8.120   1.00 67.62  ? 108 GLU A CG  1 
ATOM   238 C CD  . GLU A 1 33  ? -1.965  11.877  8.853   1.00 68.25  ? 108 GLU A CD  1 
ATOM   239 O OE1 . GLU A 1 33  ? -1.881  11.470  10.034  1.00 67.58  ? 108 GLU A OE1 1 
ATOM   240 O OE2 . GLU A 1 33  ? -3.053  11.975  8.244   1.00 66.91  ? 108 GLU A OE2 1 
ATOM   241 N N   . GLY A 1 34  ? 2.393   13.533  6.901   1.00 70.41  ? 109 GLY A N   1 
ATOM   242 C CA  . GLY A 1 34  ? 3.337   14.498  7.445   1.00 72.47  ? 109 GLY A CA  1 
ATOM   243 C C   . GLY A 1 34  ? 3.028   14.920  8.872   1.00 73.90  ? 109 GLY A C   1 
ATOM   244 O O   . GLY A 1 34  ? 3.168   14.140  9.818   1.00 75.74  ? 109 GLY A O   1 
ATOM   245 N N   . ALA A 1 53  ? -1.782  18.530  0.009   1.00 65.86  ? 128 ALA A N   1 
ATOM   246 C CA  . ALA A 1 53  ? -1.241  17.588  0.989   1.00 66.13  ? 128 ALA A CA  1 
ATOM   247 C C   . ALA A 1 53  ? -1.898  16.219  0.838   1.00 65.34  ? 128 ALA A C   1 
ATOM   248 O O   . ALA A 1 53  ? -3.033  16.116  0.379   1.00 66.16  ? 128 ALA A O   1 
ATOM   249 C CB  . ALA A 1 53  ? -1.459  18.118  2.409   1.00 65.08  ? 128 ALA A CB  1 
ATOM   250 N N   . ILE A 1 54  ? -1.182  15.175  1.242   1.00 63.68  ? 129 ILE A N   1 
ATOM   251 C CA  . ILE A 1 54  ? -1.689  13.810  1.139   1.00 61.30  ? 129 ILE A CA  1 
ATOM   252 C C   . ILE A 1 54  ? -2.670  13.454  2.250   1.00 59.89  ? 129 ILE A C   1 
ATOM   253 O O   . ILE A 1 54  ? -2.351  13.564  3.433   1.00 60.58  ? 129 ILE A O   1 
ATOM   254 C CB  . ILE A 1 54  ? -0.531  12.788  1.156   1.00 60.90  ? 129 ILE A CB  1 
ATOM   255 C CG1 . ILE A 1 54  ? 0.364   13.001  -0.065  1.00 60.43  ? 129 ILE A CG1 1 
ATOM   256 C CG2 . ILE A 1 54  ? -1.079  11.369  1.162   1.00 60.10  ? 129 ILE A CG2 1 
ATOM   257 C CD1 . ILE A 1 54  ? 1.540   12.044  -0.127  1.00 60.68  ? 129 ILE A CD1 1 
ATOM   258 N N   . VAL A 1 55  ? -3.869  13.034  1.859   1.00 57.71  ? 130 VAL A N   1 
ATOM   259 C CA  . VAL A 1 55  ? -4.902  12.633  2.809   1.00 55.70  ? 130 VAL A CA  1 
ATOM   260 C C   . VAL A 1 55  ? -4.831  11.110  2.939   1.00 54.75  ? 130 VAL A C   1 
ATOM   261 O O   . VAL A 1 55  ? -5.013  10.392  1.955   1.00 54.22  ? 130 VAL A O   1 
ATOM   262 C CB  . VAL A 1 55  ? -6.307  13.042  2.311   1.00 55.54  ? 130 VAL A CB  1 
ATOM   263 C CG1 . VAL A 1 55  ? -7.366  12.485  3.229   1.00 55.28  ? 130 VAL A CG1 1 
ATOM   264 C CG2 . VAL A 1 55  ? -6.424  14.551  2.268   1.00 56.73  ? 130 VAL A CG2 1 
ATOM   265 N N   . SER A 1 56  ? -4.575  10.621  4.152   1.00 53.94  ? 131 SER A N   1 
ATOM   266 C CA  . SER A 1 56  ? -4.444  9.188   4.378   1.00 53.74  ? 131 SER A CA  1 
ATOM   267 C C   . SER A 1 56  ? -5.336  8.641   5.474   1.00 53.81  ? 131 SER A C   1 
ATOM   268 O O   . SER A 1 56  ? -5.803  9.372   6.343   1.00 54.86  ? 131 SER A O   1 
ATOM   269 C CB  . SER A 1 56  ? -2.998  8.851   4.730   1.00 54.42  ? 131 SER A CB  1 
ATOM   270 O OG  . SER A 1 56  ? -2.100  9.567   3.904   1.00 58.10  ? 131 SER A OG  1 
ATOM   271 N N   . GLU A 1 57  ? -5.550  7.332   5.427   1.00 53.08  ? 132 GLU A N   1 
ATOM   272 C CA  . GLU A 1 57  ? -6.360  6.644   6.414   1.00 53.40  ? 132 GLU A CA  1 
ATOM   273 C C   . GLU A 1 57  ? -6.035  5.162   6.310   1.00 53.45  ? 132 GLU A C   1 
ATOM   274 O O   . GLU A 1 57  ? -5.302  4.743   5.415   1.00 53.88  ? 132 GLU A O   1 
ATOM   275 C CB  . GLU A 1 57  ? -7.848  6.837   6.120   1.00 53.76  ? 132 GLU A CB  1 
ATOM   276 C CG  . GLU A 1 57  ? -8.324  6.057   4.896   1.00 56.81  ? 132 GLU A CG  1 
ATOM   277 C CD  . GLU A 1 57  ? -9.835  5.888   4.841   1.00 60.49  ? 132 GLU A CD  1 
ATOM   278 O OE1 . GLU A 1 57  ? -10.516 6.229   5.833   1.00 62.45  ? 132 GLU A OE1 1 
ATOM   279 O OE2 . GLU A 1 57  ? -10.348 5.397   3.808   1.00 61.95  ? 132 GLU A OE2 1 
ATOM   280 N N   . LEU A 1 58  ? -6.577  4.375   7.233   1.00 53.31  ? 133 LEU A N   1 
ATOM   281 C CA  . LEU A 1 58  ? -6.399  2.927   7.210   1.00 54.54  ? 133 LEU A CA  1 
ATOM   282 C C   . LEU A 1 58  ? -7.521  2.439   6.290   1.00 55.68  ? 133 LEU A C   1 
ATOM   283 O O   . LEU A 1 58  ? -8.647  2.925   6.397   1.00 55.90  ? 133 LEU A O   1 
ATOM   284 C CB  . LEU A 1 58  ? -6.586  2.346   8.613   1.00 52.10  ? 133 LEU A CB  1 
ATOM   285 C CG  . LEU A 1 58  ? -5.649  2.875   9.705   1.00 51.89  ? 133 LEU A CG  1 
ATOM   286 C CD1 . LEU A 1 58  ? -6.126  2.354   11.045  1.00 50.37  ? 133 LEU A CD1 1 
ATOM   287 C CD2 . LEU A 1 58  ? -4.208  2.448   9.449   1.00 49.62  ? 133 LEU A CD2 1 
ATOM   288 N N   . CYS A 1 59  ? -7.232  1.504   5.389   1.00 56.60  ? 134 CYS A N   1 
ATOM   289 C CA  . CYS A 1 59  ? -8.273  1.024   4.483   1.00 60.93  ? 134 CYS A CA  1 
ATOM   290 C C   . CYS A 1 59  ? -9.372  0.302   5.249   1.00 64.17  ? 134 CYS A C   1 
ATOM   291 O O   . CYS A 1 59  ? -9.126  -0.336  6.273   1.00 63.96  ? 134 CYS A O   1 
ATOM   292 C CB  . CYS A 1 59  ? -7.711  0.075   3.415   1.00 59.36  ? 134 CYS A CB  1 
ATOM   293 S SG  . CYS A 1 59  ? -6.300  0.689   2.434   1.00 61.32  ? 134 CYS A SG  1 
ATOM   294 N N   . GLN A 1 60  ? -10.592 0.421   4.745   1.00 68.80  ? 135 GLN A N   1 
ATOM   295 C CA  . GLN A 1 60  ? -11.745 -0.223  5.353   1.00 74.11  ? 135 GLN A CA  1 
ATOM   296 C C   . GLN A 1 60  ? -12.716 -0.610  4.250   1.00 76.32  ? 135 GLN A C   1 
ATOM   297 O O   . GLN A 1 60  ? -12.498 -0.282  3.081   1.00 76.14  ? 135 GLN A O   1 
ATOM   298 C CB  . GLN A 1 60  ? -12.413 0.731   6.344   1.00 76.19  ? 135 GLN A CB  1 
ATOM   299 C CG  . GLN A 1 60  ? -11.556 1.027   7.564   1.00 79.48  ? 135 GLN A CG  1 
ATOM   300 C CD  . GLN A 1 60  ? -11.945 2.314   8.255   1.00 81.92  ? 135 GLN A CD  1 
ATOM   301 O OE1 . GLN A 1 60  ? -11.836 3.399   7.681   1.00 83.90  ? 135 GLN A OE1 1 
ATOM   302 N NE2 . GLN A 1 60  ? -12.408 2.201   9.492   1.00 82.48  ? 135 GLN A NE2 1 
ATOM   303 N N   . ALA A 1 61  ? -13.781 -1.313  4.623   1.00 79.08  ? 136 ALA A N   1 
ATOM   304 C CA  . ALA A 1 61  ? -14.782 -1.754  3.658   1.00 82.29  ? 136 ALA A CA  1 
ATOM   305 C C   . ALA A 1 61  ? -15.193 -0.631  2.703   1.00 83.94  ? 136 ALA A C   1 
ATOM   306 O O   . ALA A 1 61  ? -14.941 -0.708  1.497   1.00 84.51  ? 136 ALA A O   1 
ATOM   307 C CB  . ALA A 1 61  ? -16.015 -2.303  4.397   1.00 81.62  ? 136 ALA A CB  1 
ATOM   308 N N   . LEU A 1 62  ? -15.810 0.413   3.251   1.00 85.34  ? 137 LEU A N   1 
ATOM   309 C CA  . LEU A 1 62  ? -16.278 1.549   2.454   1.00 85.98  ? 137 LEU A CA  1 
ATOM   310 C C   . LEU A 1 62  ? -15.155 2.500   2.025   1.00 84.81  ? 137 LEU A C   1 
ATOM   311 O O   . LEU A 1 62  ? -15.421 3.565   1.459   1.00 84.64  ? 137 LEU A O   1 
ATOM   312 C CB  . LEU A 1 62  ? -17.345 2.324   3.239   1.00 88.15  ? 137 LEU A CB  1 
ATOM   313 C CG  . LEU A 1 62  ? -18.171 3.380   2.492   1.00 90.37  ? 137 LEU A CG  1 
ATOM   314 C CD1 . LEU A 1 62  ? -18.927 2.723   1.338   1.00 90.85  ? 137 LEU A CD1 1 
ATOM   315 C CD2 . LEU A 1 62  ? -19.143 4.051   3.460   1.00 90.63  ? 137 LEU A CD2 1 
ATOM   316 N N   . SER A 1 63  ? -13.907 2.111   2.285   1.00 82.07  ? 138 SER A N   1 
ATOM   317 C CA  . SER A 1 63  ? -12.755 2.937   1.922   1.00 79.25  ? 138 SER A CA  1 
ATOM   318 C C   . SER A 1 63  ? -12.435 2.913   0.429   1.00 76.94  ? 138 SER A C   1 
ATOM   319 O O   . SER A 1 63  ? -12.373 1.849   -0.199  1.00 77.05  ? 138 SER A O   1 
ATOM   320 C CB  . SER A 1 63  ? -11.499 2.509   2.699   1.00 79.36  ? 138 SER A CB  1 
ATOM   321 O OG  . SER A 1 63  ? -11.554 2.900   4.061   1.00 78.77  ? 138 SER A OG  1 
ATOM   322 N N   . SER A 1 64  ? -12.241 4.105   -0.126  1.00 72.38  ? 139 SER A N   1 
ATOM   323 C CA  . SER A 1 64  ? -11.887 4.255   -1.527  1.00 68.26  ? 139 SER A CA  1 
ATOM   324 C C   . SER A 1 64  ? -10.937 5.446   -1.685  1.00 64.92  ? 139 SER A C   1 
ATOM   325 O O   . SER A 1 64  ? -11.257 6.586   -1.333  1.00 62.76  ? 139 SER A O   1 
ATOM   326 C CB  . SER A 1 64  ? -13.138 4.438   -2.387  1.00 69.47  ? 139 SER A CB  1 
ATOM   327 O OG  . SER A 1 64  ? -12.837 4.173   -3.747  1.00 70.79  ? 139 SER A OG  1 
ATOM   328 N N   . SER A 1 65  ? -9.754  5.162   -2.212  1.00 60.91  ? 140 SER A N   1 
ATOM   329 C CA  . SER A 1 65  ? -8.733  6.176   -2.396  1.00 57.83  ? 140 SER A CA  1 
ATOM   330 C C   . SER A 1 65  ? -8.036  5.949   -3.725  1.00 55.43  ? 140 SER A C   1 
ATOM   331 O O   . SER A 1 65  ? -8.288  4.956   -4.398  1.00 53.99  ? 140 SER A O   1 
ATOM   332 C CB  . SER A 1 65  ? -7.718  6.083   -1.256  1.00 56.65  ? 140 SER A CB  1 
ATOM   333 O OG  . SER A 1 65  ? -7.247  4.752   -1.125  1.00 56.59  ? 140 SER A OG  1 
ATOM   334 N N   . HIS A 1 66  ? -7.160  6.872   -4.100  1.00 53.99  ? 141 HIS A N   1 
ATOM   335 C CA  . HIS A 1 66  ? -6.427  6.752   -5.349  1.00 54.97  ? 141 HIS A CA  1 
ATOM   336 C C   . HIS A 1 66  ? -5.393  5.633   -5.241  1.00 55.09  ? 141 HIS A C   1 
ATOM   337 O O   . HIS A 1 66  ? -5.263  4.797   -6.137  1.00 54.85  ? 141 HIS A O   1 
ATOM   338 C CB  . HIS A 1 66  ? -5.722  8.069   -5.674  1.00 54.35  ? 141 HIS A CB  1 
ATOM   339 C CG  . HIS A 1 66  ? -6.658  9.188   -6.013  1.00 55.94  ? 141 HIS A CG  1 
ATOM   340 N ND1 . HIS A 1 66  ? -7.634  9.071   -6.979  1.00 56.09  ? 141 HIS A ND1 1 
ATOM   341 C CD2 . HIS A 1 66  ? -6.758  10.448  -5.528  1.00 55.90  ? 141 HIS A CD2 1 
ATOM   342 C CE1 . HIS A 1 66  ? -8.293  10.211  -7.076  1.00 56.81  ? 141 HIS A CE1 1 
ATOM   343 N NE2 . HIS A 1 66  ? -7.782  11.064  -6.208  1.00 57.33  ? 141 HIS A NE2 1 
ATOM   344 N N   . CYS A 1 67  ? -4.656  5.629   -4.136  1.00 54.02  ? 142 CYS A N   1 
ATOM   345 C CA  . CYS A 1 67  ? -3.632  4.626   -3.909  1.00 53.86  ? 142 CYS A CA  1 
ATOM   346 C C   . CYS A 1 67  ? -3.930  3.727   -2.720  1.00 52.74  ? 142 CYS A C   1 
ATOM   347 O O   . CYS A 1 67  ? -4.507  4.158   -1.722  1.00 51.16  ? 142 CYS A O   1 
ATOM   348 C CB  . CYS A 1 67  ? -2.272  5.294   -3.684  1.00 54.65  ? 142 CYS A CB  1 
ATOM   349 S SG  . CYS A 1 67  ? -1.570  6.110   -5.151  1.00 57.38  ? 142 CYS A SG  1 
ATOM   350 N N   . ARG A 1 68  ? -3.533  2.469   -2.835  1.00 51.15  ? 143 ARG A N   1 
ATOM   351 C CA  . ARG A 1 68  ? -3.727  1.533   -1.746  1.00 50.62  ? 143 ARG A CA  1 
ATOM   352 C C   . ARG A 1 68  ? -2.381  0.879   -1.427  1.00 48.70  ? 143 ARG A C   1 
ATOM   353 O O   . ARG A 1 68  ? -1.743  0.285   -2.294  1.00 47.98  ? 143 ARG A O   1 
ATOM   354 C CB  . ARG A 1 68  ? -4.783  0.481   -2.111  1.00 51.09  ? 143 ARG A CB  1 
ATOM   355 C CG  . ARG A 1 68  ? -5.039  -0.505  -0.980  1.00 59.17  ? 143 ARG A CG  1 
ATOM   356 C CD  . ARG A 1 68  ? -6.279  -1.395  -1.165  1.00 62.25  ? 143 ARG A CD  1 
ATOM   357 N NE  . ARG A 1 68  ? -7.537  -0.684  -0.933  1.00 66.09  ? 143 ARG A NE  1 
ATOM   358 C CZ  . ARG A 1 68  ? -8.663  -1.268  -0.526  1.00 68.37  ? 143 ARG A CZ  1 
ATOM   359 N NH1 . ARG A 1 68  ? -8.686  -2.576  -0.303  1.00 69.05  ? 143 ARG A NH1 1 
ATOM   360 N NH2 . ARG A 1 68  ? -9.768  -0.550  -0.344  1.00 69.29  ? 143 ARG A NH2 1 
ATOM   361 N N   . VAL A 1 69  ? -1.931  1.040   -0.188  1.00 46.91  ? 144 VAL A N   1 
ATOM   362 C CA  . VAL A 1 69  ? -0.677  0.448   0.238   1.00 45.41  ? 144 VAL A CA  1 
ATOM   363 C C   . VAL A 1 69  ? -0.937  -0.892  0.934   1.00 45.73  ? 144 VAL A C   1 
ATOM   364 O O   . VAL A 1 69  ? -1.716  -0.967  1.886   1.00 46.86  ? 144 VAL A O   1 
ATOM   365 C CB  . VAL A 1 69  ? 0.077   1.364   1.211   1.00 44.64  ? 144 VAL A CB  1 
ATOM   366 C CG1 . VAL A 1 69  ? 1.363   0.688   1.658   1.00 44.11  ? 144 VAL A CG1 1 
ATOM   367 C CG2 . VAL A 1 69  ? 0.378   2.707   0.542   1.00 44.99  ? 144 VAL A CG2 1 
ATOM   368 N N   . LEU A 1 70  ? -0.292  -1.943  0.442   1.00 44.15  ? 145 LEU A N   1 
ATOM   369 C CA  . LEU A 1 70  ? -0.426  -3.277  1.016   1.00 44.15  ? 145 LEU A CA  1 
ATOM   370 C C   . LEU A 1 70  ? 0.735   -3.509  1.976   1.00 44.06  ? 145 LEU A C   1 
ATOM   371 O O   . LEU A 1 70  ? 1.885   -3.640  1.554   1.00 44.57  ? 145 LEU A O   1 
ATOM   372 C CB  . LEU A 1 70  ? -0.394  -4.336  -0.092  1.00 41.80  ? 145 LEU A CB  1 
ATOM   373 C CG  . LEU A 1 70  ? -1.487  -4.230  -1.155  1.00 42.76  ? 145 LEU A CG  1 
ATOM   374 C CD1 . LEU A 1 70  ? -1.244  -5.268  -2.253  1.00 43.32  ? 145 LEU A CD1 1 
ATOM   375 C CD2 . LEU A 1 70  ? -2.858  -4.426  -0.508  1.00 43.66  ? 145 LEU A CD2 1 
ATOM   376 N N   . LEU A 1 71  ? 0.436   -3.545  3.267   1.00 44.43  ? 146 LEU A N   1 
ATOM   377 C CA  . LEU A 1 71  ? 1.464   -3.761  4.277   1.00 45.30  ? 146 LEU A CA  1 
ATOM   378 C C   . LEU A 1 71  ? 1.640   -5.268  4.435   1.00 46.66  ? 146 LEU A C   1 
ATOM   379 O O   . LEU A 1 71  ? 1.116   -5.881  5.366   1.00 47.07  ? 146 LEU A O   1 
ATOM   380 C CB  . LEU A 1 71  ? 1.046   -3.118  5.604   1.00 44.94  ? 146 LEU A CB  1 
ATOM   381 C CG  . LEU A 1 71  ? 2.063   -3.156  6.750   1.00 46.12  ? 146 LEU A CG  1 
ATOM   382 C CD1 . LEU A 1 71  ? 3.406   -2.630  6.263   1.00 48.72  ? 146 LEU A CD1 1 
ATOM   383 C CD2 . LEU A 1 71  ? 1.567   -2.317  7.920   1.00 44.13  ? 146 LEU A CD2 1 
ATOM   384 N N   . ILE A 1 72  ? 2.372   -5.856  3.496   1.00 45.45  ? 147 ILE A N   1 
ATOM   385 C CA  . ILE A 1 72  ? 2.621   -7.284  3.488   1.00 46.91  ? 147 ILE A CA  1 
ATOM   386 C C   . ILE A 1 72  ? 3.614   -7.711  4.575   1.00 48.31  ? 147 ILE A C   1 
ATOM   387 O O   . ILE A 1 72  ? 4.826   -7.500  4.469   1.00 47.03  ? 147 ILE A O   1 
ATOM   388 C CB  . ILE A 1 72  ? 3.121   -7.726  2.101   1.00 45.95  ? 147 ILE A CB  1 
ATOM   389 C CG1 . ILE A 1 72  ? 2.115   -7.277  1.034   1.00 44.75  ? 147 ILE A CG1 1 
ATOM   390 C CG2 . ILE A 1 72  ? 3.323   -9.231  2.067   1.00 44.21  ? 147 ILE A CG2 1 
ATOM   391 C CD1 . ILE A 1 72  ? 2.481   -7.706  -0.370  1.00 45.76  ? 147 ILE A CD1 1 
ATOM   392 N N   . THR A 1 73  ? 3.073   -8.301  5.633   1.00 48.73  ? 148 THR A N   1 
ATOM   393 C CA  . THR A 1 73  ? 3.875   -8.765  6.752   1.00 49.99  ? 148 THR A CA  1 
ATOM   394 C C   . THR A 1 73  ? 3.593   -10.253 6.964   1.00 51.15  ? 148 THR A C   1 
ATOM   395 O O   . THR A 1 73  ? 2.784   -10.843 6.242   1.00 50.66  ? 148 THR A O   1 
ATOM   396 C CB  . THR A 1 73  ? 3.489   -8.018  8.018   1.00 48.39  ? 148 THR A CB  1 
ATOM   397 O OG1 . THR A 1 73  ? 2.091   -8.213  8.257   1.00 49.64  ? 148 THR A OG1 1 
ATOM   398 C CG2 . THR A 1 73  ? 3.780   -6.529  7.872   1.00 47.99  ? 148 THR A CG2 1 
ATOM   399 N N   . PRO A 1 74  ? 4.271   -10.882 7.945   1.00 52.45  ? 149 PRO A N   1 
ATOM   400 C CA  . PRO A 1 74  ? 4.046   -12.307 8.212   1.00 52.77  ? 149 PRO A CA  1 
ATOM   401 C C   . PRO A 1 74  ? 2.568   -12.554 8.530   1.00 53.10  ? 149 PRO A C   1 
ATOM   402 O O   . PRO A 1 74  ? 1.975   -13.521 8.057   1.00 53.35  ? 149 PRO A O   1 
ATOM   403 C CB  . PRO A 1 74  ? 4.947   -12.577 9.418   1.00 53.43  ? 149 PRO A CB  1 
ATOM   404 C CG  . PRO A 1 74  ? 6.112   -11.654 9.176   1.00 53.64  ? 149 PRO A CG  1 
ATOM   405 C CD  . PRO A 1 74  ? 5.411   -10.372 8.735   1.00 52.89  ? 149 PRO A CD  1 
ATOM   406 N N   . GLY A 1 75  ? 1.983   -11.664 9.328   1.00 52.79  ? 150 GLY A N   1 
ATOM   407 C CA  . GLY A 1 75  ? 0.585   -11.799 9.689   1.00 52.79  ? 150 GLY A CA  1 
ATOM   408 C C   . GLY A 1 75  ? -0.327  -11.617 8.494   1.00 53.78  ? 150 GLY A C   1 
ATOM   409 O O   . GLY A 1 75  ? -1.368  -12.267 8.382   1.00 54.83  ? 150 GLY A O   1 
ATOM   410 N N   . PHE A 1 76  ? 0.074   -10.732 7.588   1.00 53.22  ? 151 PHE A N   1 
ATOM   411 C CA  . PHE A 1 76  ? -0.705  -10.455 6.391   1.00 51.14  ? 151 PHE A CA  1 
ATOM   412 C C   . PHE A 1 76  ? -0.756  -11.670 5.477   1.00 52.98  ? 151 PHE A C   1 
ATOM   413 O O   . PHE A 1 76  ? -1.828  -12.073 5.029   1.00 52.58  ? 151 PHE A O   1 
ATOM   414 C CB  . PHE A 1 76  ? -0.103  -9.257  5.650   1.00 49.19  ? 151 PHE A CB  1 
ATOM   415 C CG  . PHE A 1 76  ? -0.883  -8.831  4.438   1.00 45.36  ? 151 PHE A CG  1 
ATOM   416 C CD1 . PHE A 1 76  ? -0.676  -9.439  3.209   1.00 43.68  ? 151 PHE A CD1 1 
ATOM   417 C CD2 . PHE A 1 76  ? -1.815  -7.808  4.528   1.00 45.11  ? 151 PHE A CD2 1 
ATOM   418 C CE1 . PHE A 1 76  ? -1.383  -9.027  2.085   1.00 44.02  ? 151 PHE A CE1 1 
ATOM   419 C CE2 . PHE A 1 76  ? -2.523  -7.390  3.412   1.00 44.31  ? 151 PHE A CE2 1 
ATOM   420 C CZ  . PHE A 1 76  ? -2.310  -8.000  2.190   1.00 43.56  ? 151 PHE A CZ  1 
ATOM   421 N N   . LEU A 1 77  ? 0.407   -12.256 5.205   1.00 54.55  ? 152 LEU A N   1 
ATOM   422 C CA  . LEU A 1 77  ? 0.488   -13.419 4.327   1.00 56.89  ? 152 LEU A CA  1 
ATOM   423 C C   . LEU A 1 77  ? -0.219  -14.650 4.893   1.00 59.18  ? 152 LEU A C   1 
ATOM   424 O O   . LEU A 1 77  ? -0.683  -15.508 4.141   1.00 59.24  ? 152 LEU A O   1 
ATOM   425 C CB  . LEU A 1 77  ? 1.953   -13.746 4.027   1.00 55.30  ? 152 LEU A CB  1 
ATOM   426 C CG  . LEU A 1 77  ? 2.732   -12.715 3.204   1.00 54.63  ? 152 LEU A CG  1 
ATOM   427 C CD1 . LEU A 1 77  ? 4.202   -13.111 3.184   1.00 54.18  ? 152 LEU A CD1 1 
ATOM   428 C CD2 . LEU A 1 77  ? 2.165   -12.632 1.786   1.00 51.66  ? 152 LEU A CD2 1 
ATOM   429 N N   . GLN A 1 78  ? -0.306  -14.729 6.216   1.00 61.88  ? 153 GLN A N   1 
ATOM   430 C CA  . GLN A 1 78  ? -0.963  -15.860 6.859   1.00 65.57  ? 153 GLN A CA  1 
ATOM   431 C C   . GLN A 1 78  ? -2.481  -15.719 6.861   1.00 64.87  ? 153 GLN A C   1 
ATOM   432 O O   . GLN A 1 78  ? -3.198  -16.712 6.954   1.00 64.70  ? 153 GLN A O   1 
ATOM   433 C CB  . GLN A 1 78  ? -0.488  -16.012 8.307   1.00 69.11  ? 153 GLN A CB  1 
ATOM   434 C CG  . GLN A 1 78  ? 0.966   -16.425 8.464   1.00 76.47  ? 153 GLN A CG  1 
ATOM   435 C CD  . GLN A 1 78  ? 1.337   -16.716 9.913   1.00 80.03  ? 153 GLN A CD  1 
ATOM   436 O OE1 . GLN A 1 78  ? 0.807   -17.646 10.527  1.00 82.15  ? 153 GLN A OE1 1 
ATOM   437 N NE2 . GLN A 1 78  ? 2.244   -15.917 10.468  1.00 81.04  ? 153 GLN A NE2 1 
ATOM   438 N N   . ASP A 1 79  ? -2.963  -14.484 6.752   1.00 63.90  ? 154 ASP A N   1 
ATOM   439 C CA  . ASP A 1 79  ? -4.394  -14.212 6.777   1.00 62.34  ? 154 ASP A CA  1 
ATOM   440 C C   . ASP A 1 79  ? -5.076  -14.362 5.416   1.00 61.37  ? 154 ASP A C   1 
ATOM   441 O O   . ASP A 1 79  ? -4.782  -13.639 4.467   1.00 60.90  ? 154 ASP A O   1 
ATOM   442 C CB  . ASP A 1 79  ? -4.624  -12.808 7.328   1.00 63.63  ? 154 ASP A CB  1 
ATOM   443 C CG  . ASP A 1 79  ? -6.066  -12.553 7.690   1.00 64.50  ? 154 ASP A CG  1 
ATOM   444 O OD1 . ASP A 1 79  ? -6.954  -12.784 6.841   1.00 64.51  ? 154 ASP A OD1 1 
ATOM   445 O OD2 . ASP A 1 79  ? -6.306  -12.109 8.832   1.00 65.78  ? 154 ASP A OD2 1 
ATOM   446 N N   . PRO A 1 80  ? -6.017  -15.311 5.315   1.00 60.09  ? 155 PRO A N   1 
ATOM   447 C CA  . PRO A 1 80  ? -6.767  -15.589 4.085   1.00 58.75  ? 155 PRO A CA  1 
ATOM   448 C C   . PRO A 1 80  ? -7.493  -14.372 3.522   1.00 57.64  ? 155 PRO A C   1 
ATOM   449 O O   . PRO A 1 80  ? -7.524  -14.166 2.308   1.00 57.22  ? 155 PRO A O   1 
ATOM   450 C CB  . PRO A 1 80  ? -7.740  -16.680 4.516   1.00 58.60  ? 155 PRO A CB  1 
ATOM   451 C CG  . PRO A 1 80  ? -7.001  -17.385 5.596   1.00 59.13  ? 155 PRO A CG  1 
ATOM   452 C CD  . PRO A 1 80  ? -6.394  -16.255 6.382   1.00 59.29  ? 155 PRO A CD  1 
ATOM   453 N N   . TRP A 1 81  ? -8.093  -13.578 4.403   1.00 56.49  ? 156 TRP A N   1 
ATOM   454 C CA  . TRP A 1 81  ? -8.816  -12.384 3.982   1.00 56.11  ? 156 TRP A CA  1 
ATOM   455 C C   . TRP A 1 81  ? -7.829  -11.316 3.481   1.00 54.99  ? 156 TRP A C   1 
ATOM   456 O O   . TRP A 1 81  ? -8.116  -10.597 2.521   1.00 52.30  ? 156 TRP A O   1 
ATOM   457 C CB  . TRP A 1 81  ? -9.662  -11.853 5.147   1.00 56.63  ? 156 TRP A CB  1 
ATOM   458 C CG  . TRP A 1 81  ? -10.491 -10.652 4.804   1.00 58.03  ? 156 TRP A CG  1 
ATOM   459 C CD1 . TRP A 1 81  ? -10.437 -9.425  5.401   1.00 58.25  ? 156 TRP A CD1 1 
ATOM   460 C CD2 . TRP A 1 81  ? -11.482 -10.551 3.771   1.00 58.28  ? 156 TRP A CD2 1 
ATOM   461 N NE1 . TRP A 1 81  ? -11.329 -8.566  4.803   1.00 58.74  ? 156 TRP A NE1 1 
ATOM   462 C CE2 . TRP A 1 81  ? -11.986 -9.231  3.800   1.00 59.18  ? 156 TRP A CE2 1 
ATOM   463 C CE3 . TRP A 1 81  ? -11.996 -11.449 2.823   1.00 60.41  ? 156 TRP A CE3 1 
ATOM   464 C CZ2 . TRP A 1 81  ? -12.977 -8.782  2.914   1.00 59.47  ? 156 TRP A CZ2 1 
ATOM   465 C CZ3 . TRP A 1 81  ? -12.984 -11.002 1.939   1.00 60.83  ? 156 TRP A CZ3 1 
ATOM   466 C CH2 . TRP A 1 81  ? -13.463 -9.681  1.996   1.00 60.71  ? 156 TRP A CH2 1 
ATOM   467 N N   . CYS A 1 82  ? -6.670  -11.219 4.129   1.00 54.15  ? 157 CYS A N   1 
ATOM   468 C CA  . CYS A 1 82  ? -5.646  -10.267 3.705   1.00 54.09  ? 157 CYS A CA  1 
ATOM   469 C C   . CYS A 1 82  ? -5.198  -10.631 2.293   1.00 53.09  ? 157 CYS A C   1 
ATOM   470 O O   . CYS A 1 82  ? -5.133  -9.770  1.418   1.00 53.05  ? 157 CYS A O   1 
ATOM   471 C CB  . CYS A 1 82  ? -4.432  -10.315 4.634   1.00 54.47  ? 157 CYS A CB  1 
ATOM   472 S SG  . CYS A 1 82  ? -4.733  -9.704  6.299   1.00 58.19  ? 157 CYS A SG  1 
ATOM   473 N N   . LYS A 1 83  ? -4.892  -11.911 2.084   1.00 51.94  ? 158 LYS A N   1 
ATOM   474 C CA  . LYS A 1 83  ? -4.448  -12.397 0.780   1.00 51.70  ? 158 LYS A CA  1 
ATOM   475 C C   . LYS A 1 83  ? -5.495  -12.164 -0.294  1.00 52.75  ? 158 LYS A C   1 
ATOM   476 O O   . LYS A 1 83  ? -5.171  -11.775 -1.416  1.00 54.16  ? 158 LYS A O   1 
ATOM   477 C CB  . LYS A 1 83  ? -4.099  -13.887 0.849   1.00 49.71  ? 158 LYS A CB  1 
ATOM   478 C CG  . LYS A 1 83  ? -2.850  -14.180 1.664   1.00 47.46  ? 158 LYS A CG  1 
ATOM   479 C CD  . LYS A 1 83  ? -1.648  -13.369 1.171   1.00 47.69  ? 158 LYS A CD  1 
ATOM   480 C CE  . LYS A 1 83  ? -1.381  -13.573 -0.316  1.00 47.54  ? 158 LYS A CE  1 
ATOM   481 N NZ  . LYS A 1 83  ? -0.995  -14.975 -0.636  1.00 46.92  ? 158 LYS A NZ  1 
ATOM   482 N N   . TYR A 1 84  ? -6.754  -12.410 0.047   1.00 54.59  ? 159 TYR A N   1 
ATOM   483 C CA  . TYR A 1 84  ? -7.838  -12.193 -0.897  1.00 57.15  ? 159 TYR A CA  1 
ATOM   484 C C   . TYR A 1 84  ? -7.941  -10.696 -1.231  1.00 58.04  ? 159 TYR A C   1 
ATOM   485 O O   . TYR A 1 84  ? -8.151  -10.328 -2.386  1.00 58.69  ? 159 TYR A O   1 
ATOM   486 C CB  . TYR A 1 84  ? -9.157  -12.685 -0.305  1.00 58.54  ? 159 TYR A CB  1 
ATOM   487 C CG  . TYR A 1 84  ? -10.316 -12.566 -1.258  1.00 60.71  ? 159 TYR A CG  1 
ATOM   488 C CD1 . TYR A 1 84  ? -10.398 -13.379 -2.387  1.00 62.05  ? 159 TYR A CD1 1 
ATOM   489 C CD2 . TYR A 1 84  ? -11.335 -11.637 -1.038  1.00 62.39  ? 159 TYR A CD2 1 
ATOM   490 C CE1 . TYR A 1 84  ? -11.468 -13.274 -3.279  1.00 64.19  ? 159 TYR A CE1 1 
ATOM   491 C CE2 . TYR A 1 84  ? -12.413 -11.520 -1.923  1.00 63.67  ? 159 TYR A CE2 1 
ATOM   492 C CZ  . TYR A 1 84  ? -12.471 -12.343 -3.043  1.00 64.86  ? 159 TYR A CZ  1 
ATOM   493 O OH  . TYR A 1 84  ? -13.518 -12.224 -3.934  1.00 66.73  ? 159 TYR A OH  1 
ATOM   494 N N   . GLN A 1 85  ? -7.798  -9.843  -0.216  1.00 59.23  ? 160 GLN A N   1 
ATOM   495 C CA  . GLN A 1 85  ? -7.848  -8.391  -0.409  1.00 60.19  ? 160 GLN A CA  1 
ATOM   496 C C   . GLN A 1 85  ? -6.692  -7.935  -1.298  1.00 60.11  ? 160 GLN A C   1 
ATOM   497 O O   . GLN A 1 85  ? -6.852  -7.051  -2.141  1.00 59.26  ? 160 GLN A O   1 
ATOM   498 C CB  . GLN A 1 85  ? -7.784  -7.666  0.943   1.00 60.97  ? 160 GLN A CB  1 
ATOM   499 C CG  . GLN A 1 85  ? -9.094  -7.707  1.717   1.00 64.04  ? 160 GLN A CG  1 
ATOM   500 C CD  . GLN A 1 85  ? -10.241 -7.053  0.959   1.00 66.04  ? 160 GLN A CD  1 
ATOM   501 O OE1 . GLN A 1 85  ? -10.209 -5.853  0.676   1.00 66.71  ? 160 GLN A OE1 1 
ATOM   502 N NE2 . GLN A 1 85  ? -11.257 -7.841  0.622   1.00 68.34  ? 160 GLN A NE2 1 
ATOM   503 N N   . MET A 1 86  ? -5.527  -8.544  -1.099  1.00 59.83  ? 161 MET A N   1 
ATOM   504 C CA  . MET A 1 86  ? -4.352  -8.231  -1.899  1.00 60.87  ? 161 MET A CA  1 
ATOM   505 C C   . MET A 1 86  ? -4.673  -8.584  -3.343  1.00 62.12  ? 161 MET A C   1 
ATOM   506 O O   . MET A 1 86  ? -4.335  -7.850  -4.265  1.00 61.48  ? 161 MET A O   1 
ATOM   507 C CB  . MET A 1 86  ? -3.153  -9.062  -1.439  1.00 60.82  ? 161 MET A CB  1 
ATOM   508 C CG  . MET A 1 86  ? -1.940  -8.959  -2.350  1.00 60.95  ? 161 MET A CG  1 
ATOM   509 S SD  . MET A 1 86  ? -0.533  -9.928  -1.762  1.00 64.42  ? 161 MET A SD  1 
ATOM   510 C CE  . MET A 1 86  ? -0.240  -11.008 -3.171  1.00 63.66  ? 161 MET A CE  1 
ATOM   511 N N   . LEU A 1 87  ? -5.335  -9.724  -3.519  1.00 63.42  ? 162 LEU A N   1 
ATOM   512 C CA  . LEU A 1 87  ? -5.723  -10.209 -4.833  1.00 64.49  ? 162 LEU A CA  1 
ATOM   513 C C   . LEU A 1 87  ? -6.666  -9.217  -5.499  1.00 65.32  ? 162 LEU A C   1 
ATOM   514 O O   . LEU A 1 87  ? -6.463  -8.843  -6.651  1.00 65.40  ? 162 LEU A O   1 
ATOM   515 C CB  . LEU A 1 87  ? -6.398  -11.578 -4.696  1.00 65.55  ? 162 LEU A CB  1 
ATOM   516 C CG  . LEU A 1 87  ? -6.654  -12.429 -5.940  1.00 65.90  ? 162 LEU A CG  1 
ATOM   517 C CD1 . LEU A 1 87  ? -7.830  -11.876 -6.725  1.00 67.73  ? 162 LEU A CD1 1 
ATOM   518 C CD2 . LEU A 1 87  ? -5.392  -12.472 -6.786  1.00 65.73  ? 162 LEU A CD2 1 
ATOM   519 N N   . GLN A 1 88  ? -7.695  -8.792  -4.772  1.00 66.80  ? 163 GLN A N   1 
ATOM   520 C CA  . GLN A 1 88  ? -8.654  -7.840  -5.317  1.00 69.27  ? 163 GLN A CA  1 
ATOM   521 C C   . GLN A 1 88  ? -8.001  -6.490  -5.536  1.00 69.53  ? 163 GLN A C   1 
ATOM   522 O O   . GLN A 1 88  ? -8.343  -5.776  -6.476  1.00 68.83  ? 163 GLN A O   1 
ATOM   523 C CB  . GLN A 1 88  ? -9.860  -7.683  -4.393  1.00 70.95  ? 163 GLN A CB  1 
ATOM   524 C CG  . GLN A 1 88  ? -10.806 -8.864  -4.431  1.00 75.18  ? 163 GLN A CG  1 
ATOM   525 C CD  . GLN A 1 88  ? -12.213 -8.494  -4.000  1.00 78.11  ? 163 GLN A CD  1 
ATOM   526 O OE1 . GLN A 1 88  ? -12.467 -8.199  -2.830  1.00 79.86  ? 163 GLN A OE1 1 
ATOM   527 N NE2 . GLN A 1 88  ? -13.138 -8.500  -4.952  1.00 79.10  ? 163 GLN A NE2 1 
ATOM   528 N N   . ALA A 1 89  ? -7.064  -6.142  -4.659  1.00 70.23  ? 164 ALA A N   1 
ATOM   529 C CA  . ALA A 1 89  ? -6.348  -4.879  -4.781  1.00 71.46  ? 164 ALA A CA  1 
ATOM   530 C C   . ALA A 1 89  ? -5.615  -4.866  -6.121  1.00 72.20  ? 164 ALA A C   1 
ATOM   531 O O   . ALA A 1 89  ? -5.583  -3.851  -6.807  1.00 70.80  ? 164 ALA A O   1 
ATOM   532 C CB  . ALA A 1 89  ? -5.353  -4.721  -3.632  1.00 70.12  ? 164 ALA A CB  1 
ATOM   533 N N   . LEU A 1 90  ? -5.036  -6.006  -6.488  1.00 74.37  ? 165 LEU A N   1 
ATOM   534 C CA  . LEU A 1 90  ? -4.308  -6.139  -7.745  1.00 77.35  ? 165 LEU A CA  1 
ATOM   535 C C   . LEU A 1 90  ? -5.237  -6.520  -8.897  1.00 80.63  ? 165 LEU A C   1 
ATOM   536 O O   . LEU A 1 90  ? -4.849  -6.446  -10.064 1.00 80.24  ? 165 LEU A O   1 
ATOM   537 C CB  . LEU A 1 90  ? -3.213  -7.193  -7.606  1.00 74.49  ? 165 LEU A CB  1 
ATOM   538 C CG  . LEU A 1 90  ? -2.146  -6.889  -6.556  1.00 73.76  ? 165 LEU A CG  1 
ATOM   539 C CD1 . LEU A 1 90  ? -1.262  -8.105  -6.356  1.00 72.69  ? 165 LEU A CD1 1 
ATOM   540 C CD2 . LEU A 1 90  ? -1.333  -5.684  -6.999  1.00 72.81  ? 165 LEU A CD2 1 
ATOM   541 N N   . THR A 1 91  ? -6.458  -6.937  -8.565  1.00 85.79  ? 166 THR A N   1 
ATOM   542 C CA  . THR A 1 91  ? -7.436  -7.320  -9.583  1.00 90.47  ? 166 THR A CA  1 
ATOM   543 C C   . THR A 1 91  ? -7.616  -6.140  -10.523 1.00 92.46  ? 166 THR A C   1 
ATOM   544 O O   . THR A 1 91  ? -7.404  -6.255  -11.727 1.00 93.71  ? 166 THR A O   1 
ATOM   545 C CB  . THR A 1 91  ? -8.810  -7.684  -8.959  1.00 91.34  ? 166 THR A CB  1 
ATOM   546 O OG1 . THR A 1 91  ? -8.780  -9.041  -8.494  1.00 92.62  ? 166 THR A OG1 1 
ATOM   547 C CG2 . THR A 1 91  ? -9.935  -7.524  -9.989  1.00 91.10  ? 166 THR A CG2 1 
ATOM   548 N N   . GLU A 1 92  ? -8.016  -5.005  -9.964  1.00 94.91  ? 167 GLU A N   1 
ATOM   549 C CA  . GLU A 1 92  ? -8.191  -3.804  -10.758 1.00 97.32  ? 167 GLU A CA  1 
ATOM   550 C C   . GLU A 1 92  ? -7.247  -2.752  -10.206 1.00 99.09  ? 167 GLU A C   1 
ATOM   551 O O   . GLU A 1 92  ? -7.654  -1.870  -9.451  1.00 99.61  ? 167 GLU A O   1 
ATOM   552 C CB  . GLU A 1 92  ? -9.639  -3.314  -10.694 1.00 98.04  ? 167 GLU A CB  1 
ATOM   553 C CG  . GLU A 1 92  ? -9.990  -2.354  -11.822 1.00 99.01  ? 167 GLU A CG  1 
ATOM   554 C CD  . GLU A 1 92  ? -9.555  -2.876  -13.189 1.00 99.77  ? 167 GLU A CD  1 
ATOM   555 O OE1 . GLU A 1 92  ? -8.332  -2.994  -13.428 1.00 100.46 ? 167 GLU A OE1 1 
ATOM   556 O OE2 . GLU A 1 92  ? -10.434 -3.177  -14.023 1.00 100.85 ? 167 GLU A OE2 1 
ATOM   557 N N   . ALA A 1 93  ? -5.977  -2.866  -10.585 1.00 100.70 ? 168 ALA A N   1 
ATOM   558 C CA  . ALA A 1 93  ? -4.949  -1.943  -10.123 1.00 101.96 ? 168 ALA A CA  1 
ATOM   559 C C   . ALA A 1 93  ? -3.625  -2.231  -10.832 1.00 102.83 ? 168 ALA A C   1 
ATOM   560 O O   . ALA A 1 93  ? -3.593  -3.017  -11.787 1.00 103.18 ? 168 ALA A O   1 
ATOM   561 C CB  . ALA A 1 93  ? -4.790  -2.080  -8.624  1.00 101.29 ? 168 ALA A CB  1 
ATOM   562 N N   . PRO A 1 94  ? -2.515  -1.605  -10.378 1.00 102.77 ? 169 PRO A N   1 
ATOM   563 C CA  . PRO A 1 94  ? -1.231  -1.837  -11.017 1.00 102.95 ? 169 PRO A CA  1 
ATOM   564 C C   . PRO A 1 94  ? -0.991  -3.067  -11.857 1.00 103.34 ? 169 PRO A C   1 
ATOM   565 O O   . PRO A 1 94  ? -0.614  -4.148  -11.410 1.00 103.62 ? 169 PRO A O   1 
ATOM   566 C CB  . PRO A 1 94  ? -0.256  -1.644  -9.872  1.00 102.60 ? 169 PRO A CB  1 
ATOM   567 C CG  . PRO A 1 94  ? -0.793  -0.361  -9.310  1.00 101.99 ? 169 PRO A CG  1 
ATOM   568 C CD  . PRO A 1 94  ? -2.325  -0.637  -9.277  1.00 102.41 ? 169 PRO A CD  1 
ATOM   569 N N   . GLY A 1 95  ? -1.315  -2.812  -13.111 1.00 102.72 ? 170 GLY A N   1 
ATOM   570 C CA  . GLY A 1 95  ? -1.146  -3.682  -14.240 1.00 102.15 ? 170 GLY A CA  1 
ATOM   571 C C   . GLY A 1 95  ? -0.492  -2.481  -14.902 1.00 101.19 ? 170 GLY A C   1 
ATOM   572 O O   . GLY A 1 95  ? 0.502   -2.580  -15.622 1.00 101.29 ? 170 GLY A O   1 
ATOM   573 N N   . ALA A 1 96  ? -1.060  -1.315  -14.564 1.00 100.10 ? 171 ALA A N   1 
ATOM   574 C CA  . ALA A 1 96  ? -0.614  0.005   -15.023 1.00 98.86  ? 171 ALA A CA  1 
ATOM   575 C C   . ALA A 1 96  ? -1.689  1.095   -14.860 1.00 97.92  ? 171 ALA A C   1 
ATOM   576 O O   . ALA A 1 96  ? -1.408  2.283   -15.035 1.00 98.02  ? 171 ALA A O   1 
ATOM   577 C CB  . ALA A 1 96  ? -0.169  -0.059  -16.479 1.00 99.17  ? 171 ALA A CB  1 
ATOM   578 N N   . GLU A 1 97  ? -2.911  0.692   -14.515 1.00 95.68  ? 172 GLU A N   1 
ATOM   579 C CA  . GLU A 1 97  ? -4.029  1.629   -14.359 1.00 93.13  ? 172 GLU A CA  1 
ATOM   580 C C   . GLU A 1 97  ? -4.148  2.297   -12.985 1.00 89.57  ? 172 GLU A C   1 
ATOM   581 O O   . GLU A 1 97  ? -3.855  3.487   -12.837 1.00 89.54  ? 172 GLU A O   1 
ATOM   582 C CB  . GLU A 1 97  ? -5.347  0.913   -14.693 1.00 95.82  ? 172 GLU A CB  1 
ATOM   583 C CG  . GLU A 1 97  ? -6.599  1.791   -14.614 1.00 99.58  ? 172 GLU A CG  1 
ATOM   584 C CD  . GLU A 1 97  ? -6.739  2.744   -15.792 1.00 102.00 ? 172 GLU A CD  1 
ATOM   585 O OE1 . GLU A 1 97  ? -7.689  3.559   -15.792 1.00 103.66 ? 172 GLU A OE1 1 
ATOM   586 O OE2 . GLU A 1 97  ? -5.904  2.682   -16.720 1.00 103.79 ? 172 GLU A OE2 1 
ATOM   587 N N   . GLY A 1 98  ? -4.586  1.531   -11.989 1.00 84.40  ? 173 GLY A N   1 
ATOM   588 C CA  . GLY A 1 98  ? -4.746  2.071   -10.649 1.00 77.48  ? 173 GLY A CA  1 
ATOM   589 C C   . GLY A 1 98  ? -3.440  2.324   -9.920  1.00 72.22  ? 173 GLY A C   1 
ATOM   590 O O   . GLY A 1 98  ? -2.384  2.472   -10.542 1.00 71.89  ? 173 GLY A O   1 
ATOM   591 N N   . CYS A 1 99  ? -3.513  2.370   -8.592  1.00 66.25  ? 174 CYS A N   1 
ATOM   592 C CA  . CYS A 1 99  ? -2.335  2.607   -7.766  1.00 60.88  ? 174 CYS A CA  1 
ATOM   593 C C   . CYS A 1 99  ? -2.303  1.689   -6.534  1.00 57.68  ? 174 CYS A C   1 
ATOM   594 O O   . CYS A 1 99  ? -2.935  1.962   -5.512  1.00 56.77  ? 174 CYS A O   1 
ATOM   595 C CB  . CYS A 1 99  ? -2.286  4.087   -7.349  1.00 58.82  ? 174 CYS A CB  1 
ATOM   596 S SG  . CYS A 1 99  ? -0.873  4.549   -6.292  1.00 58.94  ? 174 CYS A SG  1 
ATOM   597 N N   . THR A 1 100 ? -1.573  0.585   -6.654  1.00 54.47  ? 175 THR A N   1 
ATOM   598 C CA  . THR A 1 100 ? -1.430  -0.375  -5.566  1.00 51.57  ? 175 THR A CA  1 
ATOM   599 C C   . THR A 1 100 ? 0.054   -0.531  -5.264  1.00 49.76  ? 175 THR A C   1 
ATOM   600 O O   . THR A 1 100 ? 0.837   -0.931  -6.125  1.00 50.32  ? 175 THR A O   1 
ATOM   601 C CB  . THR A 1 100 ? -2.032  -1.735  -5.936  1.00 51.60  ? 175 THR A CB  1 
ATOM   602 O OG1 . THR A 1 100 ? -3.447  -1.590  -6.116  1.00 52.12  ? 175 THR A OG1 1 
ATOM   603 C CG2 . THR A 1 100 ? -1.770  -2.749  -4.836  1.00 50.90  ? 175 THR A CG2 1 
ATOM   604 N N   . ILE A 1 101 ? 0.433   -0.218  -4.033  1.00 46.70  ? 176 ILE A N   1 
ATOM   605 C CA  . ILE A 1 101 ? 1.829   -0.267  -3.633  1.00 45.37  ? 176 ILE A CA  1 
ATOM   606 C C   . ILE A 1 101 ? 2.133   -1.323  -2.578  1.00 44.62  ? 176 ILE A C   1 
ATOM   607 O O   . ILE A 1 101 ? 1.759   -1.176  -1.416  1.00 43.73  ? 176 ILE A O   1 
ATOM   608 C CB  . ILE A 1 101 ? 2.272   1.109   -3.074  1.00 44.04  ? 176 ILE A CB  1 
ATOM   609 C CG1 . ILE A 1 101 ? 1.950   2.208   -4.093  1.00 44.44  ? 176 ILE A CG1 1 
ATOM   610 C CG2 . ILE A 1 101 ? 3.757   1.092   -2.736  1.00 43.41  ? 176 ILE A CG2 1 
ATOM   611 C CD1 . ILE A 1 101 ? 2.002   3.630   -3.519  1.00 45.62  ? 176 ILE A CD1 1 
ATOM   612 N N   . PRO A 1 102 ? 2.811   -2.412  -2.976  1.00 44.06  ? 177 PRO A N   1 
ATOM   613 C CA  . PRO A 1 102 ? 3.151   -3.467  -2.019  1.00 45.24  ? 177 PRO A CA  1 
ATOM   614 C C   . PRO A 1 102 ? 4.371   -3.049  -1.197  1.00 45.78  ? 177 PRO A C   1 
ATOM   615 O O   . PRO A 1 102 ? 5.412   -2.700  -1.753  1.00 46.11  ? 177 PRO A O   1 
ATOM   616 C CB  . PRO A 1 102 ? 3.464   -4.665  -2.916  1.00 44.60  ? 177 PRO A CB  1 
ATOM   617 C CG  . PRO A 1 102 ? 2.726   -4.356  -4.192  1.00 45.41  ? 177 PRO A CG  1 
ATOM   618 C CD  . PRO A 1 102 ? 2.976   -2.896  -4.356  1.00 43.87  ? 177 PRO A CD  1 
ATOM   619 N N   . LEU A 1 103 ? 4.232   -3.073  0.123   1.00 45.15  ? 178 LEU A N   1 
ATOM   620 C CA  . LEU A 1 103 ? 5.326   -2.734  1.021   1.00 45.46  ? 178 LEU A CA  1 
ATOM   621 C C   . LEU A 1 103 ? 5.706   -3.974  1.847   1.00 45.93  ? 178 LEU A C   1 
ATOM   622 O O   . LEU A 1 103 ? 4.987   -4.359  2.769   1.00 46.03  ? 178 LEU A O   1 
ATOM   623 C CB  . LEU A 1 103 ? 4.920   -1.588  1.954   1.00 42.48  ? 178 LEU A CB  1 
ATOM   624 C CG  . LEU A 1 103 ? 5.863   -1.369  3.141   1.00 44.66  ? 178 LEU A CG  1 
ATOM   625 C CD1 . LEU A 1 103 ? 7.279   -0.965  2.669   1.00 43.69  ? 178 LEU A CD1 1 
ATOM   626 C CD2 . LEU A 1 103 ? 5.260   -0.308  4.045   1.00 43.80  ? 178 LEU A CD2 1 
ATOM   627 N N   . LEU A 1 104 ? 6.827   -4.605  1.500   1.00 47.35  ? 179 LEU A N   1 
ATOM   628 C CA  . LEU A 1 104 ? 7.290   -5.800  2.211   1.00 48.58  ? 179 LEU A CA  1 
ATOM   629 C C   . LEU A 1 104 ? 8.016   -5.423  3.499   1.00 49.57  ? 179 LEU A C   1 
ATOM   630 O O   . LEU A 1 104 ? 9.146   -4.946  3.467   1.00 51.09  ? 179 LEU A O   1 
ATOM   631 C CB  . LEU A 1 104 ? 8.212   -6.624  1.310   1.00 45.92  ? 179 LEU A CB  1 
ATOM   632 C CG  . LEU A 1 104 ? 7.530   -7.444  0.207   1.00 45.81  ? 179 LEU A CG  1 
ATOM   633 C CD1 . LEU A 1 104 ? 6.771   -8.597  0.845   1.00 46.42  ? 179 LEU A CD1 1 
ATOM   634 C CD2 . LEU A 1 104 ? 6.588   -6.567  -0.618  1.00 41.13  ? 179 LEU A CD2 1 
ATOM   635 N N   . SER A 1 105 ? 7.372   -5.664  4.633   1.00 51.11  ? 180 SER A N   1 
ATOM   636 C CA  . SER A 1 105 ? 7.946   -5.305  5.924   1.00 52.80  ? 180 SER A CA  1 
ATOM   637 C C   . SER A 1 105 ? 8.022   -6.469  6.906   1.00 53.03  ? 180 SER A C   1 
ATOM   638 O O   . SER A 1 105 ? 7.103   -7.285  6.991   1.00 53.34  ? 180 SER A O   1 
ATOM   639 C CB  . SER A 1 105 ? 7.122   -4.166  6.533   1.00 54.48  ? 180 SER A CB  1 
ATOM   640 O OG  . SER A 1 105 ? 7.364   -4.027  7.921   1.00 58.75  ? 180 SER A OG  1 
ATOM   641 N N   . GLY A 1 106 ? 9.123   -6.537  7.648   1.00 54.26  ? 181 GLY A N   1 
ATOM   642 C CA  . GLY A 1 106 ? 9.302   -7.596  8.629   1.00 54.07  ? 181 GLY A CA  1 
ATOM   643 C C   . GLY A 1 106 ? 9.341   -9.010  8.077   1.00 54.35  ? 181 GLY A C   1 
ATOM   644 O O   . GLY A 1 106 ? 9.046   -9.968  8.791   1.00 54.72  ? 181 GLY A O   1 
ATOM   645 N N   . LEU A 1 107 ? 9.720   -9.147  6.810   1.00 53.33  ? 182 LEU A N   1 
ATOM   646 C CA  . LEU A 1 107 ? 9.786   -10.453 6.172   1.00 52.42  ? 182 LEU A CA  1 
ATOM   647 C C   . LEU A 1 107 ? 11.131  -10.712 5.530   1.00 52.87  ? 182 LEU A C   1 
ATOM   648 O O   . LEU A 1 107 ? 11.764  -9.809  4.987   1.00 51.13  ? 182 LEU A O   1 
ATOM   649 C CB  . LEU A 1 107 ? 8.715   -10.576 5.083   1.00 52.16  ? 182 LEU A CB  1 
ATOM   650 C CG  . LEU A 1 107 ? 7.292   -10.975 5.467   1.00 53.47  ? 182 LEU A CG  1 
ATOM   651 C CD1 . LEU A 1 107 ? 6.341   -10.668 4.324   1.00 52.35  ? 182 LEU A CD1 1 
ATOM   652 C CD2 . LEU A 1 107 ? 7.262   -12.455 5.808   1.00 53.59  ? 182 LEU A CD2 1 
ATOM   653 N N   . SER A 1 108 ? 11.563  -11.962 5.597   1.00 52.99  ? 183 SER A N   1 
ATOM   654 C CA  . SER A 1 108 ? 12.802  -12.358 4.966   1.00 53.06  ? 183 SER A CA  1 
ATOM   655 C C   . SER A 1 108 ? 12.506  -12.393 3.466   1.00 52.51  ? 183 SER A C   1 
ATOM   656 O O   . SER A 1 108 ? 11.453  -12.882 3.049   1.00 53.08  ? 183 SER A O   1 
ATOM   657 C CB  . SER A 1 108 ? 13.196  -13.749 5.448   1.00 53.96  ? 183 SER A CB  1 
ATOM   658 O OG  . SER A 1 108 ? 14.078  -14.355 4.525   1.00 58.89  ? 183 SER A OG  1 
ATOM   659 N N   . ARG A 1 109 ? 13.418  -11.878 2.650   1.00 51.45  ? 184 ARG A N   1 
ATOM   660 C CA  . ARG A 1 109 ? 13.210  -11.875 1.204   1.00 52.05  ? 184 ARG A CA  1 
ATOM   661 C C   . ARG A 1 109 ? 12.833  -13.256 0.664   1.00 53.22  ? 184 ARG A C   1 
ATOM   662 O O   . ARG A 1 109 ? 12.026  -13.371 -0.261  1.00 53.67  ? 184 ARG A O   1 
ATOM   663 C CB  . ARG A 1 109 ? 14.467  -11.382 0.488   1.00 52.24  ? 184 ARG A CB  1 
ATOM   664 C CG  . ARG A 1 109 ? 14.601  -9.871  0.372   1.00 53.52  ? 184 ARG A CG  1 
ATOM   665 C CD  . ARG A 1 109 ? 16.008  -9.545  -0.085  1.00 55.49  ? 184 ARG A CD  1 
ATOM   666 N NE  . ARG A 1 109 ? 16.047  -8.600  -1.187  1.00 54.12  ? 184 ARG A NE  1 
ATOM   667 C CZ  . ARG A 1 109 ? 17.116  -8.379  -1.945  1.00 53.49  ? 184 ARG A CZ  1 
ATOM   668 N NH1 . ARG A 1 109 ? 18.251  -9.038  -1.727  1.00 50.91  ? 184 ARG A NH1 1 
ATOM   669 N NH2 . ARG A 1 109 ? 17.041  -7.503  -2.935  1.00 53.38  ? 184 ARG A NH2 1 
ATOM   670 N N   . ALA A 1 110 ? 13.417  -14.300 1.245   1.00 53.36  ? 185 ALA A N   1 
ATOM   671 C CA  . ALA A 1 110 ? 13.141  -15.666 0.810   1.00 54.78  ? 185 ALA A CA  1 
ATOM   672 C C   . ALA A 1 110 ? 11.663  -16.069 0.998   1.00 54.11  ? 185 ALA A C   1 
ATOM   673 O O   . ALA A 1 110 ? 11.193  -17.027 0.384   1.00 53.60  ? 185 ALA A O   1 
ATOM   674 C CB  . ALA A 1 110 ? 14.072  -16.656 1.558   1.00 52.35  ? 185 ALA A CB  1 
ATOM   675 N N   . ALA A 1 111 ? 10.940  -15.329 1.834   1.00 52.32  ? 186 ALA A N   1 
ATOM   676 C CA  . ALA A 1 111 ? 9.528   -15.616 2.098   1.00 52.68  ? 186 ALA A CA  1 
ATOM   677 C C   . ALA A 1 111 ? 8.597   -14.699 1.305   1.00 51.76  ? 186 ALA A C   1 
ATOM   678 O O   . ALA A 1 111 ? 7.386   -14.699 1.519   1.00 51.83  ? 186 ALA A O   1 
ATOM   679 C CB  . ALA A 1 111 ? 9.236   -15.485 3.604   1.00 50.13  ? 186 ALA A CB  1 
ATOM   680 N N   . TYR A 1 112 ? 9.162   -13.914 0.396   1.00 50.39  ? 187 TYR A N   1 
ATOM   681 C CA  . TYR A 1 112 ? 8.353   -13.008 -0.414  1.00 50.34  ? 187 TYR A CA  1 
ATOM   682 C C   . TYR A 1 112 ? 7.514   -13.770 -1.443  1.00 50.07  ? 187 TYR A C   1 
ATOM   683 O O   . TYR A 1 112 ? 7.949   -14.795 -1.978  1.00 49.17  ? 187 TYR A O   1 
ATOM   684 C CB  . TYR A 1 112 ? 9.240   -12.004 -1.175  1.00 49.34  ? 187 TYR A CB  1 
ATOM   685 C CG  . TYR A 1 112 ? 9.884   -10.908 -0.342  1.00 48.87  ? 187 TYR A CG  1 
ATOM   686 C CD1 . TYR A 1 112 ? 9.767   -10.890 1.048   1.00 47.65  ? 187 TYR A CD1 1 
ATOM   687 C CD2 . TYR A 1 112 ? 10.608  -9.880  -0.955  1.00 47.18  ? 187 TYR A CD2 1 
ATOM   688 C CE1 . TYR A 1 112 ? 10.354  -9.877  1.804   1.00 46.75  ? 187 TYR A CE1 1 
ATOM   689 C CE2 . TYR A 1 112 ? 11.195  -8.867  -0.208  1.00 46.53  ? 187 TYR A CE2 1 
ATOM   690 C CZ  . TYR A 1 112 ? 11.061  -8.869  1.166   1.00 46.47  ? 187 TYR A CZ  1 
ATOM   691 O OH  . TYR A 1 112 ? 11.624  -7.842  1.881   1.00 47.20  ? 187 TYR A OH  1 
ATOM   692 N N   . PRO A 1 113 ? 6.292   -13.283 -1.720  1.00 49.49  ? 188 PRO A N   1 
ATOM   693 C CA  . PRO A 1 113 ? 5.413   -13.922 -2.706  1.00 50.16  ? 188 PRO A CA  1 
ATOM   694 C C   . PRO A 1 113 ? 6.132   -13.905 -4.066  1.00 49.60  ? 188 PRO A C   1 
ATOM   695 O O   . PRO A 1 113 ? 6.411   -12.843 -4.611  1.00 49.67  ? 188 PRO A O   1 
ATOM   696 C CB  . PRO A 1 113 ? 4.187   -13.014 -2.710  1.00 48.11  ? 188 PRO A CB  1 
ATOM   697 C CG  . PRO A 1 113 ? 4.115   -12.553 -1.290  1.00 48.70  ? 188 PRO A CG  1 
ATOM   698 C CD  . PRO A 1 113 ? 5.566   -12.243 -0.966  1.00 48.90  ? 188 PRO A CD  1 
ATOM   699 N N   . PRO A 1 114 ? 6.431   -15.085 -4.627  1.00 49.52  ? 189 PRO A N   1 
ATOM   700 C CA  . PRO A 1 114 ? 7.119   -15.227 -5.918  1.00 49.99  ? 189 PRO A CA  1 
ATOM   701 C C   . PRO A 1 114 ? 6.713   -14.250 -7.026  1.00 51.40  ? 189 PRO A C   1 
ATOM   702 O O   . PRO A 1 114 ? 7.561   -13.771 -7.785  1.00 51.92  ? 189 PRO A O   1 
ATOM   703 C CB  . PRO A 1 114 ? 6.829   -16.676 -6.292  1.00 48.03  ? 189 PRO A CB  1 
ATOM   704 C CG  . PRO A 1 114 ? 6.861   -17.363 -4.939  1.00 48.57  ? 189 PRO A CG  1 
ATOM   705 C CD  . PRO A 1 114 ? 6.044   -16.404 -4.086  1.00 48.62  ? 189 PRO A CD  1 
ATOM   706 N N   . GLU A 1 115 ? 5.425   -13.948 -7.119  1.00 52.53  ? 190 GLU A N   1 
ATOM   707 C CA  . GLU A 1 115 ? 4.937   -13.054 -8.163  1.00 53.58  ? 190 GLU A CA  1 
ATOM   708 C C   . GLU A 1 115 ? 5.550   -11.660 -8.127  1.00 54.69  ? 190 GLU A C   1 
ATOM   709 O O   . GLU A 1 115 ? 5.651   -11.000 -9.160  1.00 54.90  ? 190 GLU A O   1 
ATOM   710 C CB  . GLU A 1 115 ? 3.406   -12.941 -8.107  1.00 52.22  ? 190 GLU A CB  1 
ATOM   711 C CG  . GLU A 1 115 ? 2.850   -12.460 -6.771  1.00 52.86  ? 190 GLU A CG  1 
ATOM   712 C CD  . GLU A 1 115 ? 2.468   -13.597 -5.830  1.00 53.77  ? 190 GLU A CD  1 
ATOM   713 O OE1 . GLU A 1 115 ? 3.146   -14.646 -5.837  1.00 52.96  ? 190 GLU A OE1 1 
ATOM   714 O OE2 . GLU A 1 115 ? 1.487   -13.434 -5.070  1.00 55.81  ? 190 GLU A OE2 1 
ATOM   715 N N   . LEU A 1 116 ? 5.966   -11.215 -6.946  1.00 55.53  ? 191 LEU A N   1 
ATOM   716 C CA  . LEU A 1 116 ? 6.549   -9.885  -6.805  1.00 56.54  ? 191 LEU A CA  1 
ATOM   717 C C   . LEU A 1 116 ? 7.791   -9.670  -7.654  1.00 58.67  ? 191 LEU A C   1 
ATOM   718 O O   . LEU A 1 116 ? 8.125   -8.536  -7.985  1.00 59.98  ? 191 LEU A O   1 
ATOM   719 C CB  . LEU A 1 116 ? 6.876   -9.591  -5.339  1.00 54.01  ? 191 LEU A CB  1 
ATOM   720 C CG  . LEU A 1 116 ? 5.663   -9.404  -4.428  1.00 53.40  ? 191 LEU A CG  1 
ATOM   721 C CD1 . LEU A 1 116 ? 6.130   -9.082  -3.025  1.00 52.93  ? 191 LEU A CD1 1 
ATOM   722 C CD2 . LEU A 1 116 ? 4.778   -8.285  -4.961  1.00 52.24  ? 191 LEU A CD2 1 
ATOM   723 N N   . ARG A 1 117 ? 8.470   -10.756 -8.006  1.00 60.56  ? 192 ARG A N   1 
ATOM   724 C CA  . ARG A 1 117 ? 9.664   -10.657 -8.824  1.00 62.92  ? 192 ARG A CA  1 
ATOM   725 C C   . ARG A 1 117 ? 9.372   -9.934  -10.139 1.00 63.10  ? 192 ARG A C   1 
ATOM   726 O O   . ARG A 1 117 ? 10.259  -9.308  -10.720 1.00 63.47  ? 192 ARG A O   1 
ATOM   727 C CB  . ARG A 1 117 ? 10.231  -12.048 -9.114  1.00 66.04  ? 192 ARG A CB  1 
ATOM   728 C CG  . ARG A 1 117 ? 11.400  -12.031 -10.090 1.00 72.81  ? 192 ARG A CG  1 
ATOM   729 C CD  . ARG A 1 117 ? 11.960  -13.423 -10.346 1.00 78.18  ? 192 ARG A CD  1 
ATOM   730 N NE  . ARG A 1 117 ? 12.670  -13.498 -11.622 1.00 82.60  ? 192 ARG A NE  1 
ATOM   731 C CZ  . ARG A 1 117 ? 13.225  -14.605 -12.109 1.00 84.89  ? 192 ARG A CZ  1 
ATOM   732 N NH1 . ARG A 1 117 ? 13.161  -15.740 -11.425 1.00 84.84  ? 192 ARG A NH1 1 
ATOM   733 N NH2 . ARG A 1 117 ? 13.828  -14.583 -13.292 1.00 85.67  ? 192 ARG A NH2 1 
ATOM   734 N N   . PHE A 1 118 ? 8.124   -10.020 -10.601 1.00 61.86  ? 193 PHE A N   1 
ATOM   735 C CA  . PHE A 1 118 ? 7.711   -9.372  -11.846 1.00 60.60  ? 193 PHE A CA  1 
ATOM   736 C C   . PHE A 1 118 ? 6.817   -8.172  -11.583 1.00 60.51  ? 193 PHE A C   1 
ATOM   737 O O   . PHE A 1 118 ? 6.123   -7.697  -12.481 1.00 61.19  ? 193 PHE A O   1 
ATOM   738 C CB  . PHE A 1 118 ? 6.954   -10.352 -12.752 1.00 59.49  ? 193 PHE A CB  1 
ATOM   739 C CG  . PHE A 1 118 ? 7.768   -11.535 -13.184 1.00 60.06  ? 193 PHE A CG  1 
ATOM   740 C CD1 . PHE A 1 118 ? 7.739   -12.717 -12.452 1.00 58.11  ? 193 PHE A CD1 1 
ATOM   741 C CD2 . PHE A 1 118 ? 8.590   -11.458 -14.312 1.00 60.16  ? 193 PHE A CD2 1 
ATOM   742 C CE1 . PHE A 1 118 ? 8.517   -13.813 -12.831 1.00 59.61  ? 193 PHE A CE1 1 
ATOM   743 C CE2 . PHE A 1 118 ? 9.378   -12.548 -14.705 1.00 60.41  ? 193 PHE A CE2 1 
ATOM   744 C CZ  . PHE A 1 118 ? 9.342   -13.730 -13.963 1.00 60.62  ? 193 PHE A CZ  1 
ATOM   745 N N   . MET A 1 119 ? 6.843   -7.677  -10.353 1.00 59.86  ? 194 MET A N   1 
ATOM   746 C CA  . MET A 1 119 ? 6.014   -6.543  -9.981  1.00 59.68  ? 194 MET A CA  1 
ATOM   747 C C   . MET A 1 119 ? 6.787   -5.478  -9.220  1.00 58.92  ? 194 MET A C   1 
ATOM   748 O O   . MET A 1 119 ? 7.879   -5.723  -8.701  1.00 57.74  ? 194 MET A O   1 
ATOM   749 C CB  . MET A 1 119 ? 4.852   -7.017  -9.108  1.00 61.56  ? 194 MET A CB  1 
ATOM   750 C CG  . MET A 1 119 ? 4.029   -8.150  -9.703  1.00 64.93  ? 194 MET A CG  1 
ATOM   751 S SD  . MET A 1 119 ? 2.965   -8.902  -8.460  1.00 66.94  ? 194 MET A SD  1 
ATOM   752 C CE  . MET A 1 119 ? 1.866   -7.509  -8.127  1.00 67.18  ? 194 MET A CE  1 
ATOM   753 N N   . TYR A 1 120 ? 6.200   -4.289  -9.154  1.00 58.20  ? 195 TYR A N   1 
ATOM   754 C CA  . TYR A 1 120 ? 6.804   -3.188  -8.425  1.00 58.28  ? 195 TYR A CA  1 
ATOM   755 C C   . TYR A 1 120 ? 6.439   -3.345  -6.951  1.00 55.69  ? 195 TYR A C   1 
ATOM   756 O O   . TYR A 1 120 ? 5.321   -3.740  -6.622  1.00 56.40  ? 195 TYR A O   1 
ATOM   757 C CB  . TYR A 1 120 ? 6.263   -1.846  -8.934  1.00 60.90  ? 195 TYR A CB  1 
ATOM   758 C CG  . TYR A 1 120 ? 6.669   -0.672  -8.066  1.00 64.39  ? 195 TYR A CG  1 
ATOM   759 C CD1 . TYR A 1 120 ? 7.982   -0.199  -8.064  1.00 66.89  ? 195 TYR A CD1 1 
ATOM   760 C CD2 . TYR A 1 120 ? 5.749   -0.060  -7.212  1.00 64.03  ? 195 TYR A CD2 1 
ATOM   761 C CE1 . TYR A 1 120 ? 8.373   0.853   -7.229  1.00 68.47  ? 195 TYR A CE1 1 
ATOM   762 C CE2 . TYR A 1 120 ? 6.129   0.991   -6.372  1.00 65.50  ? 195 TYR A CE2 1 
ATOM   763 C CZ  . TYR A 1 120 ? 7.444   1.443   -6.388  1.00 67.72  ? 195 TYR A CZ  1 
ATOM   764 O OH  . TYR A 1 120 ? 7.843   2.483   -5.574  1.00 69.52  ? 195 TYR A OH  1 
ATOM   765 N N   . TYR A 1 121 ? 7.380   -3.046  -6.065  1.00 53.05  ? 196 TYR A N   1 
ATOM   766 C CA  . TYR A 1 121 ? 7.121   -3.141  -4.633  1.00 50.85  ? 196 TYR A CA  1 
ATOM   767 C C   . TYR A 1 121 ? 8.218   -2.425  -3.873  1.00 50.18  ? 196 TYR A C   1 
ATOM   768 O O   . TYR A 1 121 ? 9.306   -2.218  -4.398  1.00 49.69  ? 196 TYR A O   1 
ATOM   769 C CB  . TYR A 1 121 ? 7.057   -4.603  -4.171  1.00 48.72  ? 196 TYR A CB  1 
ATOM   770 C CG  . TYR A 1 121 ? 8.390   -5.321  -4.166  1.00 47.19  ? 196 TYR A CG  1 
ATOM   771 C CD1 . TYR A 1 121 ? 8.891   -5.918  -5.325  1.00 46.86  ? 196 TYR A CD1 1 
ATOM   772 C CD2 . TYR A 1 121 ? 9.160   -5.387  -3.004  1.00 47.28  ? 196 TYR A CD2 1 
ATOM   773 C CE1 . TYR A 1 121 ? 10.126  -6.562  -5.328  1.00 46.17  ? 196 TYR A CE1 1 
ATOM   774 C CE2 . TYR A 1 121 ? 10.400  -6.026  -2.994  1.00 46.82  ? 196 TYR A CE2 1 
ATOM   775 C CZ  . TYR A 1 121 ? 10.876  -6.614  -4.159  1.00 47.08  ? 196 TYR A CZ  1 
ATOM   776 O OH  . TYR A 1 121 ? 12.091  -7.257  -4.156  1.00 46.34  ? 196 TYR A OH  1 
ATOM   777 N N   . VAL A 1 122 ? 7.930   -2.055  -2.631  1.00 49.01  ? 197 VAL A N   1 
ATOM   778 C CA  . VAL A 1 122 ? 8.899   -1.362  -1.804  1.00 48.08  ? 197 VAL A CA  1 
ATOM   779 C C   . VAL A 1 122 ? 9.375   -2.287  -0.696  1.00 49.73  ? 197 VAL A C   1 
ATOM   780 O O   . VAL A 1 122 ? 8.570   -2.887  0.025   1.00 49.73  ? 197 VAL A O   1 
ATOM   781 C CB  . VAL A 1 122 ? 8.283   -0.101  -1.180  1.00 47.04  ? 197 VAL A CB  1 
ATOM   782 C CG1 . VAL A 1 122 ? 9.286   0.581   -0.266  1.00 45.64  ? 197 VAL A CG1 1 
ATOM   783 C CG2 . VAL A 1 122 ? 7.812   0.837   -2.281  1.00 46.99  ? 197 VAL A CG2 1 
ATOM   784 N N   . ASP A 1 123 ? 10.689  -2.404  -0.568  1.00 49.12  ? 198 ASP A N   1 
ATOM   785 C CA  . ASP A 1 123 ? 11.268  -3.251  0.453   1.00 49.73  ? 198 ASP A CA  1 
ATOM   786 C C   . ASP A 1 123 ? 11.375  -2.469  1.761   1.00 50.61  ? 198 ASP A C   1 
ATOM   787 O O   . ASP A 1 123 ? 11.777  -1.306  1.763   1.00 50.39  ? 198 ASP A O   1 
ATOM   788 C CB  . ASP A 1 123 ? 12.646  -3.731  0.001   1.00 50.01  ? 198 ASP A CB  1 
ATOM   789 C CG  . ASP A 1 123 ? 13.087  -4.980  0.726   1.00 51.03  ? 198 ASP A CG  1 
ATOM   790 O OD1 . ASP A 1 123 ? 13.392  -4.899  1.931   1.00 50.30  ? 198 ASP A OD1 1 
ATOM   791 O OD2 . ASP A 1 123 ? 13.117  -6.050  0.081   1.00 54.25  ? 198 ASP A OD2 1 
ATOM   792 N N   . GLY A 1 124 ? 11.003  -3.111  2.866   1.00 50.73  ? 199 GLY A N   1 
ATOM   793 C CA  . GLY A 1 124 ? 11.052  -2.461  4.165   1.00 51.98  ? 199 GLY A CA  1 
ATOM   794 C C   . GLY A 1 124 ? 12.446  -2.119  4.673   1.00 53.67  ? 199 GLY A C   1 
ATOM   795 O O   . GLY A 1 124 ? 12.586  -1.370  5.641   1.00 53.19  ? 199 GLY A O   1 
ATOM   796 N N   . ARG A 1 125 ? 13.479  -2.654  4.029   1.00 55.77  ? 200 ARG A N   1 
ATOM   797 C CA  . ARG A 1 125 ? 14.857  -2.395  4.445   1.00 58.42  ? 200 ARG A CA  1 
ATOM   798 C C   . ARG A 1 125 ? 15.408  -1.101  3.845   1.00 59.62  ? 200 ARG A C   1 
ATOM   799 O O   . ARG A 1 125 ? 16.542  -0.697  4.120   1.00 60.95  ? 200 ARG A O   1 
ATOM   800 C CB  . ARG A 1 125 ? 15.750  -3.592  4.076   1.00 58.05  ? 200 ARG A CB  1 
ATOM   801 C CG  . ARG A 1 125 ? 15.674  -4.756  5.077   1.00 60.38  ? 200 ARG A CG  1 
ATOM   802 C CD  . ARG A 1 125 ? 16.283  -6.050  4.528   1.00 61.83  ? 200 ARG A CD  1 
ATOM   803 N NE  . ARG A 1 125 ? 15.291  -6.871  3.838   1.00 64.60  ? 200 ARG A NE  1 
ATOM   804 C CZ  . ARG A 1 125 ? 14.648  -7.901  4.384   1.00 63.87  ? 200 ARG A CZ  1 
ATOM   805 N NH1 . ARG A 1 125 ? 14.892  -8.262  5.635   1.00 61.57  ? 200 ARG A NH1 1 
ATOM   806 N NH2 . ARG A 1 125 ? 13.744  -8.562  3.680   1.00 66.94  ? 200 ARG A NH2 1 
ATOM   807 N N   . GLY A 1 126 ? 14.585  -0.449  3.032   1.00 60.98  ? 201 GLY A N   1 
ATOM   808 C CA  . GLY A 1 126 ? 14.986  0.803   2.420   1.00 61.22  ? 201 GLY A CA  1 
ATOM   809 C C   . GLY A 1 126 ? 14.881  1.941   3.417   1.00 61.46  ? 201 GLY A C   1 
ATOM   810 O O   . GLY A 1 126 ? 14.520  1.722   4.577   1.00 60.92  ? 201 GLY A O   1 
ATOM   811 N N   . PRO A 1 127 ? 15.190  3.176   3.000   1.00 62.12  ? 202 PRO A N   1 
ATOM   812 C CA  . PRO A 1 127 ? 15.112  4.324   3.911   1.00 63.02  ? 202 PRO A CA  1 
ATOM   813 C C   . PRO A 1 127 ? 13.730  4.507   4.556   1.00 63.42  ? 202 PRO A C   1 
ATOM   814 O O   . PRO A 1 127 ? 12.698  4.434   3.886   1.00 62.65  ? 202 PRO A O   1 
ATOM   815 C CB  . PRO A 1 127 ? 15.526  5.500   3.021   1.00 63.01  ? 202 PRO A CB  1 
ATOM   816 C CG  . PRO A 1 127 ? 15.145  5.047   1.635   1.00 63.83  ? 202 PRO A CG  1 
ATOM   817 C CD  . PRO A 1 127 ? 15.563  3.599   1.639   1.00 62.55  ? 202 PRO A CD  1 
ATOM   818 N N   . ASP A 1 128 ? 13.726  4.740   5.865   1.00 63.66  ? 203 ASP A N   1 
ATOM   819 C CA  . ASP A 1 128 ? 12.496  4.924   6.633   1.00 64.54  ? 203 ASP A CA  1 
ATOM   820 C C   . ASP A 1 128 ? 11.580  3.702   6.555   1.00 64.51  ? 203 ASP A C   1 
ATOM   821 O O   . ASP A 1 128 ? 10.362  3.832   6.424   1.00 64.79  ? 203 ASP A O   1 
ATOM   822 C CB  . ASP A 1 128 ? 11.738  6.171   6.157   1.00 65.82  ? 203 ASP A CB  1 
ATOM   823 C CG  . ASP A 1 128 ? 12.445  7.467   6.530   1.00 68.64  ? 203 ASP A CG  1 
ATOM   824 O OD1 . ASP A 1 128 ? 12.777  7.640   7.723   1.00 69.55  ? 203 ASP A OD1 1 
ATOM   825 O OD2 . ASP A 1 128 ? 12.664  8.316   5.639   1.00 68.52  ? 203 ASP A OD2 1 
ATOM   826 N N   . GLY A 1 129 ? 12.179  2.517   6.643   1.00 62.89  ? 204 GLY A N   1 
ATOM   827 C CA  . GLY A 1 129 ? 11.417  1.285   6.585   1.00 60.21  ? 204 GLY A CA  1 
ATOM   828 C C   . GLY A 1 129 ? 10.575  1.168   5.330   1.00 58.18  ? 204 GLY A C   1 
ATOM   829 O O   . GLY A 1 129 ? 9.536   0.516   5.349   1.00 59.05  ? 204 GLY A O   1 
ATOM   830 N N   . GLY A 1 130 ? 11.017  1.797   4.245   1.00 55.62  ? 205 GLY A N   1 
ATOM   831 C CA  . GLY A 1 130 ? 10.275  1.743   2.999   1.00 53.28  ? 205 GLY A CA  1 
ATOM   832 C C   . GLY A 1 130 ? 9.245   2.854   2.867   1.00 53.41  ? 205 GLY A C   1 
ATOM   833 O O   . GLY A 1 130 ? 8.710   3.079   1.780   1.00 50.91  ? 205 GLY A O   1 
ATOM   834 N N   . PHE A 1 131 ? 8.975   3.549   3.972   1.00 53.64  ? 206 PHE A N   1 
ATOM   835 C CA  . PHE A 1 131 ? 7.995   4.634   4.005   1.00 54.18  ? 206 PHE A CA  1 
ATOM   836 C C   . PHE A 1 131 ? 8.285   5.737   3.001   1.00 56.36  ? 206 PHE A C   1 
ATOM   837 O O   . PHE A 1 131 ? 7.371   6.253   2.357   1.00 56.01  ? 206 PHE A O   1 
ATOM   838 C CB  . PHE A 1 131 ? 7.914   5.245   5.413   1.00 51.66  ? 206 PHE A CB  1 
ATOM   839 C CG  . PHE A 1 131 ? 7.275   4.343   6.443   1.00 50.57  ? 206 PHE A CG  1 
ATOM   840 C CD1 . PHE A 1 131 ? 7.171   2.968   6.235   1.00 49.42  ? 206 PHE A CD1 1 
ATOM   841 C CD2 . PHE A 1 131 ? 6.787   4.872   7.633   1.00 49.59  ? 206 PHE A CD2 1 
ATOM   842 C CE1 . PHE A 1 131 ? 6.586   2.139   7.201   1.00 49.12  ? 206 PHE A CE1 1 
ATOM   843 C CE2 . PHE A 1 131 ? 6.204   4.051   8.602   1.00 49.41  ? 206 PHE A CE2 1 
ATOM   844 C CZ  . PHE A 1 131 ? 6.103   2.686   8.385   1.00 48.80  ? 206 PHE A CZ  1 
ATOM   845 N N   . ARG A 1 132 ? 9.557   6.091   2.856   1.00 59.53  ? 207 ARG A N   1 
ATOM   846 C CA  . ARG A 1 132 ? 9.932   7.155   1.933   1.00 62.34  ? 207 ARG A CA  1 
ATOM   847 C C   . ARG A 1 132 ? 9.596   6.843   0.482   1.00 61.75  ? 207 ARG A C   1 
ATOM   848 O O   . ARG A 1 132 ? 9.006   7.671   -0.212  1.00 62.89  ? 207 ARG A O   1 
ATOM   849 C CB  . ARG A 1 132 ? 11.425  7.472   2.061   1.00 66.00  ? 207 ARG A CB  1 
ATOM   850 C CG  . ARG A 1 132 ? 11.881  8.635   1.182   1.00 70.71  ? 207 ARG A CG  1 
ATOM   851 C CD  . ARG A 1 132 ? 13.387  8.841   1.259   1.00 75.19  ? 207 ARG A CD  1 
ATOM   852 N NE  . ARG A 1 132 ? 13.833  9.139   2.618   1.00 79.98  ? 207 ARG A NE  1 
ATOM   853 C CZ  . ARG A 1 132 ? 15.103  9.335   2.961   1.00 81.98  ? 207 ARG A CZ  1 
ATOM   854 N NH1 . ARG A 1 132 ? 16.059  9.265   2.041   1.00 82.85  ? 207 ARG A NH1 1 
ATOM   855 N NH2 . ARG A 1 132 ? 15.418  9.597   4.225   1.00 82.12  ? 207 ARG A NH2 1 
ATOM   856 N N   . GLN A 1 133 ? 9.964   5.654   0.017   1.00 61.72  ? 208 GLN A N   1 
ATOM   857 C CA  . GLN A 1 133 ? 9.695   5.295   -1.371  1.00 61.97  ? 208 GLN A CA  1 
ATOM   858 C C   . GLN A 1 133 ? 8.204   5.117   -1.613  1.00 59.59  ? 208 GLN A C   1 
ATOM   859 O O   . GLN A 1 133 ? 7.720   5.329   -2.725  1.00 59.05  ? 208 GLN A O   1 
ATOM   860 C CB  . GLN A 1 133 ? 10.434  4.015   -1.756  1.00 65.52  ? 208 GLN A CB  1 
ATOM   861 C CG  . GLN A 1 133 ? 10.522  3.805   -3.263  1.00 70.65  ? 208 GLN A CG  1 
ATOM   862 C CD  . GLN A 1 133 ? 11.275  2.541   -3.628  1.00 74.06  ? 208 GLN A CD  1 
ATOM   863 O OE1 . GLN A 1 133 ? 12.310  2.233   -3.033  1.00 76.85  ? 208 GLN A OE1 1 
ATOM   864 N NE2 . GLN A 1 133 ? 10.768  1.806   -4.615  1.00 74.35  ? 208 GLN A NE2 1 
ATOM   865 N N   . VAL A 1 134 ? 7.484   4.717   -0.569  1.00 58.18  ? 209 VAL A N   1 
ATOM   866 C CA  . VAL A 1 134 ? 6.042   4.540   -0.673  1.00 56.94  ? 209 VAL A CA  1 
ATOM   867 C C   . VAL A 1 134 ? 5.404   5.911   -0.903  1.00 57.13  ? 209 VAL A C   1 
ATOM   868 O O   . VAL A 1 134 ? 4.585   6.085   -1.806  1.00 54.75  ? 209 VAL A O   1 
ATOM   869 C CB  . VAL A 1 134 ? 5.443   3.917   0.619   1.00 56.05  ? 209 VAL A CB  1 
ATOM   870 C CG1 . VAL A 1 134 ? 3.926   4.083   0.629   1.00 54.79  ? 209 VAL A CG1 1 
ATOM   871 C CG2 . VAL A 1 134 ? 5.788   2.440   0.695   1.00 54.81  ? 209 VAL A CG2 1 
ATOM   872 N N   . LYS A 1 135 ? 5.789   6.881   -0.078  1.00 58.55  ? 210 LYS A N   1 
ATOM   873 C CA  . LYS A 1 135 ? 5.259   8.232   -0.196  1.00 60.88  ? 210 LYS A CA  1 
ATOM   874 C C   . LYS A 1 135 ? 5.567   8.800   -1.578  1.00 61.63  ? 210 LYS A C   1 
ATOM   875 O O   . LYS A 1 135 ? 4.719   9.442   -2.200  1.00 61.69  ? 210 LYS A O   1 
ATOM   876 C CB  . LYS A 1 135 ? 5.859   9.127   0.886   1.00 61.95  ? 210 LYS A CB  1 
ATOM   877 C CG  . LYS A 1 135 ? 5.246   10.512  0.947   1.00 64.07  ? 210 LYS A CG  1 
ATOM   878 C CD  . LYS A 1 135 ? 5.743   11.261  2.172   1.00 65.91  ? 210 LYS A CD  1 
ATOM   879 C CE  . LYS A 1 135 ? 4.928   12.518  2.444   1.00 66.63  ? 210 LYS A CE  1 
ATOM   880 N NZ  . LYS A 1 135 ? 5.319   13.172  3.731   1.00 67.94  ? 210 LYS A NZ  1 
ATOM   881 N N   . GLU A 1 136 ? 6.785   8.553   -2.050  1.00 62.32  ? 211 GLU A N   1 
ATOM   882 C CA  . GLU A 1 136 ? 7.208   9.029   -3.360  1.00 62.81  ? 211 GLU A CA  1 
ATOM   883 C C   . GLU A 1 136 ? 6.339   8.426   -4.451  1.00 62.56  ? 211 GLU A C   1 
ATOM   884 O O   . GLU A 1 136 ? 5.895   9.129   -5.356  1.00 62.76  ? 211 GLU A O   1 
ATOM   885 C CB  . GLU A 1 136 ? 8.673   8.663   -3.606  1.00 66.63  ? 211 GLU A CB  1 
ATOM   886 C CG  . GLU A 1 136 ? 9.667   9.552   -2.865  1.00 72.70  ? 211 GLU A CG  1 
ATOM   887 C CD  . GLU A 1 136 ? 11.109  9.107   -3.051  1.00 76.70  ? 211 GLU A CD  1 
ATOM   888 O OE1 . GLU A 1 136 ? 11.503  8.829   -4.205  1.00 78.23  ? 211 GLU A OE1 1 
ATOM   889 O OE2 . GLU A 1 136 ? 11.854  9.044   -2.047  1.00 79.55  ? 211 GLU A OE2 1 
ATOM   890 N N   . ALA A 1 137 ? 6.104   7.119   -4.366  1.00 61.36  ? 212 ALA A N   1 
ATOM   891 C CA  . ALA A 1 137 ? 5.280   6.427   -5.350  1.00 59.44  ? 212 ALA A CA  1 
ATOM   892 C C   . ALA A 1 137 ? 3.878   7.033   -5.369  1.00 58.84  ? 212 ALA A C   1 
ATOM   893 O O   . ALA A 1 137 ? 3.275   7.217   -6.430  1.00 57.97  ? 212 ALA A O   1 
ATOM   894 C CB  . ALA A 1 137 ? 5.209   4.945   -5.014  1.00 58.70  ? 212 ALA A CB  1 
ATOM   895 N N   . VAL A 1 138 ? 3.360   7.338   -4.185  1.00 58.51  ? 213 VAL A N   1 
ATOM   896 C CA  . VAL A 1 138 ? 2.038   7.935   -4.065  1.00 58.53  ? 213 VAL A CA  1 
ATOM   897 C C   . VAL A 1 138 ? 2.004   9.299   -4.765  1.00 60.18  ? 213 VAL A C   1 
ATOM   898 O O   . VAL A 1 138 ? 1.096   9.581   -5.548  1.00 59.24  ? 213 VAL A O   1 
ATOM   899 C CB  . VAL A 1 138 ? 1.639   8.108   -2.571  1.00 56.96  ? 213 VAL A CB  1 
ATOM   900 C CG1 . VAL A 1 138 ? 0.374   8.946   -2.452  1.00 55.99  ? 213 VAL A CG1 1 
ATOM   901 C CG2 . VAL A 1 138 ? 1.415   6.742   -1.927  1.00 55.15  ? 213 VAL A CG2 1 
ATOM   902 N N   . MET A 1 139 ? 3.002   10.135  -4.489  1.00 62.87  ? 214 MET A N   1 
ATOM   903 C CA  . MET A 1 139 ? 3.070   11.464  -5.089  1.00 66.31  ? 214 MET A CA  1 
ATOM   904 C C   . MET A 1 139 ? 3.191   11.390  -6.603  1.00 66.53  ? 214 MET A C   1 
ATOM   905 O O   . MET A 1 139 ? 2.535   12.144  -7.322  1.00 66.65  ? 214 MET A O   1 
ATOM   906 C CB  . MET A 1 139 ? 4.248   12.246  -4.505  1.00 69.46  ? 214 MET A CB  1 
ATOM   907 C CG  . MET A 1 139 ? 4.196   12.368  -2.993  1.00 74.10  ? 214 MET A CG  1 
ATOM   908 S SD  . MET A 1 139 ? 5.651   13.170  -2.307  1.00 79.67  ? 214 MET A SD  1 
ATOM   909 C CE  . MET A 1 139 ? 4.875   14.580  -1.420  1.00 79.28  ? 214 MET A CE  1 
ATOM   910 N N   . ARG A 1 140 ? 4.023   10.475  -7.091  1.00 67.00  ? 215 ARG A N   1 
ATOM   911 C CA  . ARG A 1 140 ? 4.197   10.330  -8.529  1.00 67.59  ? 215 ARG A CA  1 
ATOM   912 C C   . ARG A 1 140 ? 2.853   10.076  -9.189  1.00 65.99  ? 215 ARG A C   1 
ATOM   913 O O   . ARG A 1 140 ? 2.571   10.596  -10.267 1.00 67.61  ? 215 ARG A O   1 
ATOM   914 C CB  . ARG A 1 140 ? 5.140   9.169   -8.858  1.00 70.74  ? 215 ARG A CB  1 
ATOM   915 C CG  . ARG A 1 140 ? 6.549   9.306   -8.297  1.00 74.82  ? 215 ARG A CG  1 
ATOM   916 C CD  . ARG A 1 140 ? 7.538   8.384   -9.021  1.00 78.28  ? 215 ARG A CD  1 
ATOM   917 N NE  . ARG A 1 140 ? 8.306   7.540   -8.103  1.00 81.56  ? 215 ARG A NE  1 
ATOM   918 C CZ  . ARG A 1 140 ? 8.054   6.254   -7.867  1.00 83.65  ? 215 ARG A CZ  1 
ATOM   919 N NH1 . ARG A 1 140 ? 7.048   5.645   -8.484  1.00 84.21  ? 215 ARG A NH1 1 
ATOM   920 N NH2 . ARG A 1 140 ? 8.808   5.576   -7.009  1.00 84.00  ? 215 ARG A NH2 1 
ATOM   921 N N   . TYR A 1 141 ? 2.021   9.277   -8.533  1.00 63.45  ? 216 TYR A N   1 
ATOM   922 C CA  . TYR A 1 141 ? 0.717   8.942   -9.078  1.00 61.44  ? 216 TYR A CA  1 
ATOM   923 C C   . TYR A 1 141 ? -0.266  10.106  -8.993  1.00 61.79  ? 216 TYR A C   1 
ATOM   924 O O   . TYR A 1 141 ? -1.068  10.319  -9.903  1.00 60.79  ? 216 TYR A O   1 
ATOM   925 C CB  . TYR A 1 141 ? 0.137   7.732   -8.344  1.00 59.29  ? 216 TYR A CB  1 
ATOM   926 C CG  . TYR A 1 141 ? -1.187  7.280   -8.911  1.00 56.50  ? 216 TYR A CG  1 
ATOM   927 C CD1 . TYR A 1 141 ? -1.244  6.512   -10.075 1.00 55.42  ? 216 TYR A CD1 1 
ATOM   928 C CD2 . TYR A 1 141 ? -2.389  7.663   -8.314  1.00 55.02  ? 216 TYR A CD2 1 
ATOM   929 C CE1 . TYR A 1 141 ? -2.466  6.136   -10.636 1.00 54.92  ? 216 TYR A CE1 1 
ATOM   930 C CE2 . TYR A 1 141 ? -3.620  7.294   -8.868  1.00 56.31  ? 216 TYR A CE2 1 
ATOM   931 C CZ  . TYR A 1 141 ? -3.650  6.528   -10.030 1.00 56.26  ? 216 TYR A CZ  1 
ATOM   932 O OH  . TYR A 1 141 ? -4.855  6.157   -10.589 1.00 55.82  ? 216 TYR A OH  1 
ATOM   933 N N   . LEU A 1 142 ? -0.208  10.852  -7.896  1.00 62.45  ? 217 LEU A N   1 
ATOM   934 C CA  . LEU A 1 142 ? -1.103  11.987  -7.706  1.00 64.45  ? 217 LEU A CA  1 
ATOM   935 C C   . LEU A 1 142 ? -0.852  13.074  -8.748  1.00 66.48  ? 217 LEU A C   1 
ATOM   936 O O   . LEU A 1 142 ? -1.777  13.766  -9.169  1.00 66.30  ? 217 LEU A O   1 
ATOM   937 C CB  . LEU A 1 142 ? -0.937  12.571  -6.301  1.00 62.32  ? 217 LEU A CB  1 
ATOM   938 C CG  . LEU A 1 142 ? -1.359  11.679  -5.132  1.00 60.95  ? 217 LEU A CG  1 
ATOM   939 C CD1 . LEU A 1 142 ? -1.125  12.417  -3.824  1.00 60.38  ? 217 LEU A CD1 1 
ATOM   940 C CD2 . LEU A 1 142 ? -2.820  11.290  -5.282  1.00 59.51  ? 217 LEU A CD2 1 
ATOM   941 N N   . GLN A 1 143 ? 0.405   13.209  -9.160  1.00 69.09  ? 218 GLN A N   1 
ATOM   942 C CA  . GLN A 1 143 ? 0.790   14.201  -10.156 1.00 72.10  ? 218 GLN A CA  1 
ATOM   943 C C   . GLN A 1 143 ? 0.197   13.919  -11.534 1.00 72.63  ? 218 GLN A C   1 
ATOM   944 O O   . GLN A 1 143 ? 0.148   14.808  -12.382 1.00 73.89  ? 218 GLN A O   1 
ATOM   945 C CB  . GLN A 1 143 ? 2.314   14.272  -10.251 1.00 73.85  ? 218 GLN A CB  1 
ATOM   946 C CG  . GLN A 1 143 ? 2.960   14.986  -9.073  1.00 77.63  ? 218 GLN A CG  1 
ATOM   947 C CD  . GLN A 1 143 ? 4.437   14.677  -8.943  1.00 80.30  ? 218 GLN A CD  1 
ATOM   948 O OE1 . GLN A 1 143 ? 5.099   14.349  -9.927  1.00 83.08  ? 218 GLN A OE1 1 
ATOM   949 N NE2 . GLN A 1 143 ? 4.965   14.786  -7.726  1.00 80.63  ? 218 GLN A NE2 1 
ATOM   950 N N   . THR A 1 144 ? -0.251  12.686  -11.756 1.00 72.87  ? 219 THR A N   1 
ATOM   951 C CA  . THR A 1 144 ? -0.840  12.307  -13.038 1.00 73.32  ? 219 THR A CA  1 
ATOM   952 C C   . THR A 1 144 ? -2.344  12.565  -13.032 1.00 73.88  ? 219 THR A C   1 
ATOM   953 O O   . THR A 1 144 ? -3.044  12.236  -13.990 1.00 73.45  ? 219 THR A O   1 
ATOM   954 C CB  . THR A 1 144 ? -0.620  10.809  -13.347 1.00 73.82  ? 219 THR A CB  1 
ATOM   955 O OG1 . THR A 1 144 ? -1.541  10.021  -12.582 1.00 74.09  ? 219 THR A OG1 1 
ATOM   956 C CG2 . THR A 1 144 ? 0.802   10.395  -12.995 1.00 72.24  ? 219 THR A CG2 1 
ATOM   957 N N   . LEU A 1 145 ? -2.836  13.153  -11.946 1.00 74.88  ? 220 LEU A N   1 
ATOM   958 C CA  . LEU A 1 145 ? -4.262  13.440  -11.817 1.00 75.95  ? 220 LEU A CA  1 
ATOM   959 C C   . LEU A 1 145 ? -4.580  14.912  -12.075 1.00 77.68  ? 220 LEU A C   1 
ATOM   960 O O   . LEU A 1 145 ? -3.732  15.787  -11.891 1.00 77.92  ? 220 LEU A O   1 
ATOM   961 C CB  . LEU A 1 145 ? -4.752  13.047  -10.419 1.00 73.98  ? 220 LEU A CB  1 
ATOM   962 C CG  . LEU A 1 145 ? -4.550  11.590  -9.991  1.00 73.12  ? 220 LEU A CG  1 
ATOM   963 C CD1 . LEU A 1 145 ? -5.064  11.388  -8.568  1.00 72.66  ? 220 LEU A CD1 1 
ATOM   964 C CD2 . LEU A 1 145 ? -5.271  10.669  -10.964 1.00 71.30  ? 220 LEU A CD2 1 
ATOM   965 N N   . SER A 1 146 ? -5.812  15.176  -12.500 1.00 79.60  ? 221 SER A N   1 
ATOM   966 C CA  . SER A 1 146 ? -6.249  16.539  -12.775 1.00 81.55  ? 221 SER A CA  1 
ATOM   967 C C   . SER A 1 146 ? -7.181  17.029  -11.667 1.00 82.28  ? 221 SER A C   1 
ATOM   968 O O   . SER A 1 146 ? -8.214  17.655  -11.986 1.00 83.13  ? 221 SER A O   1 
ATOM   969 C CB  . SER A 1 146 ? -6.967  16.599  -14.130 1.00 82.27  ? 221 SER A CB  1 
ATOM   970 O OG  . SER A 1 146 ? -8.103  15.749  -14.152 1.00 82.20  ? 221 SER A OG  1 
ATOM   971 O OXT . SER A 1 146 ? -6.857  16.789  -10.485 1.00 83.42  ? 221 SER A OXT 1 
HETATM 972 S S1  . DTT B 2 .   ? -5.591  -7.181  5.844   1.00 83.12  ? 1   DTT A S1  1 
HETATM 973 C C1  . DTT B 2 .   ? -7.320  -7.359  5.312   1.00 84.58  ? 1   DTT A C1  1 
HETATM 974 C C2  . DTT B 2 .   ? -8.287  -6.420  6.045   1.00 84.32  ? 1   DTT A C2  1 
HETATM 975 O O2  . DTT B 2 .   ? -9.627  -6.749  5.712   1.00 85.25  ? 1   DTT A O2  1 
HETATM 976 C C3  . DTT B 2 .   ? -8.063  -4.934  5.661   1.00 83.31  ? 1   DTT A C3  1 
HETATM 977 O O3  . DTT B 2 .   ? -7.548  -4.243  6.803   1.00 84.29  ? 1   DTT A O3  1 
HETATM 978 C C4  . DTT B 2 .   ? -7.079  -4.777  4.512   1.00 82.95  ? 1   DTT A C4  1 
HETATM 979 S S4  . DTT B 2 .   ? -7.805  -3.888  3.091   1.00 79.67  ? 1   DTT A S4  1 
HETATM 980 O O   . HOH C 3 .   ? 6.257   -5.862  11.255  1.00 69.64  ? 2   HOH A O   1 
HETATM 981 O O   . HOH C 3 .   ? 8.792   -1.284  7.717   1.00 70.59  ? 3   HOH A O   1 
HETATM 982 O O   . HOH C 3 .   ? 12.268  -5.461  7.268   1.00 57.82  ? 4   HOH A O   1 
HETATM 983 O O   . HOH C 3 .   ? 13.359  -9.942  8.738   1.00 66.93  ? 5   HOH A O   1 
HETATM 984 O O   . HOH C 3 .   ? 1.037   -3.528  15.740  1.00 69.99  ? 6   HOH A O   1 
HETATM 985 O O   . HOH C 3 .   ? 7.347   12.736  5.995   1.00 58.42  ? 7   HOH A O   1 
HETATM 986 O O   . HOH C 3 .   ? 10.240  -14.043 7.479   1.00 53.35  ? 8   HOH A O   1 
HETATM 987 O O   . HOH C 3 .   ? 2.221   -3.454  -8.203  1.00 72.68  ? 9   HOH A O   1 
HETATM 988 O O   . HOH C 3 .   ? 2.409   2.699   -8.641  1.00 64.58  ? 10  HOH A O   1 
HETATM 989 O O   . HOH C 3 .   ? 12.117  3.933   1.656   1.00 56.46  ? 11  HOH A O   1 
HETATM 990 O O   . HOH C 3 .   ? -0.243  -5.992  7.528   1.00 46.49  ? 222 HOH A O   1 
# 
